data_3PHN
# 
_entry.id   3PHN 
# 
_audit_conform.dict_name       mmcif_pdbx.dic 
_audit_conform.dict_version    5.397 
_audit_conform.dict_location   http://mmcif.pdb.org/dictionaries/ascii/mmcif_pdbx.dic 
# 
loop_
_database_2.database_id 
_database_2.database_code 
_database_2.pdbx_database_accession 
_database_2.pdbx_DOI 
PDB   3PHN         pdb_00003phn 10.2210/pdb3phn/pdb 
RCSB  RCSB062384   ?            ?                   
WWPDB D_1000062384 ?            ?                   
# 
loop_
_pdbx_audit_revision_history.ordinal 
_pdbx_audit_revision_history.data_content_type 
_pdbx_audit_revision_history.major_revision 
_pdbx_audit_revision_history.minor_revision 
_pdbx_audit_revision_history.revision_date 
1 'Structure model' 1 0 2010-11-17 
2 'Structure model' 1 1 2011-07-13 
3 'Structure model' 1 2 2018-04-04 
4 'Structure model' 2 0 2019-12-25 
5 'Structure model' 2 1 2023-09-06 
6 'Structure model' 2 2 2024-10-30 
# 
_pdbx_audit_revision_details.ordinal             1 
_pdbx_audit_revision_details.revision_ordinal    1 
_pdbx_audit_revision_details.data_content_type   'Structure model' 
_pdbx_audit_revision_details.provider            repository 
_pdbx_audit_revision_details.type                'Initial release' 
_pdbx_audit_revision_details.description         ? 
_pdbx_audit_revision_details.details             ? 
# 
loop_
_pdbx_audit_revision_group.ordinal 
_pdbx_audit_revision_group.revision_ordinal 
_pdbx_audit_revision_group.data_content_type 
_pdbx_audit_revision_group.group 
1 2 'Structure model' 'Version format compliance' 
2 3 'Structure model' 'Data collection'           
3 4 'Structure model' 'Derived calculations'      
4 4 'Structure model' 'Polymer sequence'          
5 5 'Structure model' 'Data collection'           
6 5 'Structure model' 'Database references'       
7 5 'Structure model' 'Derived calculations'      
8 5 'Structure model' 'Refinement description'    
9 6 'Structure model' 'Structure summary'         
# 
loop_
_pdbx_audit_revision_category.ordinal 
_pdbx_audit_revision_category.revision_ordinal 
_pdbx_audit_revision_category.data_content_type 
_pdbx_audit_revision_category.category 
1  3 'Structure model' diffrn_source                 
2  4 'Structure model' entity_poly                   
3  4 'Structure model' pdbx_struct_mod_residue       
4  4 'Structure model' struct_conn                   
5  5 'Structure model' chem_comp_atom                
6  5 'Structure model' chem_comp_bond                
7  5 'Structure model' database_2                    
8  5 'Structure model' pdbx_initial_refinement_model 
9  5 'Structure model' struct_site                   
10 6 'Structure model' pdbx_entry_details            
11 6 'Structure model' pdbx_modification_feature     
# 
loop_
_pdbx_audit_revision_item.ordinal 
_pdbx_audit_revision_item.revision_ordinal 
_pdbx_audit_revision_item.data_content_type 
_pdbx_audit_revision_item.item 
1  3 'Structure model' '_diffrn_source.source'                     
2  3 'Structure model' '_diffrn_source.type'                       
3  4 'Structure model' '_entity_poly.pdbx_seq_one_letter_code_can' 
4  4 'Structure model' '_pdbx_struct_mod_residue.parent_comp_id'   
5  4 'Structure model' '_struct_conn.pdbx_leaving_atom_flag'       
6  5 'Structure model' '_database_2.pdbx_DOI'                      
7  5 'Structure model' '_database_2.pdbx_database_accession'       
8  5 'Structure model' '_struct_site.pdbx_auth_asym_id'            
9  5 'Structure model' '_struct_site.pdbx_auth_comp_id'            
10 5 'Structure model' '_struct_site.pdbx_auth_seq_id'             
# 
_pdbx_database_status.status_code                     REL 
_pdbx_database_status.entry_id                        3PHN 
_pdbx_database_status.recvd_initial_deposition_date   2010-11-04 
_pdbx_database_status.deposit_site                    RCSB 
_pdbx_database_status.process_site                    RCSB 
_pdbx_database_status.status_code_sf                  REL 
_pdbx_database_status.status_code_mr                  ? 
_pdbx_database_status.SG_entry                        ? 
_pdbx_database_status.status_code_cs                  ? 
_pdbx_database_status.pdb_format_compatible           Y 
_pdbx_database_status.methods_development_category    ? 
_pdbx_database_status.status_code_nmr_data            ? 
# 
_pdbx_database_related.db_name        PDB 
_pdbx_database_related.db_id          1ONC 
_pdbx_database_related.details        'Starting model for molecular replacement' 
_pdbx_database_related.content_type   unspecified 
# 
loop_
_audit_author.name 
_audit_author.pdbx_ordinal 
'Kurpiewska, K.' 1 
'Torrent, G.'    2 
'Ribo, M.'       3 
'Vilanova, M.'   4 
'Loch, J.'       5 
'Lewinski, K.'   6 
# 
_citation.id                        primary 
_citation.title                     'Structure of Rana pipiens wild-type onconase at resolution 1.46 A' 
_citation.journal_abbrev            'To be Published' 
_citation.journal_volume            ? 
_citation.page_first                ? 
_citation.page_last                 ? 
_citation.year                      ? 
_citation.journal_id_ASTM           ? 
_citation.country                   ? 
_citation.journal_id_ISSN           ? 
_citation.journal_id_CSD            0353 
_citation.book_publisher            ? 
_citation.pdbx_database_id_PubMed   ? 
_citation.pdbx_database_id_DOI      ? 
# 
loop_
_citation_author.citation_id 
_citation_author.name 
_citation_author.ordinal 
_citation_author.identifier_ORCID 
primary 'Kurpiewska, K.' 1 ? 
primary 'Torrent, G.'    2 ? 
primary 'Ribo, M.'       3 ? 
primary 'Vilanova, M.'   4 ? 
primary 'Loch, J.'       5 ? 
primary 'Lewinski, K.'   6 ? 
# 
loop_
_entity.id 
_entity.type 
_entity.src_method 
_entity.pdbx_description 
_entity.formula_weight 
_entity.pdbx_number_of_molecules 
_entity.pdbx_ec 
_entity.pdbx_mutation 
_entity.pdbx_fragment 
_entity.details 
1 polymer     man 'Protein P-30' 11845.648 1   3.1.27.- ? ? ? 
2 non-polymer syn 'SULFATE ION'  96.063    3   ?        ? ? ? 
3 non-polymer syn 'ACETATE ION'  59.044    1   ?        ? ? ? 
4 water       nat water          18.015    188 ?        ? ? ? 
# 
_entity_name_com.entity_id   1 
_entity_name_com.name        Onconase 
# 
_entity_poly.entity_id                      1 
_entity_poly.type                           'polypeptide(L)' 
_entity_poly.nstd_linkage                   no 
_entity_poly.nstd_monomer                   yes 
_entity_poly.pdbx_seq_one_letter_code       
;(PCA)DWLTFQKKHITNTRDVDCDNIMSTNLFHCKDKNTFIYSRPEPVKAICKGIIASKNVLTTSEFYLSDCNVTSRPCK
YKLKKSTNKFCVTCENQAPVHFVGVGSC
;
_entity_poly.pdbx_seq_one_letter_code_can   
;QDWLTFQKKHITNTRDVDCDNIMSTNLFHCKDKNTFIYSRPEPVKAICKGIIASKNVLTTSEFYLSDCNVTSRPCKYKLK
KSTNKFCVTCENQAPVHFVGVGSC
;
_entity_poly.pdbx_strand_id                 A 
_entity_poly.pdbx_target_identifier         ? 
# 
loop_
_pdbx_entity_nonpoly.entity_id 
_pdbx_entity_nonpoly.name 
_pdbx_entity_nonpoly.comp_id 
2 'SULFATE ION' SO4 
3 'ACETATE ION' ACT 
4 water         HOH 
# 
loop_
_entity_poly_seq.entity_id 
_entity_poly_seq.num 
_entity_poly_seq.mon_id 
_entity_poly_seq.hetero 
1 1   PCA n 
1 2   ASP n 
1 3   TRP n 
1 4   LEU n 
1 5   THR n 
1 6   PHE n 
1 7   GLN n 
1 8   LYS n 
1 9   LYS n 
1 10  HIS n 
1 11  ILE n 
1 12  THR n 
1 13  ASN n 
1 14  THR n 
1 15  ARG n 
1 16  ASP n 
1 17  VAL n 
1 18  ASP n 
1 19  CYS n 
1 20  ASP n 
1 21  ASN n 
1 22  ILE n 
1 23  MET n 
1 24  SER n 
1 25  THR n 
1 26  ASN n 
1 27  LEU n 
1 28  PHE n 
1 29  HIS n 
1 30  CYS n 
1 31  LYS n 
1 32  ASP n 
1 33  LYS n 
1 34  ASN n 
1 35  THR n 
1 36  PHE n 
1 37  ILE n 
1 38  TYR n 
1 39  SER n 
1 40  ARG n 
1 41  PRO n 
1 42  GLU n 
1 43  PRO n 
1 44  VAL n 
1 45  LYS n 
1 46  ALA n 
1 47  ILE n 
1 48  CYS n 
1 49  LYS n 
1 50  GLY n 
1 51  ILE n 
1 52  ILE n 
1 53  ALA n 
1 54  SER n 
1 55  LYS n 
1 56  ASN n 
1 57  VAL n 
1 58  LEU n 
1 59  THR n 
1 60  THR n 
1 61  SER n 
1 62  GLU n 
1 63  PHE n 
1 64  TYR n 
1 65  LEU n 
1 66  SER n 
1 67  ASP n 
1 68  CYS n 
1 69  ASN n 
1 70  VAL n 
1 71  THR n 
1 72  SER n 
1 73  ARG n 
1 74  PRO n 
1 75  CYS n 
1 76  LYS n 
1 77  TYR n 
1 78  LYS n 
1 79  LEU n 
1 80  LYS n 
1 81  LYS n 
1 82  SER n 
1 83  THR n 
1 84  ASN n 
1 85  LYS n 
1 86  PHE n 
1 87  CYS n 
1 88  VAL n 
1 89  THR n 
1 90  CYS n 
1 91  GLU n 
1 92  ASN n 
1 93  GLN n 
1 94  ALA n 
1 95  PRO n 
1 96  VAL n 
1 97  HIS n 
1 98  PHE n 
1 99  VAL n 
1 100 GLY n 
1 101 VAL n 
1 102 GLY n 
1 103 SER n 
1 104 CYS n 
# 
_entity_src_gen.entity_id                          1 
_entity_src_gen.pdbx_src_id                        1 
_entity_src_gen.pdbx_alt_source_flag               sample 
_entity_src_gen.pdbx_seq_type                      ? 
_entity_src_gen.pdbx_beg_seq_num                   ? 
_entity_src_gen.pdbx_end_seq_num                   ? 
_entity_src_gen.gene_src_common_name               'Northern leopard frog' 
_entity_src_gen.gene_src_genus                     ? 
_entity_src_gen.pdbx_gene_src_gene                 ? 
_entity_src_gen.gene_src_species                   ? 
_entity_src_gen.gene_src_strain                    ? 
_entity_src_gen.gene_src_tissue                    ? 
_entity_src_gen.gene_src_tissue_fraction           ? 
_entity_src_gen.gene_src_details                   ? 
_entity_src_gen.pdbx_gene_src_fragment             ? 
_entity_src_gen.pdbx_gene_src_scientific_name      'Rana pipiens' 
_entity_src_gen.pdbx_gene_src_ncbi_taxonomy_id     8404 
_entity_src_gen.pdbx_gene_src_variant              ? 
_entity_src_gen.pdbx_gene_src_cell_line            ? 
_entity_src_gen.pdbx_gene_src_atcc                 ? 
_entity_src_gen.pdbx_gene_src_organ                ? 
_entity_src_gen.pdbx_gene_src_organelle            ? 
_entity_src_gen.pdbx_gene_src_cell                 ? 
_entity_src_gen.pdbx_gene_src_cellular_location    ? 
_entity_src_gen.host_org_common_name               ? 
_entity_src_gen.pdbx_host_org_scientific_name      'Escherichia coli' 
_entity_src_gen.pdbx_host_org_ncbi_taxonomy_id     469008 
_entity_src_gen.host_org_genus                     ? 
_entity_src_gen.pdbx_host_org_gene                 ? 
_entity_src_gen.pdbx_host_org_organ                ? 
_entity_src_gen.host_org_species                   ? 
_entity_src_gen.pdbx_host_org_tissue               ? 
_entity_src_gen.pdbx_host_org_tissue_fraction      ? 
_entity_src_gen.pdbx_host_org_strain               'BL21(DE3)' 
_entity_src_gen.pdbx_host_org_variant              ? 
_entity_src_gen.pdbx_host_org_cell_line            ? 
_entity_src_gen.pdbx_host_org_atcc                 ? 
_entity_src_gen.pdbx_host_org_culture_collection   ? 
_entity_src_gen.pdbx_host_org_cell                 ? 
_entity_src_gen.pdbx_host_org_organelle            ? 
_entity_src_gen.pdbx_host_org_cellular_location    ? 
_entity_src_gen.pdbx_host_org_vector_type          'pET22b(+)' 
_entity_src_gen.pdbx_host_org_vector               ? 
_entity_src_gen.host_org_details                   ? 
_entity_src_gen.expression_system_id               ? 
_entity_src_gen.plasmid_name                       pONC 
_entity_src_gen.plasmid_details                    ? 
_entity_src_gen.pdbx_description                   ? 
# 
loop_
_chem_comp.id 
_chem_comp.type 
_chem_comp.mon_nstd_flag 
_chem_comp.name 
_chem_comp.pdbx_synonyms 
_chem_comp.formula 
_chem_comp.formula_weight 
ACT non-polymer         . 'ACETATE ION'       ? 'C2 H3 O2 -1'    59.044  
ALA 'L-peptide linking' y ALANINE             ? 'C3 H7 N O2'     89.093  
ARG 'L-peptide linking' y ARGININE            ? 'C6 H15 N4 O2 1' 175.209 
ASN 'L-peptide linking' y ASPARAGINE          ? 'C4 H8 N2 O3'    132.118 
ASP 'L-peptide linking' y 'ASPARTIC ACID'     ? 'C4 H7 N O4'     133.103 
CYS 'L-peptide linking' y CYSTEINE            ? 'C3 H7 N O2 S'   121.158 
GLN 'L-peptide linking' y GLUTAMINE           ? 'C5 H10 N2 O3'   146.144 
GLU 'L-peptide linking' y 'GLUTAMIC ACID'     ? 'C5 H9 N O4'     147.129 
GLY 'peptide linking'   y GLYCINE             ? 'C2 H5 N O2'     75.067  
HIS 'L-peptide linking' y HISTIDINE           ? 'C6 H10 N3 O2 1' 156.162 
HOH non-polymer         . WATER               ? 'H2 O'           18.015  
ILE 'L-peptide linking' y ISOLEUCINE          ? 'C6 H13 N O2'    131.173 
LEU 'L-peptide linking' y LEUCINE             ? 'C6 H13 N O2'    131.173 
LYS 'L-peptide linking' y LYSINE              ? 'C6 H15 N2 O2 1' 147.195 
MET 'L-peptide linking' y METHIONINE          ? 'C5 H11 N O2 S'  149.211 
PCA 'L-peptide linking' n 'PYROGLUTAMIC ACID' ? 'C5 H7 N O3'     129.114 
PHE 'L-peptide linking' y PHENYLALANINE       ? 'C9 H11 N O2'    165.189 
PRO 'L-peptide linking' y PROLINE             ? 'C5 H9 N O2'     115.130 
SER 'L-peptide linking' y SERINE              ? 'C3 H7 N O3'     105.093 
SO4 non-polymer         . 'SULFATE ION'       ? 'O4 S -2'        96.063  
THR 'L-peptide linking' y THREONINE           ? 'C4 H9 N O3'     119.119 
TRP 'L-peptide linking' y TRYPTOPHAN          ? 'C11 H12 N2 O2'  204.225 
TYR 'L-peptide linking' y TYROSINE            ? 'C9 H11 N O3'    181.189 
VAL 'L-peptide linking' y VALINE              ? 'C5 H11 N O2'    117.146 
# 
loop_
_pdbx_poly_seq_scheme.asym_id 
_pdbx_poly_seq_scheme.entity_id 
_pdbx_poly_seq_scheme.seq_id 
_pdbx_poly_seq_scheme.mon_id 
_pdbx_poly_seq_scheme.ndb_seq_num 
_pdbx_poly_seq_scheme.pdb_seq_num 
_pdbx_poly_seq_scheme.auth_seq_num 
_pdbx_poly_seq_scheme.pdb_mon_id 
_pdbx_poly_seq_scheme.auth_mon_id 
_pdbx_poly_seq_scheme.pdb_strand_id 
_pdbx_poly_seq_scheme.pdb_ins_code 
_pdbx_poly_seq_scheme.hetero 
A 1 1   PCA 1   1   1   PCA PCA A . n 
A 1 2   ASP 2   2   2   ASP ASP A . n 
A 1 3   TRP 3   3   3   TRP TRP A . n 
A 1 4   LEU 4   4   4   LEU LEU A . n 
A 1 5   THR 5   5   5   THR THR A . n 
A 1 6   PHE 6   6   6   PHE PHE A . n 
A 1 7   GLN 7   7   7   GLN GLN A . n 
A 1 8   LYS 8   8   8   LYS LYS A . n 
A 1 9   LYS 9   9   9   LYS LYS A . n 
A 1 10  HIS 10  10  10  HIS HIS A . n 
A 1 11  ILE 11  11  11  ILE ILE A . n 
A 1 12  THR 12  12  12  THR THR A . n 
A 1 13  ASN 13  13  13  ASN ASN A . n 
A 1 14  THR 14  14  14  THR THR A . n 
A 1 15  ARG 15  15  15  ARG ARG A . n 
A 1 16  ASP 16  16  16  ASP ASP A . n 
A 1 17  VAL 17  17  17  VAL VAL A . n 
A 1 18  ASP 18  18  18  ASP ASP A . n 
A 1 19  CYS 19  19  19  CYS CYS A . n 
A 1 20  ASP 20  20  20  ASP ASP A . n 
A 1 21  ASN 21  21  21  ASN ASN A . n 
A 1 22  ILE 22  22  22  ILE ILE A . n 
A 1 23  MET 23  23  23  MET MET A . n 
A 1 24  SER 24  24  24  SER SER A . n 
A 1 25  THR 25  25  25  THR THR A . n 
A 1 26  ASN 26  26  26  ASN ASN A . n 
A 1 27  LEU 27  27  27  LEU LEU A . n 
A 1 28  PHE 28  28  28  PHE PHE A . n 
A 1 29  HIS 29  29  29  HIS HIS A . n 
A 1 30  CYS 30  30  30  CYS CYS A . n 
A 1 31  LYS 31  31  31  LYS LYS A . n 
A 1 32  ASP 32  32  32  ASP ASP A . n 
A 1 33  LYS 33  33  33  LYS LYS A . n 
A 1 34  ASN 34  34  34  ASN ASN A . n 
A 1 35  THR 35  35  35  THR THR A . n 
A 1 36  PHE 36  36  36  PHE PHE A . n 
A 1 37  ILE 37  37  37  ILE ILE A . n 
A 1 38  TYR 38  38  38  TYR TYR A . n 
A 1 39  SER 39  39  39  SER SER A . n 
A 1 40  ARG 40  40  40  ARG ARG A . n 
A 1 41  PRO 41  41  41  PRO PRO A . n 
A 1 42  GLU 42  42  42  GLU GLU A . n 
A 1 43  PRO 43  43  43  PRO PRO A . n 
A 1 44  VAL 44  44  44  VAL VAL A . n 
A 1 45  LYS 45  45  45  LYS LYS A . n 
A 1 46  ALA 46  46  46  ALA ALA A . n 
A 1 47  ILE 47  47  47  ILE ILE A . n 
A 1 48  CYS 48  48  48  CYS CYS A . n 
A 1 49  LYS 49  49  49  LYS LYS A . n 
A 1 50  GLY 50  50  50  GLY GLY A . n 
A 1 51  ILE 51  51  51  ILE ILE A . n 
A 1 52  ILE 52  52  52  ILE ILE A . n 
A 1 53  ALA 53  53  53  ALA ALA A . n 
A 1 54  SER 54  54  54  SER SER A . n 
A 1 55  LYS 55  55  55  LYS LYS A . n 
A 1 56  ASN 56  56  56  ASN ASN A . n 
A 1 57  VAL 57  57  57  VAL VAL A . n 
A 1 58  LEU 58  58  58  LEU LEU A . n 
A 1 59  THR 59  59  59  THR THR A . n 
A 1 60  THR 60  60  60  THR THR A . n 
A 1 61  SER 61  61  61  SER SER A . n 
A 1 62  GLU 62  62  62  GLU GLU A . n 
A 1 63  PHE 63  63  63  PHE PHE A . n 
A 1 64  TYR 64  64  64  TYR TYR A . n 
A 1 65  LEU 65  65  65  LEU LEU A . n 
A 1 66  SER 66  66  66  SER SER A . n 
A 1 67  ASP 67  67  67  ASP ASP A . n 
A 1 68  CYS 68  68  68  CYS CYS A . n 
A 1 69  ASN 69  69  69  ASN ASN A . n 
A 1 70  VAL 70  70  70  VAL VAL A . n 
A 1 71  THR 71  71  71  THR THR A . n 
A 1 72  SER 72  72  72  SER SER A . n 
A 1 73  ARG 73  73  73  ARG ARG A . n 
A 1 74  PRO 74  74  74  PRO PRO A . n 
A 1 75  CYS 75  75  75  CYS CYS A . n 
A 1 76  LYS 76  76  76  LYS LYS A . n 
A 1 77  TYR 77  77  77  TYR TYR A . n 
A 1 78  LYS 78  78  78  LYS LYS A . n 
A 1 79  LEU 79  79  79  LEU LEU A . n 
A 1 80  LYS 80  80  80  LYS LYS A . n 
A 1 81  LYS 81  81  81  LYS LYS A . n 
A 1 82  SER 82  82  82  SER SER A . n 
A 1 83  THR 83  83  83  THR THR A . n 
A 1 84  ASN 84  84  84  ASN ASN A . n 
A 1 85  LYS 85  85  85  LYS LYS A . n 
A 1 86  PHE 86  86  86  PHE PHE A . n 
A 1 87  CYS 87  87  87  CYS CYS A . n 
A 1 88  VAL 88  88  88  VAL VAL A . n 
A 1 89  THR 89  89  89  THR THR A . n 
A 1 90  CYS 90  90  90  CYS CYS A . n 
A 1 91  GLU 91  91  91  GLU GLU A . n 
A 1 92  ASN 92  92  92  ASN ASN A . n 
A 1 93  GLN 93  93  93  GLN GLN A . n 
A 1 94  ALA 94  94  94  ALA ALA A . n 
A 1 95  PRO 95  95  95  PRO PRO A . n 
A 1 96  VAL 96  96  96  VAL VAL A . n 
A 1 97  HIS 97  97  97  HIS HIS A . n 
A 1 98  PHE 98  98  98  PHE PHE A . n 
A 1 99  VAL 99  99  99  VAL VAL A . n 
A 1 100 GLY 100 100 100 GLY GLY A . n 
A 1 101 VAL 101 101 101 VAL VAL A . n 
A 1 102 GLY 102 102 102 GLY GLY A . n 
A 1 103 SER 103 103 103 SER SER A . n 
A 1 104 CYS 104 104 104 CYS CYS A . n 
# 
loop_
_pdbx_nonpoly_scheme.asym_id 
_pdbx_nonpoly_scheme.entity_id 
_pdbx_nonpoly_scheme.mon_id 
_pdbx_nonpoly_scheme.ndb_seq_num 
_pdbx_nonpoly_scheme.pdb_seq_num 
_pdbx_nonpoly_scheme.auth_seq_num 
_pdbx_nonpoly_scheme.pdb_mon_id 
_pdbx_nonpoly_scheme.auth_mon_id 
_pdbx_nonpoly_scheme.pdb_strand_id 
_pdbx_nonpoly_scheme.pdb_ins_code 
B 2 SO4 1   105 105 SO4 SO4 A . 
C 2 SO4 1   106 106 SO4 SO4 A . 
D 2 SO4 1   107 107 SO4 SO4 A . 
E 3 ACT 1   108 108 ACT ACT A . 
F 4 HOH 1   110 110 HOH HOH A . 
F 4 HOH 2   111 111 HOH HOH A . 
F 4 HOH 3   112 112 HOH HOH A . 
F 4 HOH 4   113 113 HOH HOH A . 
F 4 HOH 5   114 114 HOH HOH A . 
F 4 HOH 6   115 115 HOH HOH A . 
F 4 HOH 7   116 116 HOH HOH A . 
F 4 HOH 8   117 117 HOH HOH A . 
F 4 HOH 9   118 118 HOH HOH A . 
F 4 HOH 10  119 119 HOH HOH A . 
F 4 HOH 11  120 120 HOH HOH A . 
F 4 HOH 12  121 121 HOH HOH A . 
F 4 HOH 13  122 122 HOH HOH A . 
F 4 HOH 14  123 123 HOH HOH A . 
F 4 HOH 15  124 124 HOH HOH A . 
F 4 HOH 16  125 125 HOH HOH A . 
F 4 HOH 17  126 126 HOH HOH A . 
F 4 HOH 18  127 127 HOH HOH A . 
F 4 HOH 19  128 128 HOH HOH A . 
F 4 HOH 20  129 129 HOH HOH A . 
F 4 HOH 21  130 130 HOH HOH A . 
F 4 HOH 22  131 131 HOH HOH A . 
F 4 HOH 23  132 132 HOH HOH A . 
F 4 HOH 24  133 133 HOH HOH A . 
F 4 HOH 25  134 134 HOH HOH A . 
F 4 HOH 26  135 135 HOH HOH A . 
F 4 HOH 27  136 136 HOH HOH A . 
F 4 HOH 28  137 137 HOH HOH A . 
F 4 HOH 29  138 138 HOH HOH A . 
F 4 HOH 30  139 139 HOH HOH A . 
F 4 HOH 31  140 140 HOH HOH A . 
F 4 HOH 32  141 141 HOH HOH A . 
F 4 HOH 33  142 142 HOH HOH A . 
F 4 HOH 34  143 143 HOH HOH A . 
F 4 HOH 35  144 144 HOH HOH A . 
F 4 HOH 36  145 145 HOH HOH A . 
F 4 HOH 37  146 146 HOH HOH A . 
F 4 HOH 38  147 147 HOH HOH A . 
F 4 HOH 39  148 148 HOH HOH A . 
F 4 HOH 40  149 149 HOH HOH A . 
F 4 HOH 41  150 150 HOH HOH A . 
F 4 HOH 42  151 151 HOH HOH A . 
F 4 HOH 43  152 152 HOH HOH A . 
F 4 HOH 44  153 153 HOH HOH A . 
F 4 HOH 45  154 154 HOH HOH A . 
F 4 HOH 46  155 155 HOH HOH A . 
F 4 HOH 47  156 156 HOH HOH A . 
F 4 HOH 48  157 157 HOH HOH A . 
F 4 HOH 49  158 158 HOH HOH A . 
F 4 HOH 50  159 159 HOH HOH A . 
F 4 HOH 51  160 160 HOH HOH A . 
F 4 HOH 52  161 161 HOH HOH A . 
F 4 HOH 53  162 162 HOH HOH A . 
F 4 HOH 54  163 163 HOH HOH A . 
F 4 HOH 55  164 164 HOH HOH A . 
F 4 HOH 56  165 165 HOH HOH A . 
F 4 HOH 57  166 166 HOH HOH A . 
F 4 HOH 58  167 167 HOH HOH A . 
F 4 HOH 59  168 168 HOH HOH A . 
F 4 HOH 60  169 169 HOH HOH A . 
F 4 HOH 61  170 170 HOH HOH A . 
F 4 HOH 62  171 171 HOH HOH A . 
F 4 HOH 63  172 172 HOH HOH A . 
F 4 HOH 64  173 173 HOH HOH A . 
F 4 HOH 65  174 174 HOH HOH A . 
F 4 HOH 66  175 175 HOH HOH A . 
F 4 HOH 67  176 176 HOH HOH A . 
F 4 HOH 68  177 177 HOH HOH A . 
F 4 HOH 69  178 178 HOH HOH A . 
F 4 HOH 70  179 179 HOH HOH A . 
F 4 HOH 71  180 180 HOH HOH A . 
F 4 HOH 72  181 181 HOH HOH A . 
F 4 HOH 73  182 182 HOH HOH A . 
F 4 HOH 74  183 183 HOH HOH A . 
F 4 HOH 75  184 184 HOH HOH A . 
F 4 HOH 76  185 185 HOH HOH A . 
F 4 HOH 77  186 186 HOH HOH A . 
F 4 HOH 78  187 187 HOH HOH A . 
F 4 HOH 79  188 188 HOH HOH A . 
F 4 HOH 80  189 189 HOH HOH A . 
F 4 HOH 81  190 190 HOH HOH A . 
F 4 HOH 82  191 191 HOH HOH A . 
F 4 HOH 83  192 192 HOH HOH A . 
F 4 HOH 84  193 193 HOH HOH A . 
F 4 HOH 85  194 194 HOH HOH A . 
F 4 HOH 86  195 195 HOH HOH A . 
F 4 HOH 87  196 196 HOH HOH A . 
F 4 HOH 88  197 197 HOH HOH A . 
F 4 HOH 89  198 198 HOH HOH A . 
F 4 HOH 90  199 199 HOH HOH A . 
F 4 HOH 91  200 200 HOH HOH A . 
F 4 HOH 92  201 201 HOH HOH A . 
F 4 HOH 93  202 202 HOH HOH A . 
F 4 HOH 94  203 203 HOH HOH A . 
F 4 HOH 95  204 204 HOH HOH A . 
F 4 HOH 96  205 205 HOH HOH A . 
F 4 HOH 97  206 206 HOH HOH A . 
F 4 HOH 98  207 207 HOH HOH A . 
F 4 HOH 99  208 208 HOH HOH A . 
F 4 HOH 100 209 209 HOH HOH A . 
F 4 HOH 101 210 210 HOH HOH A . 
F 4 HOH 102 211 211 HOH HOH A . 
F 4 HOH 103 212 212 HOH HOH A . 
F 4 HOH 104 213 213 HOH HOH A . 
F 4 HOH 105 214 214 HOH HOH A . 
F 4 HOH 106 215 215 HOH HOH A . 
F 4 HOH 107 216 216 HOH HOH A . 
F 4 HOH 108 217 217 HOH HOH A . 
F 4 HOH 109 218 218 HOH HOH A . 
F 4 HOH 110 219 219 HOH HOH A . 
F 4 HOH 111 220 220 HOH HOH A . 
F 4 HOH 112 221 221 HOH HOH A . 
F 4 HOH 113 222 222 HOH HOH A . 
F 4 HOH 114 223 223 HOH HOH A . 
F 4 HOH 115 224 224 HOH HOH A . 
F 4 HOH 116 225 225 HOH HOH A . 
F 4 HOH 117 226 226 HOH HOH A . 
F 4 HOH 118 227 227 HOH HOH A . 
F 4 HOH 119 228 228 HOH HOH A . 
F 4 HOH 120 229 229 HOH HOH A . 
F 4 HOH 121 230 230 HOH HOH A . 
F 4 HOH 122 231 231 HOH HOH A . 
F 4 HOH 123 232 232 HOH HOH A . 
F 4 HOH 124 233 233 HOH HOH A . 
F 4 HOH 125 234 234 HOH HOH A . 
F 4 HOH 126 235 235 HOH HOH A . 
F 4 HOH 127 236 236 HOH HOH A . 
F 4 HOH 128 237 237 HOH HOH A . 
F 4 HOH 129 238 238 HOH HOH A . 
F 4 HOH 130 239 239 HOH HOH A . 
F 4 HOH 131 240 240 HOH HOH A . 
F 4 HOH 132 241 241 HOH HOH A . 
F 4 HOH 133 242 242 HOH HOH A . 
F 4 HOH 134 243 243 HOH HOH A . 
F 4 HOH 135 244 244 HOH HOH A . 
F 4 HOH 136 245 245 HOH HOH A . 
F 4 HOH 137 246 246 HOH HOH A . 
F 4 HOH 138 247 247 HOH HOH A . 
F 4 HOH 139 248 248 HOH HOH A . 
F 4 HOH 140 249 249 HOH HOH A . 
F 4 HOH 141 250 250 HOH HOH A . 
F 4 HOH 142 251 251 HOH HOH A . 
F 4 HOH 143 252 252 HOH HOH A . 
F 4 HOH 144 253 253 HOH HOH A . 
F 4 HOH 145 254 254 HOH HOH A . 
F 4 HOH 146 255 255 HOH HOH A . 
F 4 HOH 147 256 256 HOH HOH A . 
F 4 HOH 148 257 257 HOH HOH A . 
F 4 HOH 149 258 258 HOH HOH A . 
F 4 HOH 150 277 277 HOH HOH A . 
F 4 HOH 151 278 278 HOH HOH A . 
F 4 HOH 152 279 279 HOH HOH A . 
F 4 HOH 153 281 281 HOH HOH A . 
F 4 HOH 154 283 283 HOH HOH A . 
F 4 HOH 155 284 284 HOH HOH A . 
F 4 HOH 156 285 285 HOH HOH A . 
F 4 HOH 157 286 286 HOH HOH A . 
F 4 HOH 158 287 287 HOH HOH A . 
F 4 HOH 159 288 288 HOH HOH A . 
F 4 HOH 160 289 289 HOH HOH A . 
F 4 HOH 161 291 291 HOH HOH A . 
F 4 HOH 162 293 293 HOH HOH A . 
F 4 HOH 163 299 299 HOH HOH A . 
F 4 HOH 164 300 300 HOH HOH A . 
F 4 HOH 165 301 301 HOH HOH A . 
F 4 HOH 166 302 302 HOH HOH A . 
F 4 HOH 167 303 303 HOH HOH A . 
F 4 HOH 168 304 304 HOH HOH A . 
F 4 HOH 169 305 305 HOH HOH A . 
F 4 HOH 170 306 306 HOH HOH A . 
F 4 HOH 171 308 308 HOH HOH A . 
F 4 HOH 172 309 309 HOH HOH A . 
F 4 HOH 173 314 314 HOH HOH A . 
F 4 HOH 174 315 315 HOH HOH A . 
F 4 HOH 175 316 316 HOH HOH A . 
F 4 HOH 176 317 317 HOH HOH A . 
F 4 HOH 177 318 318 HOH HOH A . 
F 4 HOH 178 319 319 HOH HOH A . 
F 4 HOH 179 321 321 HOH HOH A . 
F 4 HOH 180 322 322 HOH HOH A . 
F 4 HOH 181 323 323 HOH HOH A . 
F 4 HOH 182 324 324 HOH HOH A . 
F 4 HOH 183 326 326 HOH HOH A . 
F 4 HOH 184 327 327 HOH HOH A . 
F 4 HOH 185 328 328 HOH HOH A . 
F 4 HOH 186 329 329 HOH HOH A . 
F 4 HOH 187 330 330 HOH HOH A . 
F 4 HOH 188 334 334 HOH HOH A . 
# 
loop_
_software.name 
_software.classification 
_software.version 
_software.citation_id 
_software.pdbx_ordinal 
_software.date 
_software.type 
_software.location 
_software.language 
CrysalisPro 'data collection' .        ? 1 ? ? ? ? 
PHASER      phasing           .        ? 2 ? ? ? ? 
REFMAC      refinement        5.2.0005 ? 3 ? ? ? ? 
CrysalisPro 'data reduction'  .        ? 4 ? ? ? ? 
SCALA       'data scaling'    .        ? 5 ? ? ? ? 
# 
_cell.entry_id           3PHN 
_cell.length_a           32.230 
_cell.length_b           38.679 
_cell.length_c           69.588 
_cell.angle_alpha        90.00 
_cell.angle_beta         90.00 
_cell.angle_gamma        90.00 
_cell.Z_PDB              4 
_cell.pdbx_unique_axis   ? 
# 
_symmetry.entry_id                         3PHN 
_symmetry.space_group_name_H-M             'P 21 21 21' 
_symmetry.pdbx_full_space_group_name_H-M   ? 
_symmetry.cell_setting                     ? 
_symmetry.Int_Tables_number                19 
# 
_exptl.entry_id          3PHN 
_exptl.method            'X-RAY DIFFRACTION' 
_exptl.crystals_number   1 
# 
_exptl_crystal.id                    1 
_exptl_crystal.density_meas          ? 
_exptl_crystal.density_Matthews      1.83 
_exptl_crystal.density_percent_sol   32.82 
_exptl_crystal.description           ? 
_exptl_crystal.F_000                 ? 
_exptl_crystal.preparation           ? 
# 
_exptl_crystal_grow.crystal_id      1 
_exptl_crystal_grow.method          'VAPOR DIFFUSION, HANGING DROP' 
_exptl_crystal_grow.temp            293 
_exptl_crystal_grow.temp_details    ? 
_exptl_crystal_grow.pH              4.5 
_exptl_crystal_grow.pdbx_details    
'34 % PEG 8000, 0.2 Li2(SO4), 100 mM sodium acetate, pH 4.5, VAPOR DIFFUSION, HANGING DROP, temperature 293K' 
_exptl_crystal_grow.pdbx_pH_range   ? 
# 
_diffrn.id                     1 
_diffrn.ambient_temp           110 
_diffrn.ambient_temp_details   ? 
_diffrn.crystal_id             1 
# 
_diffrn_detector.diffrn_id              1 
_diffrn_detector.detector               CCD 
_diffrn_detector.type                   'OXFORD ATLAS CCD' 
_diffrn_detector.pdbx_collection_date   2009-12-16 
_diffrn_detector.details                ? 
# 
_diffrn_radiation.diffrn_id                        1 
_diffrn_radiation.wavelength_id                    1 
_diffrn_radiation.pdbx_monochromatic_or_laue_m_l   M 
_diffrn_radiation.monochromator                    ? 
_diffrn_radiation.pdbx_diffrn_protocol             'SINGLE WAVELENGTH' 
_diffrn_radiation.pdbx_scattering_type             x-ray 
# 
_diffrn_radiation_wavelength.id           1 
_diffrn_radiation_wavelength.wavelength   1.5418 
_diffrn_radiation_wavelength.wt           1.0 
# 
_diffrn_source.diffrn_id                   1 
_diffrn_source.source                      'SEALED TUBE' 
_diffrn_source.type                        'BRUKER IMUS MICROFOCUS' 
_diffrn_source.pdbx_synchrotron_site       ? 
_diffrn_source.pdbx_synchrotron_beamline   ? 
_diffrn_source.pdbx_wavelength             ? 
_diffrn_source.pdbx_wavelength_list        1.5418 
# 
_reflns.entry_id                     3PHN 
_reflns.observed_criterion_sigma_I   ? 
_reflns.observed_criterion_sigma_F   ? 
_reflns.d_resolution_low             14.23 
_reflns.d_resolution_high            1.46 
_reflns.number_obs                   15415 
_reflns.number_all                   41023 
_reflns.percent_possible_obs         97.9 
_reflns.pdbx_Rmerge_I_obs            0.072 
_reflns.pdbx_Rsym_value              ? 
_reflns.pdbx_netI_over_sigmaI        10.8 
_reflns.B_iso_Wilson_estimate        6.5 
_reflns.pdbx_redundancy              2.7 
_reflns.R_free_details               ? 
_reflns.limit_h_max                  ? 
_reflns.limit_h_min                  ? 
_reflns.limit_k_max                  ? 
_reflns.limit_k_min                  ? 
_reflns.limit_l_max                  ? 
_reflns.limit_l_min                  ? 
_reflns.observed_criterion_F_max     ? 
_reflns.observed_criterion_F_min     ? 
_reflns.pdbx_chi_squared             ? 
_reflns.pdbx_scaling_rejects         ? 
_reflns.pdbx_diffrn_id               1 
_reflns.pdbx_ordinal                 1 
# 
loop_
_reflns_shell.d_res_high 
_reflns_shell.d_res_low 
_reflns_shell.percent_possible_all 
_reflns_shell.Rmerge_I_obs 
_reflns_shell.pdbx_Rsym_value 
_reflns_shell.meanI_over_sigI_obs 
_reflns_shell.pdbx_redundancy 
_reflns_shell.percent_possible_obs 
_reflns_shell.number_unique_all 
_reflns_shell.number_measured_all 
_reflns_shell.number_measured_obs 
_reflns_shell.number_unique_obs 
_reflns_shell.pdbx_chi_squared 
_reflns_shell.pdbx_diffrn_id 
_reflns_shell.pdbx_ordinal 
1.46 1.54  86.7 0.342 ? 2.9  1.8 ? 1943 ? ? ? ? ? 1 
4.62 14.23 97.9 0.03  ? 25.1 2.8 ? 546  ? ? ? ? ? 2 
# 
_refine.entry_id                                 3PHN 
_refine.ls_number_reflns_obs                     14591 
_refine.ls_number_reflns_all                     14591 
_refine.pdbx_ls_sigma_I                          ? 
_refine.pdbx_ls_sigma_F                          ? 
_refine.pdbx_data_cutoff_high_absF               ? 
_refine.pdbx_data_cutoff_low_absF                ? 
_refine.pdbx_data_cutoff_high_rms_absF           ? 
_refine.ls_d_res_low                             14.23 
_refine.ls_d_res_high                            1.46 
_refine.ls_percent_reflns_obs                    98.00 
_refine.ls_R_factor_obs                          0.15206 
_refine.ls_R_factor_all                          ? 
_refine.ls_R_factor_R_work                       0.14963 
_refine.ls_R_factor_R_free                       0.19876 
_refine.ls_R_factor_R_free_error                 ? 
_refine.ls_R_factor_R_free_error_details         ? 
_refine.ls_percent_reflns_R_free                 5.1 
_refine.ls_number_reflns_R_free                  783 
_refine.ls_number_parameters                     ? 
_refine.ls_number_restraints                     ? 
_refine.occupancy_min                            ? 
_refine.occupancy_max                            ? 
_refine.correlation_coeff_Fo_to_Fc               0.964 
_refine.correlation_coeff_Fo_to_Fc_free          0.932 
_refine.B_iso_mean                               7.900 
_refine.aniso_B[1][1]                            0.00 
_refine.aniso_B[2][2]                            0.00 
_refine.aniso_B[3][3]                            0.00 
_refine.aniso_B[1][2]                            0.00 
_refine.aniso_B[1][3]                            0.00 
_refine.aniso_B[2][3]                            0.00 
_refine.solvent_model_details                    MASK 
_refine.solvent_model_param_ksol                 ? 
_refine.solvent_model_param_bsol                 ? 
_refine.pdbx_solvent_vdw_probe_radii             1.20 
_refine.pdbx_solvent_ion_probe_radii             0.80 
_refine.pdbx_solvent_shrinkage_radii             0.80 
_refine.pdbx_ls_cross_valid_method               THROUGHOUT 
_refine.details                                  ? 
_refine.pdbx_starting_model                      'PDB ENTRY 1ONC' 
_refine.pdbx_method_to_determine_struct          'MOLECULAR REPLACEMENT' 
_refine.pdbx_isotropic_thermal_model             ? 
_refine.pdbx_stereochemistry_target_values       'MAXIMUM LIKELIHOOD' 
_refine.pdbx_stereochem_target_val_spec_case     ? 
_refine.pdbx_R_Free_selection_details            RANDOM 
_refine.pdbx_overall_ESU_R_Free                  0.083 
_refine.overall_SU_ML                            0.050 
_refine.overall_SU_B                             1.293 
_refine.overall_SU_R_Cruickshank_DPI             ? 
_refine.ls_redundancy_reflns_obs                 ? 
_refine.B_iso_min                                ? 
_refine.B_iso_max                                ? 
_refine.overall_SU_R_free                        ? 
_refine.ls_wR_factor_R_free                      ? 
_refine.ls_wR_factor_R_work                      ? 
_refine.overall_FOM_free_R_set                   ? 
_refine.overall_FOM_work_R_set                   ? 
_refine.pdbx_overall_phase_error                 ? 
_refine.pdbx_refine_id                           'X-RAY DIFFRACTION' 
_refine.pdbx_overall_ESU_R                       ? 
_refine.pdbx_diffrn_id                           1 
_refine.pdbx_TLS_residual_ADP_flag               ? 
_refine.pdbx_overall_SU_R_free_Cruickshank_DPI   ? 
_refine.pdbx_overall_SU_R_Blow_DPI               ? 
_refine.pdbx_overall_SU_R_free_Blow_DPI          ? 
# 
_refine_hist.pdbx_refine_id                   'X-RAY DIFFRACTION' 
_refine_hist.cycle_id                         LAST 
_refine_hist.pdbx_number_atoms_protein        826 
_refine_hist.pdbx_number_atoms_nucleic_acid   0 
_refine_hist.pdbx_number_atoms_ligand         19 
_refine_hist.number_atoms_solvent             188 
_refine_hist.number_atoms_total               1033 
_refine_hist.d_res_high                       1.46 
_refine_hist.d_res_low                        14.23 
# 
loop_
_refine_ls_restr.type 
_refine_ls_restr.dev_ideal 
_refine_ls_restr.dev_ideal_target 
_refine_ls_restr.weight 
_refine_ls_restr.number 
_refine_ls_restr.pdbx_refine_id 
_refine_ls_restr.pdbx_restraint_function 
r_bond_refined_d             0.020  0.022  ? 977  'X-RAY DIFFRACTION' ? 
r_bond_other_d               ?      ?      ? ?    'X-RAY DIFFRACTION' ? 
r_angle_refined_deg          1.818  1.986  ? 1342 'X-RAY DIFFRACTION' ? 
r_angle_other_deg            ?      ?      ? ?    'X-RAY DIFFRACTION' ? 
r_dihedral_angle_1_deg       7.138  5.000  ? 133  'X-RAY DIFFRACTION' ? 
r_dihedral_angle_2_deg       33.800 24.324 ? 37   'X-RAY DIFFRACTION' ? 
r_dihedral_angle_3_deg       15.366 15.000 ? 196  'X-RAY DIFFRACTION' ? 
r_dihedral_angle_4_deg       25.089 15.000 ? 4    'X-RAY DIFFRACTION' ? 
r_chiral_restr               0.134  0.200  ? 149  'X-RAY DIFFRACTION' ? 
r_gen_planes_refined         0.009  0.020  ? 722  'X-RAY DIFFRACTION' ? 
r_gen_planes_other           ?      ?      ? ?    'X-RAY DIFFRACTION' ? 
r_nbd_refined                0.240  0.200  ? 492  'X-RAY DIFFRACTION' ? 
r_nbd_other                  ?      ?      ? ?    'X-RAY DIFFRACTION' ? 
r_nbtor_refined              0.316  0.200  ? 679  'X-RAY DIFFRACTION' ? 
r_nbtor_other                ?      ?      ? ?    'X-RAY DIFFRACTION' ? 
r_xyhbond_nbd_refined        0.262  0.200  ? 140  'X-RAY DIFFRACTION' ? 
r_xyhbond_nbd_other          ?      ?      ? ?    'X-RAY DIFFRACTION' ? 
r_metal_ion_refined          ?      ?      ? ?    'X-RAY DIFFRACTION' ? 
r_metal_ion_other            ?      ?      ? ?    'X-RAY DIFFRACTION' ? 
r_symmetry_vdw_refined       0.245  0.200  ? 63   'X-RAY DIFFRACTION' ? 
r_symmetry_vdw_other         ?      ?      ? ?    'X-RAY DIFFRACTION' ? 
r_symmetry_hbond_refined     0.195  0.200  ? 52   'X-RAY DIFFRACTION' ? 
r_symmetry_hbond_other       ?      ?      ? ?    'X-RAY DIFFRACTION' ? 
r_symmetry_metal_ion_refined ?      ?      ? ?    'X-RAY DIFFRACTION' ? 
r_symmetry_metal_ion_other   ?      ?      ? ?    'X-RAY DIFFRACTION' ? 
r_mcbond_it                  1.050  1.500  ? 600  'X-RAY DIFFRACTION' ? 
r_mcbond_other               ?      ?      ? ?    'X-RAY DIFFRACTION' ? 
r_mcangle_it                 1.464  2.000  ? 981  'X-RAY DIFFRACTION' ? 
r_scbond_it                  2.512  3.000  ? 414  'X-RAY DIFFRACTION' ? 
r_scangle_it                 3.490  4.500  ? 349  'X-RAY DIFFRACTION' ? 
r_rigid_bond_restr           ?      ?      ? ?    'X-RAY DIFFRACTION' ? 
r_sphericity_free            ?      ?      ? ?    'X-RAY DIFFRACTION' ? 
r_sphericity_bonded          ?      ?      ? ?    'X-RAY DIFFRACTION' ? 
# 
_refine_ls_shell.pdbx_total_number_of_bins_used   20 
_refine_ls_shell.d_res_high                       1.460 
_refine_ls_shell.d_res_low                        1.498 
_refine_ls_shell.number_reflns_R_work             766 
_refine_ls_shell.R_factor_R_work                  0.216 
_refine_ls_shell.percent_reflns_obs               72.30 
_refine_ls_shell.R_factor_R_free                  0.280 
_refine_ls_shell.R_factor_R_free_error            ? 
_refine_ls_shell.percent_reflns_R_free            ? 
_refine_ls_shell.number_reflns_R_free             43 
_refine_ls_shell.number_reflns_all                ? 
_refine_ls_shell.R_factor_all                     ? 
_refine_ls_shell.number_reflns_obs                ? 
_refine_ls_shell.redundancy_reflns_obs            ? 
_refine_ls_shell.pdbx_refine_id                   'X-RAY DIFFRACTION' 
# 
_struct.entry_id                  3PHN 
_struct.title                     'Crystal structure of wild-type onconase with resolution 1.46 A' 
_struct.pdbx_model_details        ? 
_struct.pdbx_CASP_flag            ? 
_struct.pdbx_model_type_details   ? 
# 
_struct_keywords.entry_id        3PHN 
_struct_keywords.pdbx_keywords   'HYDROLASE, ANTITUMOR PROTEIN' 
_struct_keywords.text            
'Onconase, Protein P-30, Ranpirnase, Endonuclease, Nuclease, Hydrolase, Alpha and beta protein, ANTITUMOR PROTEIN' 
# 
loop_
_struct_asym.id 
_struct_asym.pdbx_blank_PDB_chainid_flag 
_struct_asym.pdbx_modified 
_struct_asym.entity_id 
_struct_asym.details 
A N N 1 ? 
B N N 2 ? 
C N N 2 ? 
D N N 2 ? 
E N N 3 ? 
F N N 4 ? 
# 
_struct_ref.id                         1 
_struct_ref.db_name                    UNP 
_struct_ref.db_code                    RNP30_RANPI 
_struct_ref.pdbx_db_accession          P22069 
_struct_ref.entity_id                  1 
_struct_ref.pdbx_seq_one_letter_code   
;QDWLTFQKKHITNTRDVDCDNIMSTNLFHCKDKNTFIYSRPEPVKAICKGIIASKNVLTTSEFYLSDCNVTSRPCKYKLK
KSTNKFCVTCENQAPVHFVGVGSC
;
_struct_ref.pdbx_align_begin           1 
_struct_ref.pdbx_db_isoform            ? 
# 
_struct_ref_seq.align_id                      1 
_struct_ref_seq.ref_id                        1 
_struct_ref_seq.pdbx_PDB_id_code              3PHN 
_struct_ref_seq.pdbx_strand_id                A 
_struct_ref_seq.seq_align_beg                 1 
_struct_ref_seq.pdbx_seq_align_beg_ins_code   ? 
_struct_ref_seq.seq_align_end                 104 
_struct_ref_seq.pdbx_seq_align_end_ins_code   ? 
_struct_ref_seq.pdbx_db_accession             P22069 
_struct_ref_seq.db_align_beg                  1 
_struct_ref_seq.pdbx_db_align_beg_ins_code    ? 
_struct_ref_seq.db_align_end                  104 
_struct_ref_seq.pdbx_db_align_end_ins_code    ? 
_struct_ref_seq.pdbx_auth_seq_align_beg       1 
_struct_ref_seq.pdbx_auth_seq_align_end       104 
# 
_pdbx_struct_assembly.id                   1 
_pdbx_struct_assembly.details              author_and_software_defined_assembly 
_pdbx_struct_assembly.method_details       PISA 
_pdbx_struct_assembly.oligomeric_details   monomeric 
_pdbx_struct_assembly.oligomeric_count     1 
# 
_pdbx_struct_assembly_gen.assembly_id       1 
_pdbx_struct_assembly_gen.oper_expression   1 
_pdbx_struct_assembly_gen.asym_id_list      A,B,C,D,E,F 
# 
_pdbx_struct_oper_list.id                   1 
_pdbx_struct_oper_list.type                 'identity operation' 
_pdbx_struct_oper_list.name                 1_555 
_pdbx_struct_oper_list.symmetry_operation   x,y,z 
_pdbx_struct_oper_list.matrix[1][1]         1.0000000000 
_pdbx_struct_oper_list.matrix[1][2]         0.0000000000 
_pdbx_struct_oper_list.matrix[1][3]         0.0000000000 
_pdbx_struct_oper_list.vector[1]            0.0000000000 
_pdbx_struct_oper_list.matrix[2][1]         0.0000000000 
_pdbx_struct_oper_list.matrix[2][2]         1.0000000000 
_pdbx_struct_oper_list.matrix[2][3]         0.0000000000 
_pdbx_struct_oper_list.vector[2]            0.0000000000 
_pdbx_struct_oper_list.matrix[3][1]         0.0000000000 
_pdbx_struct_oper_list.matrix[3][2]         0.0000000000 
_pdbx_struct_oper_list.matrix[3][3]         1.0000000000 
_pdbx_struct_oper_list.vector[3]            0.0000000000 
# 
loop_
_struct_conf.conf_type_id 
_struct_conf.id 
_struct_conf.pdbx_PDB_helix_id 
_struct_conf.beg_label_comp_id 
_struct_conf.beg_label_asym_id 
_struct_conf.beg_label_seq_id 
_struct_conf.pdbx_beg_PDB_ins_code 
_struct_conf.end_label_comp_id 
_struct_conf.end_label_asym_id 
_struct_conf.end_label_seq_id 
_struct_conf.pdbx_end_PDB_ins_code 
_struct_conf.beg_auth_comp_id 
_struct_conf.beg_auth_asym_id 
_struct_conf.beg_auth_seq_id 
_struct_conf.end_auth_comp_id 
_struct_conf.end_auth_asym_id 
_struct_conf.end_auth_seq_id 
_struct_conf.pdbx_PDB_helix_class 
_struct_conf.details 
_struct_conf.pdbx_PDB_helix_length 
HELX_P HELX_P1 1 ASP A 2  ? HIS A 10 ? ASP A 2  HIS A 10 1 ? 9 
HELX_P HELX_P2 2 ASP A 18 ? MET A 23 ? ASP A 18 MET A 23 1 ? 6 
HELX_P HELX_P3 3 ARG A 40 ? ALA A 46 ? ARG A 40 ALA A 46 1 ? 7 
HELX_P HELX_P4 4 ILE A 47 ? LYS A 49 ? ILE A 47 LYS A 49 5 ? 3 
# 
_struct_conf_type.id          HELX_P 
_struct_conf_type.criteria    ? 
_struct_conf_type.reference   ? 
# 
loop_
_struct_conn.id 
_struct_conn.conn_type_id 
_struct_conn.pdbx_leaving_atom_flag 
_struct_conn.pdbx_PDB_id 
_struct_conn.ptnr1_label_asym_id 
_struct_conn.ptnr1_label_comp_id 
_struct_conn.ptnr1_label_seq_id 
_struct_conn.ptnr1_label_atom_id 
_struct_conn.pdbx_ptnr1_label_alt_id 
_struct_conn.pdbx_ptnr1_PDB_ins_code 
_struct_conn.pdbx_ptnr1_standard_comp_id 
_struct_conn.ptnr1_symmetry 
_struct_conn.ptnr2_label_asym_id 
_struct_conn.ptnr2_label_comp_id 
_struct_conn.ptnr2_label_seq_id 
_struct_conn.ptnr2_label_atom_id 
_struct_conn.pdbx_ptnr2_label_alt_id 
_struct_conn.pdbx_ptnr2_PDB_ins_code 
_struct_conn.ptnr1_auth_asym_id 
_struct_conn.ptnr1_auth_comp_id 
_struct_conn.ptnr1_auth_seq_id 
_struct_conn.ptnr2_auth_asym_id 
_struct_conn.ptnr2_auth_comp_id 
_struct_conn.ptnr2_auth_seq_id 
_struct_conn.ptnr2_symmetry 
_struct_conn.pdbx_ptnr3_label_atom_id 
_struct_conn.pdbx_ptnr3_label_seq_id 
_struct_conn.pdbx_ptnr3_label_comp_id 
_struct_conn.pdbx_ptnr3_label_asym_id 
_struct_conn.pdbx_ptnr3_label_alt_id 
_struct_conn.pdbx_ptnr3_PDB_ins_code 
_struct_conn.details 
_struct_conn.pdbx_dist_value 
_struct_conn.pdbx_value_order 
_struct_conn.pdbx_role 
disulf1 disulf ?    ? A CYS 19 SG ? ? ? 1_555 A CYS 68  SG ? ? A CYS 19 A CYS 68  1_555 ? ? ? ? ? ? ? 2.067 ? ? 
disulf2 disulf ?    ? A CYS 30 SG ? ? ? 1_555 A CYS 75  SG ? ? A CYS 30 A CYS 75  1_555 ? ? ? ? ? ? ? 2.057 ? ? 
disulf3 disulf ?    ? A CYS 48 SG ? ? ? 1_555 A CYS 90  SG ? ? A CYS 48 A CYS 90  1_555 ? ? ? ? ? ? ? 2.010 ? ? 
disulf4 disulf ?    ? A CYS 87 SG ? ? ? 1_555 A CYS 104 SG ? ? A CYS 87 A CYS 104 1_555 ? ? ? ? ? ? ? 2.030 ? ? 
covale1 covale both ? A PCA 1  C  ? ? ? 1_555 A ASP 2   N  ? ? A PCA 1  A ASP 2   1_555 ? ? ? ? ? ? ? 1.330 ? ? 
# 
loop_
_struct_conn_type.id 
_struct_conn_type.criteria 
_struct_conn_type.reference 
disulf ? ? 
covale ? ? 
# 
loop_
_pdbx_modification_feature.ordinal 
_pdbx_modification_feature.label_comp_id 
_pdbx_modification_feature.label_asym_id 
_pdbx_modification_feature.label_seq_id 
_pdbx_modification_feature.label_alt_id 
_pdbx_modification_feature.modified_residue_label_comp_id 
_pdbx_modification_feature.modified_residue_label_asym_id 
_pdbx_modification_feature.modified_residue_label_seq_id 
_pdbx_modification_feature.modified_residue_label_alt_id 
_pdbx_modification_feature.auth_comp_id 
_pdbx_modification_feature.auth_asym_id 
_pdbx_modification_feature.auth_seq_id 
_pdbx_modification_feature.PDB_ins_code 
_pdbx_modification_feature.symmetry 
_pdbx_modification_feature.modified_residue_auth_comp_id 
_pdbx_modification_feature.modified_residue_auth_asym_id 
_pdbx_modification_feature.modified_residue_auth_seq_id 
_pdbx_modification_feature.modified_residue_PDB_ins_code 
_pdbx_modification_feature.modified_residue_symmetry 
_pdbx_modification_feature.comp_id_linking_atom 
_pdbx_modification_feature.modified_residue_id_linking_atom 
_pdbx_modification_feature.modified_residue_id 
_pdbx_modification_feature.ref_pcm_id 
_pdbx_modification_feature.ref_comp_id 
_pdbx_modification_feature.type 
_pdbx_modification_feature.category 
1 PCA A 1  ? .   . .   . PCA A 1  ? 1_555 .   . .   . .     .  .  GLN 1 PCA 'Pyrrolidone carboxylic acid' 
'Named protein modification' 
2 CYS A 19 ? CYS A 68  ? CYS A 19 ? 1_555 CYS A 68  ? 1_555 SG SG .   . .   None                          'Disulfide bridge' 
3 CYS A 30 ? CYS A 75  ? CYS A 30 ? 1_555 CYS A 75  ? 1_555 SG SG .   . .   None                          'Disulfide bridge' 
4 CYS A 48 ? CYS A 90  ? CYS A 48 ? 1_555 CYS A 90  ? 1_555 SG SG .   . .   None                          'Disulfide bridge' 
5 CYS A 87 ? CYS A 104 ? CYS A 87 ? 1_555 CYS A 104 ? 1_555 SG SG .   . .   None                          'Disulfide bridge' 
# 
loop_
_struct_sheet.id 
_struct_sheet.type 
_struct_sheet.number_strands 
_struct_sheet.details 
A ? 4 ? 
B ? 3 ? 
# 
loop_
_struct_sheet_order.sheet_id 
_struct_sheet_order.range_id_1 
_struct_sheet_order.range_id_2 
_struct_sheet_order.offset 
_struct_sheet_order.sense 
A 1 2 ? parallel      
A 2 3 ? anti-parallel 
A 3 4 ? anti-parallel 
B 1 2 ? anti-parallel 
B 2 3 ? anti-parallel 
# 
loop_
_struct_sheet_range.sheet_id 
_struct_sheet_range.id 
_struct_sheet_range.beg_label_comp_id 
_struct_sheet_range.beg_label_asym_id 
_struct_sheet_range.beg_label_seq_id 
_struct_sheet_range.pdbx_beg_PDB_ins_code 
_struct_sheet_range.end_label_comp_id 
_struct_sheet_range.end_label_asym_id 
_struct_sheet_range.end_label_seq_id 
_struct_sheet_range.pdbx_end_PDB_ins_code 
_struct_sheet_range.beg_auth_comp_id 
_struct_sheet_range.beg_auth_asym_id 
_struct_sheet_range.beg_auth_seq_id 
_struct_sheet_range.end_auth_comp_id 
_struct_sheet_range.end_auth_asym_id 
_struct_sheet_range.end_auth_seq_id 
A 1 ILE A 11 ? THR A 12  ? ILE A 11 THR A 12  
A 2 LYS A 33 ? TYR A 38  ? LYS A 33 TYR A 38  
A 3 PHE A 63 ? VAL A 70  ? PHE A 63 VAL A 70  
A 4 TYR A 77 ? ASN A 84  ? TYR A 77 ASN A 84  
B 1 LYS A 55 ? LEU A 58  ? LYS A 55 LEU A 58  
B 2 PHE A 86 ? GLU A 91  ? PHE A 86 GLU A 91  
B 3 ALA A 94 ? VAL A 101 ? ALA A 94 VAL A 101 
# 
loop_
_pdbx_struct_sheet_hbond.sheet_id 
_pdbx_struct_sheet_hbond.range_id_1 
_pdbx_struct_sheet_hbond.range_id_2 
_pdbx_struct_sheet_hbond.range_1_label_atom_id 
_pdbx_struct_sheet_hbond.range_1_label_comp_id 
_pdbx_struct_sheet_hbond.range_1_label_asym_id 
_pdbx_struct_sheet_hbond.range_1_label_seq_id 
_pdbx_struct_sheet_hbond.range_1_PDB_ins_code 
_pdbx_struct_sheet_hbond.range_1_auth_atom_id 
_pdbx_struct_sheet_hbond.range_1_auth_comp_id 
_pdbx_struct_sheet_hbond.range_1_auth_asym_id 
_pdbx_struct_sheet_hbond.range_1_auth_seq_id 
_pdbx_struct_sheet_hbond.range_2_label_atom_id 
_pdbx_struct_sheet_hbond.range_2_label_comp_id 
_pdbx_struct_sheet_hbond.range_2_label_asym_id 
_pdbx_struct_sheet_hbond.range_2_label_seq_id 
_pdbx_struct_sheet_hbond.range_2_PDB_ins_code 
_pdbx_struct_sheet_hbond.range_2_auth_atom_id 
_pdbx_struct_sheet_hbond.range_2_auth_comp_id 
_pdbx_struct_sheet_hbond.range_2_auth_asym_id 
_pdbx_struct_sheet_hbond.range_2_auth_seq_id 
A 1 2 N THR A 12 ? N THR A 12 O ILE A 37  ? O ILE A 37  
A 2 3 N PHE A 36 ? N PHE A 36 O SER A 66  ? O SER A 66  
A 3 4 N LEU A 65 ? N LEU A 65 O SER A 82  ? O SER A 82  
B 1 2 N LYS A 55 ? N LYS A 55 O CYS A 90  ? O CYS A 90  
B 2 3 N CYS A 87 ? N CYS A 87 O GLY A 100 ? O GLY A 100 
# 
loop_
_struct_site.id 
_struct_site.pdbx_evidence_code 
_struct_site.pdbx_auth_asym_id 
_struct_site.pdbx_auth_comp_id 
_struct_site.pdbx_auth_seq_id 
_struct_site.pdbx_auth_ins_code 
_struct_site.pdbx_num_residues 
_struct_site.details 
AC1 Software A SO4 105 ? 10 'BINDING SITE FOR RESIDUE SO4 A 105' 
AC2 Software A SO4 106 ? 6  'BINDING SITE FOR RESIDUE SO4 A 106' 
AC3 Software A SO4 107 ? 7  'BINDING SITE FOR RESIDUE SO4 A 107' 
AC4 Software A ACT 108 ? 7  'BINDING SITE FOR RESIDUE ACT A 108' 
# 
loop_
_struct_site_gen.id 
_struct_site_gen.site_id 
_struct_site_gen.pdbx_num_res 
_struct_site_gen.label_comp_id 
_struct_site_gen.label_asym_id 
_struct_site_gen.label_seq_id 
_struct_site_gen.pdbx_auth_ins_code 
_struct_site_gen.auth_comp_id 
_struct_site_gen.auth_asym_id 
_struct_site_gen.auth_seq_id 
_struct_site_gen.label_atom_id 
_struct_site_gen.label_alt_id 
_struct_site_gen.symmetry 
_struct_site_gen.details 
1  AC1 10 PCA A 1  ? PCA A 1   . ? 1_555 ? 
2  AC1 10 LYS A 9  ? LYS A 9   . ? 1_555 ? 
3  AC1 10 HIS A 10 ? HIS A 10  . ? 1_555 ? 
4  AC1 10 LYS A 55 ? LYS A 55  . ? 4_445 ? 
5  AC1 10 HIS A 97 ? HIS A 97  . ? 1_555 ? 
6  AC1 10 PHE A 98 ? PHE A 98  . ? 1_555 ? 
7  AC1 10 HOH F .  ? HOH A 146 . ? 1_555 ? 
8  AC1 10 HOH F .  ? HOH A 158 . ? 1_555 ? 
9  AC1 10 HOH F .  ? HOH A 218 . ? 1_555 ? 
10 AC1 10 HOH F .  ? HOH A 253 . ? 1_555 ? 
11 AC2 6  TRP A 3  ? TRP A 3   . ? 1_555 ? 
12 AC2 6  LYS A 45 ? LYS A 45  . ? 1_555 ? 
13 AC2 6  HOH F .  ? HOH A 213 . ? 1_555 ? 
14 AC2 6  HOH F .  ? HOH A 216 . ? 4_555 ? 
15 AC2 6  HOH F .  ? HOH A 234 . ? 1_555 ? 
16 AC2 6  HOH F .  ? HOH A 239 . ? 1_555 ? 
17 AC3 7  ARG A 40 ? ARG A 40  . ? 1_555 ? 
18 AC3 7  PRO A 41 ? PRO A 41  . ? 1_555 ? 
19 AC3 7  GLU A 42 ? GLU A 42  . ? 1_555 ? 
20 AC3 7  HOH F .  ? HOH A 135 . ? 1_555 ? 
21 AC3 7  HOH F .  ? HOH A 142 . ? 4_555 ? 
22 AC3 7  HOH F .  ? HOH A 216 . ? 4_555 ? 
23 AC3 7  HOH F .  ? HOH A 234 . ? 1_555 ? 
24 AC4 7  ASN A 13 ? ASN A 13  . ? 3_445 ? 
25 AC4 7  THR A 71 ? THR A 71  . ? 1_555 ? 
26 AC4 7  SER A 72 ? SER A 72  . ? 1_555 ? 
27 AC4 7  ARG A 73 ? ARG A 73  . ? 1_555 ? 
28 AC4 7  HOH F .  ? HOH A 207 . ? 3_445 ? 
29 AC4 7  HOH F .  ? HOH A 233 . ? 3_445 ? 
30 AC4 7  HOH F .  ? HOH A 300 . ? 1_555 ? 
# 
_pdbx_entry_details.entry_id                   3PHN 
_pdbx_entry_details.compound_details           ? 
_pdbx_entry_details.source_details             ? 
_pdbx_entry_details.nonpolymer_details         ? 
_pdbx_entry_details.sequence_details           ? 
_pdbx_entry_details.has_ligand_of_interest     ? 
_pdbx_entry_details.has_protein_modification   Y 
# 
loop_
_pdbx_validate_close_contact.id 
_pdbx_validate_close_contact.PDB_model_num 
_pdbx_validate_close_contact.auth_atom_id_1 
_pdbx_validate_close_contact.auth_asym_id_1 
_pdbx_validate_close_contact.auth_comp_id_1 
_pdbx_validate_close_contact.auth_seq_id_1 
_pdbx_validate_close_contact.PDB_ins_code_1 
_pdbx_validate_close_contact.label_alt_id_1 
_pdbx_validate_close_contact.auth_atom_id_2 
_pdbx_validate_close_contact.auth_asym_id_2 
_pdbx_validate_close_contact.auth_comp_id_2 
_pdbx_validate_close_contact.auth_seq_id_2 
_pdbx_validate_close_contact.PDB_ins_code_2 
_pdbx_validate_close_contact.label_alt_id_2 
_pdbx_validate_close_contact.dist 
1 1 O   A HOH 328 ? ? O A HOH 330 ? ? 1.40 
2 1 O   A HOH 328 ? ? O A HOH 329 ? ? 1.87 
3 1 ND2 A ASN 21  ? ? O A HOH 301 ? ? 1.97 
4 1 O   A HOH 153 ? ? O A HOH 251 ? ? 1.97 
5 1 NZ  A LYS 31  ? B O A HOH 252 ? ? 2.07 
6 1 O   A HOH 124 ? ? O A HOH 309 ? ? 2.14 
# 
loop_
_pdbx_validate_symm_contact.id 
_pdbx_validate_symm_contact.PDB_model_num 
_pdbx_validate_symm_contact.auth_atom_id_1 
_pdbx_validate_symm_contact.auth_asym_id_1 
_pdbx_validate_symm_contact.auth_comp_id_1 
_pdbx_validate_symm_contact.auth_seq_id_1 
_pdbx_validate_symm_contact.PDB_ins_code_1 
_pdbx_validate_symm_contact.label_alt_id_1 
_pdbx_validate_symm_contact.site_symmetry_1 
_pdbx_validate_symm_contact.auth_atom_id_2 
_pdbx_validate_symm_contact.auth_asym_id_2 
_pdbx_validate_symm_contact.auth_comp_id_2 
_pdbx_validate_symm_contact.auth_seq_id_2 
_pdbx_validate_symm_contact.PDB_ins_code_2 
_pdbx_validate_symm_contact.label_alt_id_2 
_pdbx_validate_symm_contact.site_symmetry_2 
_pdbx_validate_symm_contact.dist 
1 1 O A HOH 281 ? ? 1_555 O A HOH 321 ? ? 3_445 1.67 
2 1 O A HOH 144 ? ? 1_555 O A HOH 321 ? ? 3_445 1.69 
3 1 O A HOH 250 ? ? 1_555 O A HOH 316 ? ? 4_545 2.02 
# 
loop_
_pdbx_validate_rmsd_angle.id 
_pdbx_validate_rmsd_angle.PDB_model_num 
_pdbx_validate_rmsd_angle.auth_atom_id_1 
_pdbx_validate_rmsd_angle.auth_asym_id_1 
_pdbx_validate_rmsd_angle.auth_comp_id_1 
_pdbx_validate_rmsd_angle.auth_seq_id_1 
_pdbx_validate_rmsd_angle.PDB_ins_code_1 
_pdbx_validate_rmsd_angle.label_alt_id_1 
_pdbx_validate_rmsd_angle.auth_atom_id_2 
_pdbx_validate_rmsd_angle.auth_asym_id_2 
_pdbx_validate_rmsd_angle.auth_comp_id_2 
_pdbx_validate_rmsd_angle.auth_seq_id_2 
_pdbx_validate_rmsd_angle.PDB_ins_code_2 
_pdbx_validate_rmsd_angle.label_alt_id_2 
_pdbx_validate_rmsd_angle.auth_atom_id_3 
_pdbx_validate_rmsd_angle.auth_asym_id_3 
_pdbx_validate_rmsd_angle.auth_comp_id_3 
_pdbx_validate_rmsd_angle.auth_seq_id_3 
_pdbx_validate_rmsd_angle.PDB_ins_code_3 
_pdbx_validate_rmsd_angle.label_alt_id_3 
_pdbx_validate_rmsd_angle.angle_value 
_pdbx_validate_rmsd_angle.angle_target_value 
_pdbx_validate_rmsd_angle.angle_deviation 
_pdbx_validate_rmsd_angle.angle_standard_deviation 
_pdbx_validate_rmsd_angle.linker_flag 
1 1 NE A ARG 15 ? ? CZ A ARG 15 ? ? NH1 A ARG 15 ? ? 117.29 120.30 -3.01 0.50 N 
2 1 NE A ARG 15 ? ? CZ A ARG 15 ? ? NH2 A ARG 15 ? ? 123.43 120.30 3.13  0.50 N 
# 
_pdbx_validate_torsion.id              1 
_pdbx_validate_torsion.PDB_model_num   1 
_pdbx_validate_torsion.auth_comp_id    ILE 
_pdbx_validate_torsion.auth_asym_id    A 
_pdbx_validate_torsion.auth_seq_id     52 
_pdbx_validate_torsion.PDB_ins_code    ? 
_pdbx_validate_torsion.label_alt_id    ? 
_pdbx_validate_torsion.phi             -92.30 
_pdbx_validate_torsion.psi             -66.75 
# 
_pdbx_struct_mod_residue.id               1 
_pdbx_struct_mod_residue.label_asym_id    A 
_pdbx_struct_mod_residue.label_comp_id    PCA 
_pdbx_struct_mod_residue.label_seq_id     1 
_pdbx_struct_mod_residue.auth_asym_id     A 
_pdbx_struct_mod_residue.auth_comp_id     PCA 
_pdbx_struct_mod_residue.auth_seq_id      1 
_pdbx_struct_mod_residue.PDB_ins_code     ? 
_pdbx_struct_mod_residue.parent_comp_id   GLN 
_pdbx_struct_mod_residue.details          'PYROGLUTAMIC ACID' 
# 
loop_
_chem_comp_atom.comp_id 
_chem_comp_atom.atom_id 
_chem_comp_atom.type_symbol 
_chem_comp_atom.pdbx_aromatic_flag 
_chem_comp_atom.pdbx_stereo_config 
_chem_comp_atom.pdbx_ordinal 
ACT C    C N N 1   
ACT O    O N N 2   
ACT OXT  O N N 3   
ACT CH3  C N N 4   
ACT H1   H N N 5   
ACT H2   H N N 6   
ACT H3   H N N 7   
ALA N    N N N 8   
ALA CA   C N S 9   
ALA C    C N N 10  
ALA O    O N N 11  
ALA CB   C N N 12  
ALA OXT  O N N 13  
ALA H    H N N 14  
ALA H2   H N N 15  
ALA HA   H N N 16  
ALA HB1  H N N 17  
ALA HB2  H N N 18  
ALA HB3  H N N 19  
ALA HXT  H N N 20  
ARG N    N N N 21  
ARG CA   C N S 22  
ARG C    C N N 23  
ARG O    O N N 24  
ARG CB   C N N 25  
ARG CG   C N N 26  
ARG CD   C N N 27  
ARG NE   N N N 28  
ARG CZ   C N N 29  
ARG NH1  N N N 30  
ARG NH2  N N N 31  
ARG OXT  O N N 32  
ARG H    H N N 33  
ARG H2   H N N 34  
ARG HA   H N N 35  
ARG HB2  H N N 36  
ARG HB3  H N N 37  
ARG HG2  H N N 38  
ARG HG3  H N N 39  
ARG HD2  H N N 40  
ARG HD3  H N N 41  
ARG HE   H N N 42  
ARG HH11 H N N 43  
ARG HH12 H N N 44  
ARG HH21 H N N 45  
ARG HH22 H N N 46  
ARG HXT  H N N 47  
ASN N    N N N 48  
ASN CA   C N S 49  
ASN C    C N N 50  
ASN O    O N N 51  
ASN CB   C N N 52  
ASN CG   C N N 53  
ASN OD1  O N N 54  
ASN ND2  N N N 55  
ASN OXT  O N N 56  
ASN H    H N N 57  
ASN H2   H N N 58  
ASN HA   H N N 59  
ASN HB2  H N N 60  
ASN HB3  H N N 61  
ASN HD21 H N N 62  
ASN HD22 H N N 63  
ASN HXT  H N N 64  
ASP N    N N N 65  
ASP CA   C N S 66  
ASP C    C N N 67  
ASP O    O N N 68  
ASP CB   C N N 69  
ASP CG   C N N 70  
ASP OD1  O N N 71  
ASP OD2  O N N 72  
ASP OXT  O N N 73  
ASP H    H N N 74  
ASP H2   H N N 75  
ASP HA   H N N 76  
ASP HB2  H N N 77  
ASP HB3  H N N 78  
ASP HD2  H N N 79  
ASP HXT  H N N 80  
CYS N    N N N 81  
CYS CA   C N R 82  
CYS C    C N N 83  
CYS O    O N N 84  
CYS CB   C N N 85  
CYS SG   S N N 86  
CYS OXT  O N N 87  
CYS H    H N N 88  
CYS H2   H N N 89  
CYS HA   H N N 90  
CYS HB2  H N N 91  
CYS HB3  H N N 92  
CYS HG   H N N 93  
CYS HXT  H N N 94  
GLN N    N N N 95  
GLN CA   C N S 96  
GLN C    C N N 97  
GLN O    O N N 98  
GLN CB   C N N 99  
GLN CG   C N N 100 
GLN CD   C N N 101 
GLN OE1  O N N 102 
GLN NE2  N N N 103 
GLN OXT  O N N 104 
GLN H    H N N 105 
GLN H2   H N N 106 
GLN HA   H N N 107 
GLN HB2  H N N 108 
GLN HB3  H N N 109 
GLN HG2  H N N 110 
GLN HG3  H N N 111 
GLN HE21 H N N 112 
GLN HE22 H N N 113 
GLN HXT  H N N 114 
GLU N    N N N 115 
GLU CA   C N S 116 
GLU C    C N N 117 
GLU O    O N N 118 
GLU CB   C N N 119 
GLU CG   C N N 120 
GLU CD   C N N 121 
GLU OE1  O N N 122 
GLU OE2  O N N 123 
GLU OXT  O N N 124 
GLU H    H N N 125 
GLU H2   H N N 126 
GLU HA   H N N 127 
GLU HB2  H N N 128 
GLU HB3  H N N 129 
GLU HG2  H N N 130 
GLU HG3  H N N 131 
GLU HE2  H N N 132 
GLU HXT  H N N 133 
GLY N    N N N 134 
GLY CA   C N N 135 
GLY C    C N N 136 
GLY O    O N N 137 
GLY OXT  O N N 138 
GLY H    H N N 139 
GLY H2   H N N 140 
GLY HA2  H N N 141 
GLY HA3  H N N 142 
GLY HXT  H N N 143 
HIS N    N N N 144 
HIS CA   C N S 145 
HIS C    C N N 146 
HIS O    O N N 147 
HIS CB   C N N 148 
HIS CG   C Y N 149 
HIS ND1  N Y N 150 
HIS CD2  C Y N 151 
HIS CE1  C Y N 152 
HIS NE2  N Y N 153 
HIS OXT  O N N 154 
HIS H    H N N 155 
HIS H2   H N N 156 
HIS HA   H N N 157 
HIS HB2  H N N 158 
HIS HB3  H N N 159 
HIS HD1  H N N 160 
HIS HD2  H N N 161 
HIS HE1  H N N 162 
HIS HE2  H N N 163 
HIS HXT  H N N 164 
HOH O    O N N 165 
HOH H1   H N N 166 
HOH H2   H N N 167 
ILE N    N N N 168 
ILE CA   C N S 169 
ILE C    C N N 170 
ILE O    O N N 171 
ILE CB   C N S 172 
ILE CG1  C N N 173 
ILE CG2  C N N 174 
ILE CD1  C N N 175 
ILE OXT  O N N 176 
ILE H    H N N 177 
ILE H2   H N N 178 
ILE HA   H N N 179 
ILE HB   H N N 180 
ILE HG12 H N N 181 
ILE HG13 H N N 182 
ILE HG21 H N N 183 
ILE HG22 H N N 184 
ILE HG23 H N N 185 
ILE HD11 H N N 186 
ILE HD12 H N N 187 
ILE HD13 H N N 188 
ILE HXT  H N N 189 
LEU N    N N N 190 
LEU CA   C N S 191 
LEU C    C N N 192 
LEU O    O N N 193 
LEU CB   C N N 194 
LEU CG   C N N 195 
LEU CD1  C N N 196 
LEU CD2  C N N 197 
LEU OXT  O N N 198 
LEU H    H N N 199 
LEU H2   H N N 200 
LEU HA   H N N 201 
LEU HB2  H N N 202 
LEU HB3  H N N 203 
LEU HG   H N N 204 
LEU HD11 H N N 205 
LEU HD12 H N N 206 
LEU HD13 H N N 207 
LEU HD21 H N N 208 
LEU HD22 H N N 209 
LEU HD23 H N N 210 
LEU HXT  H N N 211 
LYS N    N N N 212 
LYS CA   C N S 213 
LYS C    C N N 214 
LYS O    O N N 215 
LYS CB   C N N 216 
LYS CG   C N N 217 
LYS CD   C N N 218 
LYS CE   C N N 219 
LYS NZ   N N N 220 
LYS OXT  O N N 221 
LYS H    H N N 222 
LYS H2   H N N 223 
LYS HA   H N N 224 
LYS HB2  H N N 225 
LYS HB3  H N N 226 
LYS HG2  H N N 227 
LYS HG3  H N N 228 
LYS HD2  H N N 229 
LYS HD3  H N N 230 
LYS HE2  H N N 231 
LYS HE3  H N N 232 
LYS HZ1  H N N 233 
LYS HZ2  H N N 234 
LYS HZ3  H N N 235 
LYS HXT  H N N 236 
MET N    N N N 237 
MET CA   C N S 238 
MET C    C N N 239 
MET O    O N N 240 
MET CB   C N N 241 
MET CG   C N N 242 
MET SD   S N N 243 
MET CE   C N N 244 
MET OXT  O N N 245 
MET H    H N N 246 
MET H2   H N N 247 
MET HA   H N N 248 
MET HB2  H N N 249 
MET HB3  H N N 250 
MET HG2  H N N 251 
MET HG3  H N N 252 
MET HE1  H N N 253 
MET HE2  H N N 254 
MET HE3  H N N 255 
MET HXT  H N N 256 
PCA N    N N N 257 
PCA CA   C N S 258 
PCA CB   C N N 259 
PCA CG   C N N 260 
PCA CD   C N N 261 
PCA OE   O N N 262 
PCA C    C N N 263 
PCA O    O N N 264 
PCA OXT  O N N 265 
PCA H    H N N 266 
PCA HA   H N N 267 
PCA HB2  H N N 268 
PCA HB3  H N N 269 
PCA HG2  H N N 270 
PCA HG3  H N N 271 
PCA HXT  H N N 272 
PHE N    N N N 273 
PHE CA   C N S 274 
PHE C    C N N 275 
PHE O    O N N 276 
PHE CB   C N N 277 
PHE CG   C Y N 278 
PHE CD1  C Y N 279 
PHE CD2  C Y N 280 
PHE CE1  C Y N 281 
PHE CE2  C Y N 282 
PHE CZ   C Y N 283 
PHE OXT  O N N 284 
PHE H    H N N 285 
PHE H2   H N N 286 
PHE HA   H N N 287 
PHE HB2  H N N 288 
PHE HB3  H N N 289 
PHE HD1  H N N 290 
PHE HD2  H N N 291 
PHE HE1  H N N 292 
PHE HE2  H N N 293 
PHE HZ   H N N 294 
PHE HXT  H N N 295 
PRO N    N N N 296 
PRO CA   C N S 297 
PRO C    C N N 298 
PRO O    O N N 299 
PRO CB   C N N 300 
PRO CG   C N N 301 
PRO CD   C N N 302 
PRO OXT  O N N 303 
PRO H    H N N 304 
PRO HA   H N N 305 
PRO HB2  H N N 306 
PRO HB3  H N N 307 
PRO HG2  H N N 308 
PRO HG3  H N N 309 
PRO HD2  H N N 310 
PRO HD3  H N N 311 
PRO HXT  H N N 312 
SER N    N N N 313 
SER CA   C N S 314 
SER C    C N N 315 
SER O    O N N 316 
SER CB   C N N 317 
SER OG   O N N 318 
SER OXT  O N N 319 
SER H    H N N 320 
SER H2   H N N 321 
SER HA   H N N 322 
SER HB2  H N N 323 
SER HB3  H N N 324 
SER HG   H N N 325 
SER HXT  H N N 326 
SO4 S    S N N 327 
SO4 O1   O N N 328 
SO4 O2   O N N 329 
SO4 O3   O N N 330 
SO4 O4   O N N 331 
THR N    N N N 332 
THR CA   C N S 333 
THR C    C N N 334 
THR O    O N N 335 
THR CB   C N R 336 
THR OG1  O N N 337 
THR CG2  C N N 338 
THR OXT  O N N 339 
THR H    H N N 340 
THR H2   H N N 341 
THR HA   H N N 342 
THR HB   H N N 343 
THR HG1  H N N 344 
THR HG21 H N N 345 
THR HG22 H N N 346 
THR HG23 H N N 347 
THR HXT  H N N 348 
TRP N    N N N 349 
TRP CA   C N S 350 
TRP C    C N N 351 
TRP O    O N N 352 
TRP CB   C N N 353 
TRP CG   C Y N 354 
TRP CD1  C Y N 355 
TRP CD2  C Y N 356 
TRP NE1  N Y N 357 
TRP CE2  C Y N 358 
TRP CE3  C Y N 359 
TRP CZ2  C Y N 360 
TRP CZ3  C Y N 361 
TRP CH2  C Y N 362 
TRP OXT  O N N 363 
TRP H    H N N 364 
TRP H2   H N N 365 
TRP HA   H N N 366 
TRP HB2  H N N 367 
TRP HB3  H N N 368 
TRP HD1  H N N 369 
TRP HE1  H N N 370 
TRP HE3  H N N 371 
TRP HZ2  H N N 372 
TRP HZ3  H N N 373 
TRP HH2  H N N 374 
TRP HXT  H N N 375 
TYR N    N N N 376 
TYR CA   C N S 377 
TYR C    C N N 378 
TYR O    O N N 379 
TYR CB   C N N 380 
TYR CG   C Y N 381 
TYR CD1  C Y N 382 
TYR CD2  C Y N 383 
TYR CE1  C Y N 384 
TYR CE2  C Y N 385 
TYR CZ   C Y N 386 
TYR OH   O N N 387 
TYR OXT  O N N 388 
TYR H    H N N 389 
TYR H2   H N N 390 
TYR HA   H N N 391 
TYR HB2  H N N 392 
TYR HB3  H N N 393 
TYR HD1  H N N 394 
TYR HD2  H N N 395 
TYR HE1  H N N 396 
TYR HE2  H N N 397 
TYR HH   H N N 398 
TYR HXT  H N N 399 
VAL N    N N N 400 
VAL CA   C N S 401 
VAL C    C N N 402 
VAL O    O N N 403 
VAL CB   C N N 404 
VAL CG1  C N N 405 
VAL CG2  C N N 406 
VAL OXT  O N N 407 
VAL H    H N N 408 
VAL H2   H N N 409 
VAL HA   H N N 410 
VAL HB   H N N 411 
VAL HG11 H N N 412 
VAL HG12 H N N 413 
VAL HG13 H N N 414 
VAL HG21 H N N 415 
VAL HG22 H N N 416 
VAL HG23 H N N 417 
VAL HXT  H N N 418 
# 
loop_
_chem_comp_bond.comp_id 
_chem_comp_bond.atom_id_1 
_chem_comp_bond.atom_id_2 
_chem_comp_bond.value_order 
_chem_comp_bond.pdbx_aromatic_flag 
_chem_comp_bond.pdbx_stereo_config 
_chem_comp_bond.pdbx_ordinal 
ACT C   O    doub N N 1   
ACT C   OXT  sing N N 2   
ACT C   CH3  sing N N 3   
ACT CH3 H1   sing N N 4   
ACT CH3 H2   sing N N 5   
ACT CH3 H3   sing N N 6   
ALA N   CA   sing N N 7   
ALA N   H    sing N N 8   
ALA N   H2   sing N N 9   
ALA CA  C    sing N N 10  
ALA CA  CB   sing N N 11  
ALA CA  HA   sing N N 12  
ALA C   O    doub N N 13  
ALA C   OXT  sing N N 14  
ALA CB  HB1  sing N N 15  
ALA CB  HB2  sing N N 16  
ALA CB  HB3  sing N N 17  
ALA OXT HXT  sing N N 18  
ARG N   CA   sing N N 19  
ARG N   H    sing N N 20  
ARG N   H2   sing N N 21  
ARG CA  C    sing N N 22  
ARG CA  CB   sing N N 23  
ARG CA  HA   sing N N 24  
ARG C   O    doub N N 25  
ARG C   OXT  sing N N 26  
ARG CB  CG   sing N N 27  
ARG CB  HB2  sing N N 28  
ARG CB  HB3  sing N N 29  
ARG CG  CD   sing N N 30  
ARG CG  HG2  sing N N 31  
ARG CG  HG3  sing N N 32  
ARG CD  NE   sing N N 33  
ARG CD  HD2  sing N N 34  
ARG CD  HD3  sing N N 35  
ARG NE  CZ   sing N N 36  
ARG NE  HE   sing N N 37  
ARG CZ  NH1  sing N N 38  
ARG CZ  NH2  doub N N 39  
ARG NH1 HH11 sing N N 40  
ARG NH1 HH12 sing N N 41  
ARG NH2 HH21 sing N N 42  
ARG NH2 HH22 sing N N 43  
ARG OXT HXT  sing N N 44  
ASN N   CA   sing N N 45  
ASN N   H    sing N N 46  
ASN N   H2   sing N N 47  
ASN CA  C    sing N N 48  
ASN CA  CB   sing N N 49  
ASN CA  HA   sing N N 50  
ASN C   O    doub N N 51  
ASN C   OXT  sing N N 52  
ASN CB  CG   sing N N 53  
ASN CB  HB2  sing N N 54  
ASN CB  HB3  sing N N 55  
ASN CG  OD1  doub N N 56  
ASN CG  ND2  sing N N 57  
ASN ND2 HD21 sing N N 58  
ASN ND2 HD22 sing N N 59  
ASN OXT HXT  sing N N 60  
ASP N   CA   sing N N 61  
ASP N   H    sing N N 62  
ASP N   H2   sing N N 63  
ASP CA  C    sing N N 64  
ASP CA  CB   sing N N 65  
ASP CA  HA   sing N N 66  
ASP C   O    doub N N 67  
ASP C   OXT  sing N N 68  
ASP CB  CG   sing N N 69  
ASP CB  HB2  sing N N 70  
ASP CB  HB3  sing N N 71  
ASP CG  OD1  doub N N 72  
ASP CG  OD2  sing N N 73  
ASP OD2 HD2  sing N N 74  
ASP OXT HXT  sing N N 75  
CYS N   CA   sing N N 76  
CYS N   H    sing N N 77  
CYS N   H2   sing N N 78  
CYS CA  C    sing N N 79  
CYS CA  CB   sing N N 80  
CYS CA  HA   sing N N 81  
CYS C   O    doub N N 82  
CYS C   OXT  sing N N 83  
CYS CB  SG   sing N N 84  
CYS CB  HB2  sing N N 85  
CYS CB  HB3  sing N N 86  
CYS SG  HG   sing N N 87  
CYS OXT HXT  sing N N 88  
GLN N   CA   sing N N 89  
GLN N   H    sing N N 90  
GLN N   H2   sing N N 91  
GLN CA  C    sing N N 92  
GLN CA  CB   sing N N 93  
GLN CA  HA   sing N N 94  
GLN C   O    doub N N 95  
GLN C   OXT  sing N N 96  
GLN CB  CG   sing N N 97  
GLN CB  HB2  sing N N 98  
GLN CB  HB3  sing N N 99  
GLN CG  CD   sing N N 100 
GLN CG  HG2  sing N N 101 
GLN CG  HG3  sing N N 102 
GLN CD  OE1  doub N N 103 
GLN CD  NE2  sing N N 104 
GLN NE2 HE21 sing N N 105 
GLN NE2 HE22 sing N N 106 
GLN OXT HXT  sing N N 107 
GLU N   CA   sing N N 108 
GLU N   H    sing N N 109 
GLU N   H2   sing N N 110 
GLU CA  C    sing N N 111 
GLU CA  CB   sing N N 112 
GLU CA  HA   sing N N 113 
GLU C   O    doub N N 114 
GLU C   OXT  sing N N 115 
GLU CB  CG   sing N N 116 
GLU CB  HB2  sing N N 117 
GLU CB  HB3  sing N N 118 
GLU CG  CD   sing N N 119 
GLU CG  HG2  sing N N 120 
GLU CG  HG3  sing N N 121 
GLU CD  OE1  doub N N 122 
GLU CD  OE2  sing N N 123 
GLU OE2 HE2  sing N N 124 
GLU OXT HXT  sing N N 125 
GLY N   CA   sing N N 126 
GLY N   H    sing N N 127 
GLY N   H2   sing N N 128 
GLY CA  C    sing N N 129 
GLY CA  HA2  sing N N 130 
GLY CA  HA3  sing N N 131 
GLY C   O    doub N N 132 
GLY C   OXT  sing N N 133 
GLY OXT HXT  sing N N 134 
HIS N   CA   sing N N 135 
HIS N   H    sing N N 136 
HIS N   H2   sing N N 137 
HIS CA  C    sing N N 138 
HIS CA  CB   sing N N 139 
HIS CA  HA   sing N N 140 
HIS C   O    doub N N 141 
HIS C   OXT  sing N N 142 
HIS CB  CG   sing N N 143 
HIS CB  HB2  sing N N 144 
HIS CB  HB3  sing N N 145 
HIS CG  ND1  sing Y N 146 
HIS CG  CD2  doub Y N 147 
HIS ND1 CE1  doub Y N 148 
HIS ND1 HD1  sing N N 149 
HIS CD2 NE2  sing Y N 150 
HIS CD2 HD2  sing N N 151 
HIS CE1 NE2  sing Y N 152 
HIS CE1 HE1  sing N N 153 
HIS NE2 HE2  sing N N 154 
HIS OXT HXT  sing N N 155 
HOH O   H1   sing N N 156 
HOH O   H2   sing N N 157 
ILE N   CA   sing N N 158 
ILE N   H    sing N N 159 
ILE N   H2   sing N N 160 
ILE CA  C    sing N N 161 
ILE CA  CB   sing N N 162 
ILE CA  HA   sing N N 163 
ILE C   O    doub N N 164 
ILE C   OXT  sing N N 165 
ILE CB  CG1  sing N N 166 
ILE CB  CG2  sing N N 167 
ILE CB  HB   sing N N 168 
ILE CG1 CD1  sing N N 169 
ILE CG1 HG12 sing N N 170 
ILE CG1 HG13 sing N N 171 
ILE CG2 HG21 sing N N 172 
ILE CG2 HG22 sing N N 173 
ILE CG2 HG23 sing N N 174 
ILE CD1 HD11 sing N N 175 
ILE CD1 HD12 sing N N 176 
ILE CD1 HD13 sing N N 177 
ILE OXT HXT  sing N N 178 
LEU N   CA   sing N N 179 
LEU N   H    sing N N 180 
LEU N   H2   sing N N 181 
LEU CA  C    sing N N 182 
LEU CA  CB   sing N N 183 
LEU CA  HA   sing N N 184 
LEU C   O    doub N N 185 
LEU C   OXT  sing N N 186 
LEU CB  CG   sing N N 187 
LEU CB  HB2  sing N N 188 
LEU CB  HB3  sing N N 189 
LEU CG  CD1  sing N N 190 
LEU CG  CD2  sing N N 191 
LEU CG  HG   sing N N 192 
LEU CD1 HD11 sing N N 193 
LEU CD1 HD12 sing N N 194 
LEU CD1 HD13 sing N N 195 
LEU CD2 HD21 sing N N 196 
LEU CD2 HD22 sing N N 197 
LEU CD2 HD23 sing N N 198 
LEU OXT HXT  sing N N 199 
LYS N   CA   sing N N 200 
LYS N   H    sing N N 201 
LYS N   H2   sing N N 202 
LYS CA  C    sing N N 203 
LYS CA  CB   sing N N 204 
LYS CA  HA   sing N N 205 
LYS C   O    doub N N 206 
LYS C   OXT  sing N N 207 
LYS CB  CG   sing N N 208 
LYS CB  HB2  sing N N 209 
LYS CB  HB3  sing N N 210 
LYS CG  CD   sing N N 211 
LYS CG  HG2  sing N N 212 
LYS CG  HG3  sing N N 213 
LYS CD  CE   sing N N 214 
LYS CD  HD2  sing N N 215 
LYS CD  HD3  sing N N 216 
LYS CE  NZ   sing N N 217 
LYS CE  HE2  sing N N 218 
LYS CE  HE3  sing N N 219 
LYS NZ  HZ1  sing N N 220 
LYS NZ  HZ2  sing N N 221 
LYS NZ  HZ3  sing N N 222 
LYS OXT HXT  sing N N 223 
MET N   CA   sing N N 224 
MET N   H    sing N N 225 
MET N   H2   sing N N 226 
MET CA  C    sing N N 227 
MET CA  CB   sing N N 228 
MET CA  HA   sing N N 229 
MET C   O    doub N N 230 
MET C   OXT  sing N N 231 
MET CB  CG   sing N N 232 
MET CB  HB2  sing N N 233 
MET CB  HB3  sing N N 234 
MET CG  SD   sing N N 235 
MET CG  HG2  sing N N 236 
MET CG  HG3  sing N N 237 
MET SD  CE   sing N N 238 
MET CE  HE1  sing N N 239 
MET CE  HE2  sing N N 240 
MET CE  HE3  sing N N 241 
MET OXT HXT  sing N N 242 
PCA N   CA   sing N N 243 
PCA N   CD   sing N N 244 
PCA N   H    sing N N 245 
PCA CA  CB   sing N N 246 
PCA CA  C    sing N N 247 
PCA CA  HA   sing N N 248 
PCA CB  CG   sing N N 249 
PCA CB  HB2  sing N N 250 
PCA CB  HB3  sing N N 251 
PCA CG  CD   sing N N 252 
PCA CG  HG2  sing N N 253 
PCA CG  HG3  sing N N 254 
PCA CD  OE   doub N N 255 
PCA C   O    doub N N 256 
PCA C   OXT  sing N N 257 
PCA OXT HXT  sing N N 258 
PHE N   CA   sing N N 259 
PHE N   H    sing N N 260 
PHE N   H2   sing N N 261 
PHE CA  C    sing N N 262 
PHE CA  CB   sing N N 263 
PHE CA  HA   sing N N 264 
PHE C   O    doub N N 265 
PHE C   OXT  sing N N 266 
PHE CB  CG   sing N N 267 
PHE CB  HB2  sing N N 268 
PHE CB  HB3  sing N N 269 
PHE CG  CD1  doub Y N 270 
PHE CG  CD2  sing Y N 271 
PHE CD1 CE1  sing Y N 272 
PHE CD1 HD1  sing N N 273 
PHE CD2 CE2  doub Y N 274 
PHE CD2 HD2  sing N N 275 
PHE CE1 CZ   doub Y N 276 
PHE CE1 HE1  sing N N 277 
PHE CE2 CZ   sing Y N 278 
PHE CE2 HE2  sing N N 279 
PHE CZ  HZ   sing N N 280 
PHE OXT HXT  sing N N 281 
PRO N   CA   sing N N 282 
PRO N   CD   sing N N 283 
PRO N   H    sing N N 284 
PRO CA  C    sing N N 285 
PRO CA  CB   sing N N 286 
PRO CA  HA   sing N N 287 
PRO C   O    doub N N 288 
PRO C   OXT  sing N N 289 
PRO CB  CG   sing N N 290 
PRO CB  HB2  sing N N 291 
PRO CB  HB3  sing N N 292 
PRO CG  CD   sing N N 293 
PRO CG  HG2  sing N N 294 
PRO CG  HG3  sing N N 295 
PRO CD  HD2  sing N N 296 
PRO CD  HD3  sing N N 297 
PRO OXT HXT  sing N N 298 
SER N   CA   sing N N 299 
SER N   H    sing N N 300 
SER N   H2   sing N N 301 
SER CA  C    sing N N 302 
SER CA  CB   sing N N 303 
SER CA  HA   sing N N 304 
SER C   O    doub N N 305 
SER C   OXT  sing N N 306 
SER CB  OG   sing N N 307 
SER CB  HB2  sing N N 308 
SER CB  HB3  sing N N 309 
SER OG  HG   sing N N 310 
SER OXT HXT  sing N N 311 
SO4 S   O1   doub N N 312 
SO4 S   O2   doub N N 313 
SO4 S   O3   sing N N 314 
SO4 S   O4   sing N N 315 
THR N   CA   sing N N 316 
THR N   H    sing N N 317 
THR N   H2   sing N N 318 
THR CA  C    sing N N 319 
THR CA  CB   sing N N 320 
THR CA  HA   sing N N 321 
THR C   O    doub N N 322 
THR C   OXT  sing N N 323 
THR CB  OG1  sing N N 324 
THR CB  CG2  sing N N 325 
THR CB  HB   sing N N 326 
THR OG1 HG1  sing N N 327 
THR CG2 HG21 sing N N 328 
THR CG2 HG22 sing N N 329 
THR CG2 HG23 sing N N 330 
THR OXT HXT  sing N N 331 
TRP N   CA   sing N N 332 
TRP N   H    sing N N 333 
TRP N   H2   sing N N 334 
TRP CA  C    sing N N 335 
TRP CA  CB   sing N N 336 
TRP CA  HA   sing N N 337 
TRP C   O    doub N N 338 
TRP C   OXT  sing N N 339 
TRP CB  CG   sing N N 340 
TRP CB  HB2  sing N N 341 
TRP CB  HB3  sing N N 342 
TRP CG  CD1  doub Y N 343 
TRP CG  CD2  sing Y N 344 
TRP CD1 NE1  sing Y N 345 
TRP CD1 HD1  sing N N 346 
TRP CD2 CE2  doub Y N 347 
TRP CD2 CE3  sing Y N 348 
TRP NE1 CE2  sing Y N 349 
TRP NE1 HE1  sing N N 350 
TRP CE2 CZ2  sing Y N 351 
TRP CE3 CZ3  doub Y N 352 
TRP CE3 HE3  sing N N 353 
TRP CZ2 CH2  doub Y N 354 
TRP CZ2 HZ2  sing N N 355 
TRP CZ3 CH2  sing Y N 356 
TRP CZ3 HZ3  sing N N 357 
TRP CH2 HH2  sing N N 358 
TRP OXT HXT  sing N N 359 
TYR N   CA   sing N N 360 
TYR N   H    sing N N 361 
TYR N   H2   sing N N 362 
TYR CA  C    sing N N 363 
TYR CA  CB   sing N N 364 
TYR CA  HA   sing N N 365 
TYR C   O    doub N N 366 
TYR C   OXT  sing N N 367 
TYR CB  CG   sing N N 368 
TYR CB  HB2  sing N N 369 
TYR CB  HB3  sing N N 370 
TYR CG  CD1  doub Y N 371 
TYR CG  CD2  sing Y N 372 
TYR CD1 CE1  sing Y N 373 
TYR CD1 HD1  sing N N 374 
TYR CD2 CE2  doub Y N 375 
TYR CD2 HD2  sing N N 376 
TYR CE1 CZ   doub Y N 377 
TYR CE1 HE1  sing N N 378 
TYR CE2 CZ   sing Y N 379 
TYR CE2 HE2  sing N N 380 
TYR CZ  OH   sing N N 381 
TYR OH  HH   sing N N 382 
TYR OXT HXT  sing N N 383 
VAL N   CA   sing N N 384 
VAL N   H    sing N N 385 
VAL N   H2   sing N N 386 
VAL CA  C    sing N N 387 
VAL CA  CB   sing N N 388 
VAL CA  HA   sing N N 389 
VAL C   O    doub N N 390 
VAL C   OXT  sing N N 391 
VAL CB  CG1  sing N N 392 
VAL CB  CG2  sing N N 393 
VAL CB  HB   sing N N 394 
VAL CG1 HG11 sing N N 395 
VAL CG1 HG12 sing N N 396 
VAL CG1 HG13 sing N N 397 
VAL CG2 HG21 sing N N 398 
VAL CG2 HG22 sing N N 399 
VAL CG2 HG23 sing N N 400 
VAL OXT HXT  sing N N 401 
# 
_pdbx_initial_refinement_model.id               1 
_pdbx_initial_refinement_model.entity_id_list   ? 
_pdbx_initial_refinement_model.type             'experimental model' 
_pdbx_initial_refinement_model.source_name      PDB 
_pdbx_initial_refinement_model.accession_code   1ONC 
_pdbx_initial_refinement_model.details          'PDB ENTRY 1ONC' 
# 
_atom_sites.entry_id                    3PHN 
_atom_sites.fract_transf_matrix[1][1]   -0.01307737 
_atom_sites.fract_transf_matrix[1][2]   0.02510051 
_atom_sites.fract_transf_matrix[1][3]   0.01271304 
_atom_sites.fract_transf_matrix[2][1]   -0.00372839 
_atom_sites.fract_transf_matrix[2][2]   0.00998719 
_atom_sites.fract_transf_matrix[2][3]   -0.02355386 
_atom_sites.fract_transf_matrix[3][1]   -0.01286541 
_atom_sites.fract_transf_matrix[3][2]   -0.00636698 
_atom_sites.fract_transf_matrix[3][3]   -0.00066320 
_atom_sites.fract_transf_vector[1]      -0.332408 
_atom_sites.fract_transf_vector[2]      -0.063129 
_atom_sites.fract_transf_vector[3]      0.142575 
# 
loop_
_atom_type.symbol 
C 
N 
O 
S 
# 
loop_
_atom_site.group_PDB 
_atom_site.id 
_atom_site.type_symbol 
_atom_site.label_atom_id 
_atom_site.label_alt_id 
_atom_site.label_comp_id 
_atom_site.label_asym_id 
_atom_site.label_entity_id 
_atom_site.label_seq_id 
_atom_site.pdbx_PDB_ins_code 
_atom_site.Cartn_x 
_atom_site.Cartn_y 
_atom_site.Cartn_z 
_atom_site.occupancy 
_atom_site.B_iso_or_equiv 
_atom_site.pdbx_formal_charge 
_atom_site.auth_seq_id 
_atom_site.auth_comp_id 
_atom_site.auth_asym_id 
_atom_site.auth_atom_id 
_atom_site.pdbx_PDB_model_num 
HETATM 1    N N   . PCA A 1 1   ? 10.696  3.213   -2.074  1.00 14.01 ? 1   PCA A N   1 
HETATM 2    C CA  . PCA A 1 1   ? 12.013  3.842   -2.024  1.00 13.06 ? 1   PCA A CA  1 
HETATM 3    C CB  . PCA A 1 1   ? 12.896  3.192   -3.085  1.00 13.92 ? 1   PCA A CB  1 
HETATM 4    C CG  . PCA A 1 1   ? 12.007  2.270   -3.925  1.00 13.53 ? 1   PCA A CG  1 
HETATM 5    C CD  . PCA A 1 1   ? 10.676  2.326   -3.220  1.00 15.06 ? 1   PCA A CD  1 
HETATM 6    O OE  . PCA A 1 1   ? 9.692   1.639   -3.525  1.00 15.85 ? 1   PCA A OE  1 
HETATM 7    C C   . PCA A 1 1   ? 11.901  5.349   -2.244  1.00 10.90 ? 1   PCA A C   1 
HETATM 8    O O   . PCA A 1 1   ? 12.799  6.099   -1.870  1.00 11.36 ? 1   PCA A O   1 
ATOM   9    N N   . ASP A 1 2   ? 10.830  5.794   -2.894  1.00 7.79  ? 2   ASP A N   1 
ATOM   10   C CA  A ASP A 1 2   ? 10.550  7.192   -3.106  0.50 7.59  ? 2   ASP A CA  1 
ATOM   11   C CA  B ASP A 1 2   ? 10.525  7.209   -3.029  0.50 7.31  ? 2   ASP A CA  1 
ATOM   12   C C   . ASP A 1 2   ? 9.044   7.340   -3.323  1.00 5.61  ? 2   ASP A C   1 
ATOM   13   O O   . ASP A 1 2   ? 8.343   6.334   -3.492  1.00 5.13  ? 2   ASP A O   1 
ATOM   14   C CB  A ASP A 1 2   ? 11.324  7.684   -4.327  0.50 8.92  ? 2   ASP A CB  1 
ATOM   15   C CB  B ASP A 1 2   ? 11.379  7.939   -4.093  0.50 8.21  ? 2   ASP A CB  1 
ATOM   16   C CG  A ASP A 1 2   ? 11.312  6.674   -5.471  0.50 9.69  ? 2   ASP A CG  1 
ATOM   17   C CG  B ASP A 1 2   ? 11.160  7.412   -5.535  0.50 8.48  ? 2   ASP A CG  1 
ATOM   18   O OD1 A ASP A 1 2   ? 10.240  6.418   -6.067  0.50 6.94  ? 2   ASP A OD1 1 
ATOM   19   O OD1 B ASP A 1 2   ? 10.084  6.864   -5.870  0.50 9.35  ? 2   ASP A OD1 1 
ATOM   20   O OD2 A ASP A 1 2   ? 12.388  6.149   -5.793  0.50 10.26 ? 2   ASP A OD2 1 
ATOM   21   O OD2 B ASP A 1 2   ? 12.091  7.534   -6.353  0.50 10.26 ? 2   ASP A OD2 1 
ATOM   22   N N   . TRP A 1 3   ? 8.590   8.569   -3.351  1.00 5.17  ? 3   TRP A N   1 
ATOM   23   C CA  . TRP A 1 3   ? 7.143   8.861   -3.353  1.00 5.55  ? 3   TRP A CA  1 
ATOM   24   C C   . TRP A 1 3   ? 6.527   8.409   -4.703  1.00 6.26  ? 3   TRP A C   1 
ATOM   25   O O   . TRP A 1 3   ? 5.431   7.856   -4.731  1.00 6.21  ? 3   TRP A O   1 
ATOM   26   C CB  . TRP A 1 3   ? 6.938   10.363  -3.082  1.00 6.09  ? 3   TRP A CB  1 
ATOM   27   C CG  . TRP A 1 3   ? 5.574   10.897  -3.278  1.00 6.71  ? 3   TRP A CG  1 
ATOM   28   C CD1 . TRP A 1 3   ? 5.277   12.008  -4.010  1.00 7.17  ? 3   TRP A CD1 1 
ATOM   29   C CD2 . TRP A 1 3   ? 4.298   10.399  -2.758  1.00 6.82  ? 3   TRP A CD2 1 
ATOM   30   N NE1 . TRP A 1 3   ? 3.900   12.236  -4.028  1.00 5.79  ? 3   TRP A NE1 1 
ATOM   31   C CE2 . TRP A 1 3   ? 3.288   11.285  -3.249  1.00 6.91  ? 3   TRP A CE2 1 
ATOM   32   C CE3 . TRP A 1 3   ? 3.906   9.311   -1.923  1.00 6.58  ? 3   TRP A CE3 1 
ATOM   33   C CZ2 . TRP A 1 3   ? 1.916   11.108  -2.952  1.00 5.86  ? 3   TRP A CZ2 1 
ATOM   34   C CZ3 . TRP A 1 3   ? 2.540   9.154   -1.608  1.00 6.86  ? 3   TRP A CZ3 1 
ATOM   35   C CH2 . TRP A 1 3   ? 1.559   10.047  -2.133  1.00 8.51  ? 3   TRP A CH2 1 
ATOM   36   N N   . LEU A 1 4   ? 7.235   8.634   -5.810  1.00 6.83  ? 4   LEU A N   1 
ATOM   37   C CA  A LEU A 1 4   ? 6.747   8.156   -7.118  0.50 6.64  ? 4   LEU A CA  1 
ATOM   38   C CA  B LEU A 1 4   ? 6.719   8.172   -7.120  0.50 6.35  ? 4   LEU A CA  1 
ATOM   39   C C   . LEU A 1 4   ? 6.469   6.638   -7.091  1.00 6.43  ? 4   LEU A C   1 
ATOM   40   O O   . LEU A 1 4   ? 5.380   6.131   -7.497  1.00 7.10  ? 4   LEU A O   1 
ATOM   41   C CB  A LEU A 1 4   ? 7.812   8.446   -8.170  0.50 7.40  ? 4   LEU A CB  1 
ATOM   42   C CB  B LEU A 1 4   ? 7.709   8.526   -8.239  0.50 7.16  ? 4   LEU A CB  1 
ATOM   43   C CG  A LEU A 1 4   ? 7.622   9.690   -9.020  0.50 9.87  ? 4   LEU A CG  1 
ATOM   44   C CG  B LEU A 1 4   ? 7.220   8.396   -9.683  0.50 8.09  ? 4   LEU A CG  1 
ATOM   45   C CD1 A LEU A 1 4   ? 7.065   10.873  -8.298  0.50 12.01 ? 4   LEU A CD1 1 
ATOM   46   C CD1 B LEU A 1 4   ? 6.351   9.609   -9.984  0.50 9.82  ? 4   LEU A CD1 1 
ATOM   47   C CD2 A LEU A 1 4   ? 8.971   10.021  -9.697  0.50 9.28  ? 4   LEU A CD2 1 
ATOM   48   C CD2 B LEU A 1 4   ? 8.410   8.345   -10.642 0.50 11.86 ? 4   LEU A CD2 1 
ATOM   49   N N   . THR A 1 5   ? 7.451   5.885   -6.614  1.00 4.82  ? 5   THR A N   1 
ATOM   50   C CA  . THR A 1 5   ? 7.356   4.401   -6.600  1.00 6.08  ? 5   THR A CA  1 
ATOM   51   C C   . THR A 1 5   ? 6.297   3.960   -5.558  1.00 5.32  ? 5   THR A C   1 
ATOM   52   O O   . THR A 1 5   ? 5.527   3.026   -5.816  1.00 5.68  ? 5   THR A O   1 
ATOM   53   C CB  . THR A 1 5   ? 8.695   3.759   -6.306  1.00 7.23  ? 5   THR A CB  1 
ATOM   54   O OG1 . THR A 1 5   ? 9.668   4.273   -7.244  1.00 8.00  ? 5   THR A OG1 1 
ATOM   55   C CG2 . THR A 1 5   ? 8.588   2.305   -6.536  1.00 8.53  ? 5   THR A CG2 1 
ATOM   56   N N   . PHE A 1 6   ? 6.238   4.656   -4.418  1.00 4.49  ? 6   PHE A N   1 
ATOM   57   C CA  . PHE A 1 6   ? 5.231   4.336   -3.398  1.00 5.88  ? 6   PHE A CA  1 
ATOM   58   C C   . PHE A 1 6   ? 3.819   4.469   -3.975  1.00 5.38  ? 6   PHE A C   1 
ATOM   59   O O   . PHE A 1 6   ? 2.955   3.611   -3.737  1.00 5.43  ? 6   PHE A O   1 
ATOM   60   C CB  . PHE A 1 6   ? 5.379   5.278   -2.183  1.00 6.46  ? 6   PHE A CB  1 
ATOM   61   C CG  . PHE A 1 6   ? 4.400   4.981   -1.117  1.00 3.47  ? 6   PHE A CG  1 
ATOM   62   C CD1 . PHE A 1 6   ? 4.720   4.194   -0.075  1.00 3.69  ? 6   PHE A CD1 1 
ATOM   63   C CD2 . PHE A 1 6   ? 3.115   5.528   -1.206  1.00 4.19  ? 6   PHE A CD2 1 
ATOM   64   C CE1 . PHE A 1 6   ? 3.775   3.915   0.914   1.00 3.55  ? 6   PHE A CE1 1 
ATOM   65   C CE2 . PHE A 1 6   ? 2.123   5.229   -0.206  1.00 5.00  ? 6   PHE A CE2 1 
ATOM   66   C CZ  . PHE A 1 6   ? 2.477   4.465   0.850   1.00 5.39  ? 6   PHE A CZ  1 
ATOM   67   N N   . GLN A 1 7   ? 3.569   5.509   -4.774  1.00 5.35  ? 7   GLN A N   1 
ATOM   68   C CA  . GLN A 1 7   ? 2.247   5.674   -5.398  1.00 4.86  ? 7   GLN A CA  1 
ATOM   69   C C   . GLN A 1 7   ? 1.945   4.504   -6.314  1.00 5.22  ? 7   GLN A C   1 
ATOM   70   O O   . GLN A 1 7   ? 0.819   3.962   -6.276  1.00 6.89  ? 7   GLN A O   1 
ATOM   71   C CB  . GLN A 1 7   ? 2.170   6.962   -6.243  1.00 5.09  ? 7   GLN A CB  1 
ATOM   72   C CG  . GLN A 1 7   ? 2.151   8.191   -5.329  1.00 5.77  ? 7   GLN A CG  1 
ATOM   73   C CD  . GLN A 1 7   ? 2.325   9.488   -6.139  1.00 6.95  ? 7   GLN A CD  1 
ATOM   74   O OE1 . GLN A 1 7   ? 1.388   9.967   -6.701  1.00 10.90 ? 7   GLN A OE1 1 
ATOM   75   N NE2 . GLN A 1 7   ? 3.544   10.020  -6.200  1.00 5.78  ? 7   GLN A NE2 1 
ATOM   76   N N   . LYS A 1 8   ? 2.943   4.097   -7.106  1.00 4.46  ? 8   LYS A N   1 
ATOM   77   C CA  A LYS A 1 8   ? 2.713   2.973   -8.015  0.50 6.20  ? 8   LYS A CA  1 
ATOM   78   C CA  B LYS A 1 8   ? 2.762   2.977   -8.028  0.50 7.37  ? 8   LYS A CA  1 
ATOM   79   C C   . LYS A 1 8   ? 2.515   1.651   -7.294  1.00 5.94  ? 8   LYS A C   1 
ATOM   80   O O   . LYS A 1 8   ? 1.688   0.792   -7.726  1.00 6.38  ? 8   LYS A O   1 
ATOM   81   C CB  A LYS A 1 8   ? 3.881   2.819   -8.988  0.50 5.81  ? 8   LYS A CB  1 
ATOM   82   C CB  B LYS A 1 8   ? 4.024   2.880   -8.895  0.50 6.69  ? 8   LYS A CB  1 
ATOM   83   C CG  A LYS A 1 8   ? 4.001   3.932   -9.994  0.50 7.11  ? 8   LYS A CG  1 
ATOM   84   C CG  B LYS A 1 8   ? 3.969   1.998   -10.121 0.50 9.87  ? 8   LYS A CG  1 
ATOM   85   C CD  A LYS A 1 8   ? 5.347   3.826   -10.748 0.50 10.22 ? 8   LYS A CD  1 
ATOM   86   C CD  B LYS A 1 8   ? 5.350   2.082   -10.811 0.50 10.98 ? 8   LYS A CD  1 
ATOM   87   C CE  A LYS A 1 8   ? 5.283   4.564   -12.096 0.50 12.44 ? 8   LYS A CE  1 
ATOM   88   C CE  B LYS A 1 8   ? 5.512   1.053   -11.984 0.50 12.76 ? 8   LYS A CE  1 
ATOM   89   N NZ  A LYS A 1 8   ? 4.722   5.930   -11.973 0.50 15.59 ? 8   LYS A NZ  1 
ATOM   90   N NZ  B LYS A 1 8   ? 6.921   0.542   -12.114 0.50 14.28 ? 8   LYS A NZ  1 
ATOM   91   N N   . LYS A 1 9   ? 3.249   1.466   -6.215  1.00 5.45  ? 9   LYS A N   1 
ATOM   92   C CA  A LYS A 1 9   ? 3.207   0.186   -5.509  0.50 5.86  ? 9   LYS A CA  1 
ATOM   93   C CA  B LYS A 1 9   ? 3.232   0.213   -5.466  0.50 6.42  ? 9   LYS A CA  1 
ATOM   94   C C   . LYS A 1 9   ? 2.054   0.087   -4.511  1.00 5.77  ? 9   LYS A C   1 
ATOM   95   O O   . LYS A 1 9   ? 1.590   -1.053  -4.207  1.00 5.55  ? 9   LYS A O   1 
ATOM   96   C CB  A LYS A 1 9   ? 4.518   -0.034  -4.763  0.50 5.90  ? 9   LYS A CB  1 
ATOM   97   C CB  B LYS A 1 9   ? 4.514   0.127   -4.655  0.50 6.64  ? 9   LYS A CB  1 
ATOM   98   C CG  A LYS A 1 9   ? 5.774   -0.276  -5.609  0.50 6.45  ? 9   LYS A CG  1 
ATOM   99   C CG  B LYS A 1 9   ? 5.450   -0.970  -5.076  0.50 10.33 ? 9   LYS A CG  1 
ATOM   100  C CD  A LYS A 1 9   ? 6.965   -0.393  -4.651  0.50 7.65  ? 9   LYS A CD  1 
ATOM   101  C CD  B LYS A 1 9   ? 6.417   -1.298  -3.935  0.50 10.86 ? 9   LYS A CD  1 
ATOM   102  C CE  A LYS A 1 9   ? 8.180   -0.954  -5.343  0.50 11.91 ? 9   LYS A CE  1 
ATOM   103  C CE  B LYS A 1 9   ? 6.481   -2.786  -3.663  0.50 13.48 ? 9   LYS A CE  1 
ATOM   104  N NZ  A LYS A 1 9   ? 9.358   -0.902  -4.404  0.50 9.85  ? 9   LYS A NZ  1 
ATOM   105  N NZ  B LYS A 1 9   ? 5.125   -3.403  -3.364  0.50 6.32  ? 9   LYS A NZ  1 
ATOM   106  N N   . HIS A 1 10  ? 1.581   1.227   -4.003  1.00 3.83  ? 10  HIS A N   1 
ATOM   107  C CA  . HIS A 1 10  ? 0.683   1.130   -2.860  1.00 4.77  ? 10  HIS A CA  1 
ATOM   108  C C   . HIS A 1 10  ? -0.544  2.005   -2.856  1.00 3.92  ? 10  HIS A C   1 
ATOM   109  O O   . HIS A 1 10  ? -1.336  1.980   -1.887  1.00 5.35  ? 10  HIS A O   1 
ATOM   110  C CB  . HIS A 1 10  ? 1.445   1.343   -1.520  1.00 3.74  ? 10  HIS A CB  1 
ATOM   111  C CG  . HIS A 1 10  ? 2.406   0.241   -1.209  1.00 2.38  ? 10  HIS A CG  1 
ATOM   112  N ND1 . HIS A 1 10  ? 2.001   -1.028  -0.825  1.00 2.38  ? 10  HIS A ND1 1 
ATOM   113  C CD2 . HIS A 1 10  ? 3.762   0.205   -1.258  1.00 2.35  ? 10  HIS A CD2 1 
ATOM   114  C CE1 . HIS A 1 10  ? 3.076   -1.779  -0.623  1.00 4.12  ? 10  HIS A CE1 1 
ATOM   115  N NE2 . HIS A 1 10  ? 4.159   -1.061  -0.903  1.00 3.90  ? 10  HIS A NE2 1 
ATOM   116  N N   . ILE A 1 11  ? -0.767  2.779   -3.922  1.00 2.94  ? 11  ILE A N   1 
ATOM   117  C CA  . ILE A 1 11  ? -1.982  3.549   -4.003  1.00 4.72  ? 11  ILE A CA  1 
ATOM   118  C C   . ILE A 1 11  ? -2.812  3.107   -5.201  1.00 5.72  ? 11  ILE A C   1 
ATOM   119  O O   . ILE A 1 11  ? -2.286  2.987   -6.315  1.00 4.85  ? 11  ILE A O   1 
ATOM   120  C CB  . ILE A 1 11  ? -1.668  5.069   -4.083  1.00 5.23  ? 11  ILE A CB  1 
ATOM   121  C CG1 . ILE A 1 11  ? -0.887  5.458   -2.825  1.00 4.05  ? 11  ILE A CG1 1 
ATOM   122  C CG2 . ILE A 1 11  ? -3.025  5.882   -4.118  1.00 6.81  ? 11  ILE A CG2 1 
ATOM   123  C CD1 . ILE A 1 11  ? -0.500  6.934   -2.775  1.00 8.00  ? 11  ILE A CD1 1 
ATOM   124  N N   . THR A 1 12  ? -4.113  2.856   -4.948  1.00 3.42  ? 12  THR A N   1 
ATOM   125  C CA  . THR A 1 12  ? -4.995  2.436   -6.027  1.00 2.83  ? 12  THR A CA  1 
ATOM   126  C C   . THR A 1 12  ? -6.116  3.449   -6.220  1.00 3.87  ? 12  THR A C   1 
ATOM   127  O O   . THR A 1 12  ? -6.716  3.975   -5.250  1.00 5.12  ? 12  THR A O   1 
ATOM   128  C CB  . THR A 1 12  ? -5.614  1.005   -5.777  1.00 4.77  ? 12  THR A CB  1 
ATOM   129  O OG1 . THR A 1 12  ? -6.458  0.665   -6.878  1.00 3.90  ? 12  THR A OG1 1 
ATOM   130  C CG2 . THR A 1 12  ? -6.397  0.876   -4.465  1.00 3.06  ? 12  THR A CG2 1 
ATOM   131  N N   . ASN A 1 13  ? -6.444  3.697   -7.498  1.00 2.51  ? 13  ASN A N   1 
ATOM   132  C CA  . ASN A 1 13  ? -7.576  4.529   -7.827  1.00 3.82  ? 13  ASN A CA  1 
ATOM   133  C C   . ASN A 1 13  ? -8.911  3.793   -7.878  1.00 5.45  ? 13  ASN A C   1 
ATOM   134  O O   . ASN A 1 13  ? -9.984  4.421   -8.074  1.00 8.87  ? 13  ASN A O   1 
ATOM   135  C CB  . ASN A 1 13  ? -7.323  5.210   -9.171  1.00 4.49  ? 13  ASN A CB  1 
ATOM   136  C CG  . ASN A 1 13  ? -6.187  6.160   -9.078  1.00 7.76  ? 13  ASN A CG  1 
ATOM   137  O OD1 . ASN A 1 13  ? -6.300  7.189   -8.370  1.00 9.30  ? 13  ASN A OD1 1 
ATOM   138  N ND2 . ASN A 1 13  ? -5.084  5.880   -9.812  1.00 8.74  ? 13  ASN A ND2 1 
ATOM   139  N N   . THR A 1 14  ? -8.864  2.485   -7.682  1.00 3.79  ? 14  THR A N   1 
ATOM   140  C CA  . THR A 1 14  ? -10.060 1.694   -7.675  1.00 4.85  ? 14  THR A CA  1 
ATOM   141  C C   . THR A 1 14  ? -9.961  0.706   -6.483  1.00 2.89  ? 14  THR A C   1 
ATOM   142  O O   . THR A 1 14  ? -8.902  0.106   -6.202  1.00 4.53  ? 14  THR A O   1 
ATOM   143  C CB  . THR A 1 14  ? -10.251 0.983   -9.024  1.00 6.23  ? 14  THR A CB  1 
ATOM   144  O OG1 . THR A 1 14  ? -11.566 0.425   -9.035  1.00 12.82 ? 14  THR A OG1 1 
ATOM   145  C CG2 . THR A 1 14  ? -9.275  -0.119  -9.256  1.00 5.40  ? 14  THR A CG2 1 
ATOM   146  N N   . ARG A 1 15  ? -11.053 0.539   -5.775  1.00 2.12  ? 15  ARG A N   1 
ATOM   147  C CA  . ARG A 1 15  ? -11.029 -0.337  -4.627  1.00 2.88  ? 15  ARG A CA  1 
ATOM   148  C C   . ARG A 1 15  ? -10.866 -1.805  -5.072  1.00 3.30  ? 15  ARG A C   1 
ATOM   149  O O   . ARG A 1 15  ? -10.253 -2.601  -4.390  1.00 5.88  ? 15  ARG A O   1 
ATOM   150  C CB  . ARG A 1 15  ? -12.336 -0.208  -3.801  1.00 3.76  ? 15  ARG A CB  1 
ATOM   151  C CG  . ARG A 1 15  ? -12.240 -0.884  -2.540  1.00 7.15  ? 15  ARG A CG  1 
ATOM   152  C CD  . ARG A 1 15  ? -11.368 -0.110  -1.611  1.00 7.53  ? 15  ARG A CD  1 
ATOM   153  N NE  . ARG A 1 15  ? -11.159 -0.753  -0.308  1.00 6.07  ? 15  ARG A NE  1 
ATOM   154  C CZ  . ARG A 1 15  ? -12.066 -0.781  0.679   1.00 5.51  ? 15  ARG A CZ  1 
ATOM   155  N NH1 . ARG A 1 15  ? -11.703 -1.326  1.815   1.00 5.20  ? 15  ARG A NH1 1 
ATOM   156  N NH2 . ARG A 1 15  ? -13.293 -0.245  0.571   1.00 7.16  ? 15  ARG A NH2 1 
ATOM   157  N N   . ASP A 1 16  ? -11.498 -2.166  -6.179  1.00 4.36  ? 16  ASP A N   1 
ATOM   158  C CA  . ASP A 1 16  ? -11.553 -3.534  -6.619  1.00 2.88  ? 16  ASP A CA  1 
ATOM   159  C C   . ASP A 1 16  ? -10.299 -3.832  -7.450  1.00 2.81  ? 16  ASP A C   1 
ATOM   160  O O   . ASP A 1 16  ? -10.379 -4.034  -8.668  1.00 3.43  ? 16  ASP A O   1 
ATOM   161  C CB  . ASP A 1 16  ? -12.864 -3.713  -7.418  1.00 4.59  ? 16  ASP A CB  1 
ATOM   162  C CG  . ASP A 1 16  ? -14.076 -3.591  -6.482  1.00 5.55  ? 16  ASP A CG  1 
ATOM   163  O OD1 . ASP A 1 16  ? -13.965 -4.076  -5.337  1.00 9.26  ? 16  ASP A OD1 1 
ATOM   164  O OD2 . ASP A 1 16  ? -15.093 -3.017  -6.891  1.00 9.91  ? 16  ASP A OD2 1 
ATOM   165  N N   . VAL A 1 17  ? -9.170  -3.813  -6.748  1.00 3.36  ? 17  VAL A N   1 
ATOM   166  C CA  . VAL A 1 17  ? -7.896  -4.060  -7.405  1.00 2.77  ? 17  VAL A CA  1 
ATOM   167  C C   . VAL A 1 17  ? -7.967  -5.394  -8.148  1.00 2.10  ? 17  VAL A C   1 
ATOM   168  O O   . VAL A 1 17  ? -8.423  -6.414  -7.617  1.00 3.33  ? 17  VAL A O   1 
ATOM   169  C CB  . VAL A 1 17  ? -6.764  -4.110  -6.361  1.00 2.76  ? 17  VAL A CB  1 
ATOM   170  C CG1 . VAL A 1 17  ? -5.394  -4.456  -7.035  1.00 3.62  ? 17  VAL A CG1 1 
ATOM   171  C CG2 . VAL A 1 17  ? -6.676  -2.785  -5.613  1.00 4.70  ? 17  VAL A CG2 1 
ATOM   172  N N   . ASP A 1 18  ? -7.544  -5.382  -9.419  1.00 2.55  ? 18  ASP A N   1 
ATOM   173  C CA  . ASP A 1 18  ? -7.585  -6.614  -10.227 1.00 2.96  ? 18  ASP A CA  1 
ATOM   174  C C   . ASP A 1 18  ? -6.352  -7.426  -9.941  1.00 3.21  ? 18  ASP A C   1 
ATOM   175  O O   . ASP A 1 18  ? -5.372  -7.434  -10.691 1.00 3.70  ? 18  ASP A O   1 
ATOM   176  C CB  . ASP A 1 18  ? -7.682  -6.218  -11.699 1.00 2.18  ? 18  ASP A CB  1 
ATOM   177  C CG  . ASP A 1 18  ? -8.154  -7.351  -12.571 1.00 6.64  ? 18  ASP A CG  1 
ATOM   178  O OD1 . ASP A 1 18  ? -8.143  -8.506  -12.115 1.00 6.93  ? 18  ASP A OD1 1 
ATOM   179  O OD2 . ASP A 1 18  ? -8.544  -7.054  -13.730 1.00 7.67  ? 18  ASP A OD2 1 
ATOM   180  N N   . CYS A 1 19  ? -6.371  -8.094  -8.791  1.00 3.64  ? 19  CYS A N   1 
ATOM   181  C CA  . CYS A 1 19  ? -5.122  -8.669  -8.238  1.00 3.58  ? 19  CYS A CA  1 
ATOM   182  C C   . CYS A 1 19  ? -4.379  -9.576  -9.207  1.00 3.59  ? 19  CYS A C   1 
ATOM   183  O O   . CYS A 1 19  ? -3.160  -9.517  -9.330  1.00 3.87  ? 19  CYS A O   1 
ATOM   184  C CB  . CYS A 1 19  ? -5.367  -9.479  -6.958  1.00 4.93  ? 19  CYS A CB  1 
ATOM   185  S SG  . CYS A 1 19  ? -6.024  -8.484  -5.626  1.00 4.21  ? 19  CYS A SG  1 
ATOM   186  N N   . ASP A 1 20  ? -5.125  -10.481 -9.866  1.00 4.49  ? 20  ASP A N   1 
ATOM   187  C CA  . ASP A 1 20  ? -4.452  -11.515 -10.667 1.00 3.89  ? 20  ASP A CA  1 
ATOM   188  C C   . ASP A 1 20  ? -3.805  -10.898 -11.880 1.00 5.54  ? 20  ASP A C   1 
ATOM   189  O O   . ASP A 1 20  ? -2.893  -11.456 -12.521 1.00 6.63  ? 20  ASP A O   1 
ATOM   190  C CB  . ASP A 1 20  ? -5.474  -12.552 -11.144 1.00 4.73  ? 20  ASP A CB  1 
ATOM   191  C CG  . ASP A 1 20  ? -6.003  -13.398 -10.063 1.00 8.24  ? 20  ASP A CG  1 
ATOM   192  O OD1 . ASP A 1 20  ? -5.646  -13.163 -8.917  1.00 6.34  ? 20  ASP A OD1 1 
ATOM   193  O OD2 . ASP A 1 20  ? -6.821  -14.301 -10.357 1.00 8.15  ? 20  ASP A OD2 1 
ATOM   194  N N   . ASN A 1 21  ? -4.279  -9.688  -12.206 1.00 5.76  ? 21  ASN A N   1 
ATOM   195  C CA  . ASN A 1 21  ? -3.699  -8.964  -13.283 1.00 6.48  ? 21  ASN A CA  1 
ATOM   196  C C   . ASN A 1 21  ? -2.499  -8.172  -12.761 1.00 6.32  ? 21  ASN A C   1 
ATOM   197  O O   . ASN A 1 21  ? -1.326  -8.472  -13.041 1.00 7.64  ? 21  ASN A O   1 
ATOM   198  C CB  . ASN A 1 21  ? -4.791  -8.016  -13.806 1.00 8.44  ? 21  ASN A CB  1 
ATOM   199  C CG  . ASN A 1 21  ? -4.518  -7.512  -15.164 1.00 12.61 ? 21  ASN A CG  1 
ATOM   200  O OD1 . ASN A 1 21  ? -3.397  -7.359  -15.550 1.00 14.47 ? 21  ASN A OD1 1 
ATOM   201  N ND2 . ASN A 1 21  ? -5.615  -7.164  -15.910 1.00 10.45 ? 21  ASN A ND2 1 
ATOM   202  N N   . ILE A 1 22  ? -2.753  -7.191  -11.888 1.00 5.38  ? 22  ILE A N   1 
ATOM   203  C CA  . ILE A 1 22  ? -1.652  -6.318  -11.439 1.00 5.62  ? 22  ILE A CA  1 
ATOM   204  C C   . ILE A 1 22  ? -0.513  -7.047  -10.715 1.00 6.12  ? 22  ILE A C   1 
ATOM   205  O O   . ILE A 1 22  ? 0.645   -6.717  -10.857 1.00 5.65  ? 22  ILE A O   1 
ATOM   206  C CB  . ILE A 1 22  ? -2.134  -5.099  -10.572 1.00 3.66  ? 22  ILE A CB  1 
ATOM   207  C CG1 . ILE A 1 22  ? -1.053  -4.062  -10.374 1.00 5.76  ? 22  ILE A CG1 1 
ATOM   208  C CG2 . ILE A 1 22  ? -2.757  -5.555  -9.206  1.00 4.94  ? 22  ILE A CG2 1 
ATOM   209  C CD1 . ILE A 1 22  ? -1.632  -2.712  -9.858  1.00 7.72  ? 22  ILE A CD1 1 
ATOM   210  N N   . MET A 1 23  ? -0.839  -8.040  -9.892  1.00 4.87  ? 23  MET A N   1 
ATOM   211  C CA  . MET A 1 23  ? 0.202   -8.723  -9.101  1.00 4.73  ? 23  MET A CA  1 
ATOM   212  C C   . MET A 1 23  ? 1.175   -9.508  -9.997  1.00 6.00  ? 23  MET A C   1 
ATOM   213  O O   . MET A 1 23  ? 2.260   -9.884  -9.521  1.00 6.17  ? 23  MET A O   1 
ATOM   214  C CB  . MET A 1 23  ? -0.398  -9.663  -8.050  1.00 5.15  ? 23  MET A CB  1 
ATOM   215  C CG  . MET A 1 23  ? -1.202  -8.943  -6.953  1.00 5.32  ? 23  MET A CG  1 
ATOM   216  S SD  . MET A 1 23  ? -0.143  -7.893  -5.905  1.00 4.65  ? 23  MET A SD  1 
ATOM   217  C CE  . MET A 1 23  ? 0.715   -9.133  -4.904  1.00 5.32  ? 23  MET A CE  1 
ATOM   218  N N   A SER A 1 24  ? 0.776   -9.713  -11.251 0.50 5.43  ? 24  SER A N   1 
ATOM   219  N N   B SER A 1 24  ? 0.786   -9.758  -11.258 0.50 5.91  ? 24  SER A N   1 
ATOM   220  C CA  A SER A 1 24  ? 1.549   -10.548 -12.141 0.50 6.12  ? 24  SER A CA  1 
ATOM   221  C CA  B SER A 1 24  ? 1.613   -10.568 -12.179 0.50 6.88  ? 24  SER A CA  1 
ATOM   222  C C   A SER A 1 24  ? 2.548   -9.707  -12.950 0.50 6.08  ? 24  SER A C   1 
ATOM   223  C C   B SER A 1 24  ? 2.666   -9.690  -12.880 0.50 6.02  ? 24  SER A C   1 
ATOM   224  O O   A SER A 1 24  ? 3.348   -10.238 -13.704 0.50 7.38  ? 24  SER A O   1 
ATOM   225  O O   B SER A 1 24  ? 3.634   -10.154 -13.471 0.50 5.77  ? 24  SER A O   1 
ATOM   226  C CB  A SER A 1 24  ? 0.596   -11.358 -13.020 0.50 5.45  ? 24  SER A CB  1 
ATOM   227  C CB  B SER A 1 24  ? 0.716   -11.324 -13.180 0.50 6.99  ? 24  SER A CB  1 
ATOM   228  O OG  A SER A 1 24  ? 0.117   -10.557 -14.076 0.50 4.45  ? 24  SER A OG  1 
ATOM   229  O OG  B SER A 1 24  ? 1.418   -12.335 -13.927 0.50 9.54  ? 24  SER A OG  1 
ATOM   230  N N   . THR A 1 25  ? 2.492   -8.387  -12.783 1.00 6.44  ? 25  THR A N   1 
ATOM   231  C CA  . THR A 1 25  ? 3.351   -7.443  -13.545 1.00 6.41  ? 25  THR A CA  1 
ATOM   232  C C   . THR A 1 25  ? 4.726   -7.426  -12.864 1.00 7.06  ? 25  THR A C   1 
ATOM   233  O O   . THR A 1 25  ? 4.827   -7.899  -11.705 1.00 7.14  ? 25  THR A O   1 
ATOM   234  C CB  . THR A 1 25  ? 2.750   -5.976  -13.556 1.00 6.60  ? 25  THR A CB  1 
ATOM   235  O OG1 . THR A 1 25  ? 2.728   -5.478  -12.205 1.00 8.06  ? 25  THR A OG1 1 
ATOM   236  C CG2 . THR A 1 25  ? 1.347   -6.023  -14.203 1.00 7.92  ? 25  THR A CG2 1 
ATOM   237  N N   . ASN A 1 26  ? 5.767   -6.873  -13.500 1.00 6.69  ? 26  ASN A N   1 
ATOM   238  C CA  . ASN A 1 26  ? 7.135   -6.872  -12.922 1.00 7.17  ? 26  ASN A CA  1 
ATOM   239  C C   . ASN A 1 26  ? 7.199   -6.253  -11.546 1.00 6.53  ? 26  ASN A C   1 
ATOM   240  O O   . ASN A 1 26  ? 7.914   -6.724  -10.698 1.00 8.11  ? 26  ASN A O   1 
ATOM   241  C CB  . ASN A 1 26  ? 8.123   -6.095  -13.793 1.00 7.99  ? 26  ASN A CB  1 
ATOM   242  C CG  . ASN A 1 26  ? 8.476   -6.821  -15.039 1.00 8.86  ? 26  ASN A CG  1 
ATOM   243  O OD1 . ASN A 1 26  ? 7.957   -7.903  -15.317 1.00 7.14  ? 26  ASN A OD1 1 
ATOM   244  N ND2 . ASN A 1 26  ? 9.397   -6.224  -15.822 1.00 13.47 ? 26  ASN A ND2 1 
ATOM   245  N N   . LEU A 1 27  ? 6.412   -5.195  -11.317 1.00 7.95  ? 27  LEU A N   1 
ATOM   246  C CA  . LEU A 1 27  ? 6.471   -4.483  -10.038 1.00 9.86  ? 27  LEU A CA  1 
ATOM   247  C C   . LEU A 1 27  ? 6.225   -5.374  -8.860  1.00 8.10  ? 27  LEU A C   1 
ATOM   248  O O   . LEU A 1 27  ? 6.847   -5.195  -7.822  1.00 9.91  ? 27  LEU A O   1 
ATOM   249  C CB  . LEU A 1 27  ? 5.439   -3.355  -10.053 1.00 10.56 ? 27  LEU A CB  1 
ATOM   250  C CG  . LEU A 1 27  ? 5.560   -2.291  -8.952  1.00 13.18 ? 27  LEU A CG  1 
ATOM   251  C CD1 . LEU A 1 27  ? 6.957   -1.717  -8.820  1.00 17.74 ? 27  LEU A CD1 1 
ATOM   252  C CD2 . LEU A 1 27  ? 4.493   -1.175  -9.216  1.00 12.62 ? 27  LEU A CD2 1 
ATOM   253  N N   . PHE A 1 28  ? 5.332   -6.354  -9.005  1.00 7.40  ? 28  PHE A N   1 
ATOM   254  C CA  . PHE A 1 28  ? 4.957   -7.177  -7.891  1.00 5.98  ? 28  PHE A CA  1 
ATOM   255  C C   . PHE A 1 28  ? 5.376   -8.615  -8.054  1.00 6.13  ? 28  PHE A C   1 
ATOM   256  O O   . PHE A 1 28  ? 5.453   -9.330  -7.039  1.00 6.46  ? 28  PHE A O   1 
ATOM   257  C CB  . PHE A 1 28  ? 3.439   -7.114  -7.735  1.00 6.67  ? 28  PHE A CB  1 
ATOM   258  C CG  . PHE A 1 28  ? 2.946   -5.716  -7.464  1.00 5.88  ? 28  PHE A CG  1 
ATOM   259  C CD1 . PHE A 1 28  ? 3.124   -5.130  -6.203  1.00 6.08  ? 28  PHE A CD1 1 
ATOM   260  C CD2 . PHE A 1 28  ? 2.322   -4.990  -8.495  1.00 7.08  ? 28  PHE A CD2 1 
ATOM   261  C CE1 . PHE A 1 28  ? 2.693   -3.849  -5.982  1.00 7.40  ? 28  PHE A CE1 1 
ATOM   262  C CE2 . PHE A 1 28  ? 1.852   -3.677  -8.253  1.00 10.77 ? 28  PHE A CE2 1 
ATOM   263  C CZ  . PHE A 1 28  ? 2.039   -3.131  -7.005  1.00 7.31  ? 28  PHE A CZ  1 
ATOM   264  N N   . HIS A 1 29  ? 5.629   -9.015  -9.307  1.00 5.62  ? 29  HIS A N   1 
ATOM   265  C CA  . HIS A 1 29  ? 6.241   -10.329 -9.670  1.00 6.26  ? 29  HIS A CA  1 
ATOM   266  C C   . HIS A 1 29  ? 5.656   -11.514 -8.875  1.00 6.45  ? 29  HIS A C   1 
ATOM   267  O O   . HIS A 1 29  ? 6.407   -12.381 -8.400  1.00 6.10  ? 29  HIS A O   1 
ATOM   268  C CB  . HIS A 1 29  ? 7.783   -10.272 -9.652  1.00 7.61  ? 29  HIS A CB  1 
ATOM   269  C CG  . HIS A 1 29  ? 8.331   -9.817  -8.354  1.00 7.90  ? 29  HIS A CG  1 
ATOM   270  N ND1 . HIS A 1 29  ? 8.637   -10.704 -7.340  1.00 10.17 ? 29  HIS A ND1 1 
ATOM   271  C CD2 . HIS A 1 29  ? 8.597   -8.582  -7.875  1.00 11.66 ? 29  HIS A CD2 1 
ATOM   272  C CE1 . HIS A 1 29  ? 9.062   -10.018 -6.291  1.00 14.57 ? 29  HIS A CE1 1 
ATOM   273  N NE2 . HIS A 1 29  ? 9.059   -8.733  -6.601  1.00 13.35 ? 29  HIS A NE2 1 
ATOM   274  N N   . CYS A 1 30  ? 4.321   -11.589 -8.754  1.00 4.55  ? 30  CYS A N   1 
ATOM   275  C CA  . CYS A 1 30  ? 3.656   -12.743 -8.152  1.00 4.68  ? 30  CYS A CA  1 
ATOM   276  C C   . CYS A 1 30  ? 3.997   -12.941 -6.687  1.00 4.16  ? 30  CYS A C   1 
ATOM   277  O O   . CYS A 1 30  ? 3.924   -14.044 -6.227  1.00 6.44  ? 30  CYS A O   1 
ATOM   278  C CB  . CYS A 1 30  ? 3.839   -14.039 -8.960  1.00 4.27  ? 30  CYS A CB  1 
ATOM   279  S SG  . CYS A 1 30  ? 3.178   -13.867 -10.646 1.00 6.05  ? 30  CYS A SG  1 
ATOM   280  N N   . LYS A 1 31  ? 4.325   -11.884 -5.959  1.00 3.71  ? 31  LYS A N   1 
ATOM   281  C CA  A LYS A 1 31  ? 4.618   -11.998 -4.532  0.25 3.52  ? 31  LYS A CA  1 
ATOM   282  C CA  B LYS A 1 31  ? 4.639   -12.044 -4.543  0.25 3.47  ? 31  LYS A CA  1 
ATOM   283  C CA  C LYS A 1 31  ? 4.621   -12.001 -4.538  0.50 3.95  ? 31  LYS A CA  1 
ATOM   284  C C   . LYS A 1 31  ? 3.375   -12.372 -3.748  1.00 3.85  ? 31  LYS A C   1 
ATOM   285  O O   . LYS A 1 31  ? 2.260   -12.294 -4.266  1.00 5.08  ? 31  LYS A O   1 
ATOM   286  C CB  A LYS A 1 31  ? 5.220   -10.701 -3.986  0.25 4.14  ? 31  LYS A CB  1 
ATOM   287  C CB  B LYS A 1 31  ? 5.413   -10.833 -3.981  0.25 4.16  ? 31  LYS A CB  1 
ATOM   288  C CB  C LYS A 1 31  ? 5.262   -10.706 -4.007  0.50 5.24  ? 31  LYS A CB  1 
ATOM   289  C CG  A LYS A 1 31  ? 6.691   -10.523 -4.319  0.25 2.00  ? 31  LYS A CG  1 
ATOM   290  C CG  B LYS A 1 31  ? 4.604   -9.558  -3.855  0.25 2.98  ? 31  LYS A CG  1 
ATOM   291  C CG  C LYS A 1 31  ? 4.324   -9.516  -3.967  0.50 4.64  ? 31  LYS A CG  1 
ATOM   292  C CD  A LYS A 1 31  ? 7.309   -9.302  -3.577  0.25 4.49  ? 31  LYS A CD  1 
ATOM   293  C CD  B LYS A 1 31  ? 5.454   -8.309  -4.107  0.25 4.02  ? 31  LYS A CD  1 
ATOM   294  C CD  C LYS A 1 31  ? 5.059   -8.190  -3.762  0.50 6.58  ? 31  LYS A CD  1 
ATOM   295  C CE  A LYS A 1 31  ? 6.639   -7.981  -3.923  0.25 4.12  ? 31  LYS A CE  1 
ATOM   296  C CE  B LYS A 1 31  ? 4.631   -7.051  -3.884  0.25 2.46  ? 31  LYS A CE  1 
ATOM   297  C CE  C LYS A 1 31  ? 6.028   -8.259  -2.582  0.50 8.24  ? 31  LYS A CE  1 
ATOM   298  N NZ  A LYS A 1 31  ? 5.560   -7.577  -2.961  0.25 8.02  ? 31  LYS A NZ  1 
ATOM   299  N NZ  B LYS A 1 31  ? 4.375   -6.842  -2.444  0.25 3.84  ? 31  LYS A NZ  1 
ATOM   300  N NZ  C LYS A 1 31  ? 5.307   -8.260  -1.275  0.50 10.59 ? 31  LYS A NZ  1 
ATOM   301  N N   . ASP A 1 32  ? 3.543   -12.774 -2.479  1.00 3.72  ? 32  ASP A N   1 
ATOM   302  C CA  . ASP A 1 32  ? 2.398   -13.328 -1.722  1.00 4.74  ? 32  ASP A CA  1 
ATOM   303  C C   . ASP A 1 32  ? 1.352   -12.321 -1.301  1.00 3.89  ? 32  ASP A C   1 
ATOM   304  O O   . ASP A 1 32  ? 0.226   -12.709 -0.998  1.00 5.46  ? 32  ASP A O   1 
ATOM   305  C CB  . ASP A 1 32  ? 2.879   -13.981 -0.423  1.00 4.55  ? 32  ASP A CB  1 
ATOM   306  C CG  . ASP A 1 32  ? 3.423   -15.389 -0.617  1.00 9.96  ? 32  ASP A CG  1 
ATOM   307  O OD1 . ASP A 1 32  ? 3.606   -15.860 -1.733  1.00 7.09  ? 32  ASP A OD1 1 
ATOM   308  O OD2 . ASP A 1 32  ? 3.626   -16.056 0.459   1.00 11.06 ? 32  ASP A OD2 1 
ATOM   309  N N   . LYS A 1 33  ? 1.730   -11.052 -1.179  1.00 3.51  ? 33  LYS A N   1 
ATOM   310  C CA  . LYS A 1 33  ? 0.774   -10.074 -0.666  1.00 3.66  ? 33  LYS A CA  1 
ATOM   311  C C   . LYS A 1 33  ? 1.163   -8.701  -1.171  1.00 4.16  ? 33  LYS A C   1 
ATOM   312  O O   . LYS A 1 33  ? 2.351   -8.422  -1.496  1.00 3.80  ? 33  LYS A O   1 
ATOM   313  C CB  . LYS A 1 33  ? 0.801   -10.099 0.874   1.00 3.95  ? 33  LYS A CB  1 
ATOM   314  C CG  . LYS A 1 33  ? 2.132   -9.624  1.549   1.00 7.18  ? 33  LYS A CG  1 
ATOM   315  C CD  . LYS A 1 33  ? 2.142   -8.097  1.832   1.00 8.94  ? 33  LYS A CD  1 
ATOM   316  C CE  . LYS A 1 33  ? 1.027   -7.671  2.808   1.00 9.31  ? 33  LYS A CE  1 
ATOM   317  N NZ  . LYS A 1 33  ? 1.369   -8.185  4.215   1.00 7.48  ? 33  LYS A NZ  1 
ATOM   318  N N   . ASN A 1 34  ? 0.164   -7.816  -1.211  1.00 3.63  ? 34  ASN A N   1 
ATOM   319  C CA  . ASN A 1 34  ? 0.443   -6.395  -1.385  1.00 3.59  ? 34  ASN A CA  1 
ATOM   320  C C   . ASN A 1 34  ? -0.768  -5.644  -0.898  1.00 3.18  ? 34  ASN A C   1 
ATOM   321  O O   . ASN A 1 34  ? -1.886  -5.954  -1.295  1.00 3.73  ? 34  ASN A O   1 
ATOM   322  C CB  . ASN A 1 34  ? 0.761   -5.982  -2.822  1.00 2.87  ? 34  ASN A CB  1 
ATOM   323  C CG  . ASN A 1 34  ? 1.375   -4.570  -2.892  1.00 4.94  ? 34  ASN A CG  1 
ATOM   324  O OD1 . ASN A 1 34  ? 2.578   -4.392  -2.579  1.00 5.44  ? 34  ASN A OD1 1 
ATOM   325  N ND2 . ASN A 1 34  ? 0.576   -3.574  -3.280  1.00 4.07  ? 34  ASN A ND2 1 
ATOM   326  N N   . THR A 1 35  ? -0.503  -4.651  -0.039  1.00 3.69  ? 35  THR A N   1 
ATOM   327  C CA  . THR A 1 35  ? -1.524  -3.762  0.476   1.00 2.76  ? 35  THR A CA  1 
ATOM   328  C C   . THR A 1 35  ? -1.596  -2.507  -0.360  1.00 2.88  ? 35  THR A C   1 
ATOM   329  O O   . THR A 1 35  ? -0.596  -1.794  -0.509  1.00 2.29  ? 35  THR A O   1 
ATOM   330  C CB  . THR A 1 35  ? -1.300  -3.448  1.942   1.00 4.29  ? 35  THR A CB  1 
ATOM   331  O OG1 . THR A 1 35  ? -1.108  -4.656  2.700   1.00 3.81  ? 35  THR A OG1 1 
ATOM   332  C CG2 . THR A 1 35  ? -2.495  -2.715  2.532   1.00 3.45  ? 35  THR A CG2 1 
ATOM   333  N N   . PHE A 1 36  ? -2.788  -2.223  -0.895  1.00 2.62  ? 36  PHE A N   1 
ATOM   334  C CA  . PHE A 1 36  ? -3.041  -1.005  -1.624  1.00 2.64  ? 36  PHE A CA  1 
ATOM   335  C C   . PHE A 1 36  ? -3.991  -0.108  -0.812  1.00 2.60  ? 36  PHE A C   1 
ATOM   336  O O   . PHE A 1 36  ? -4.922  -0.589  -0.111  1.00 2.38  ? 36  PHE A O   1 
ATOM   337  C CB  . PHE A 1 36  ? -3.750  -1.279  -2.976  1.00 2.43  ? 36  PHE A CB  1 
ATOM   338  C CG  . PHE A 1 36  ? -2.931  -2.134  -3.953  1.00 2.88  ? 36  PHE A CG  1 
ATOM   339  C CD1 . PHE A 1 36  ? -3.018  -3.543  -3.903  1.00 2.58  ? 36  PHE A CD1 1 
ATOM   340  C CD2 . PHE A 1 36  ? -2.140  -1.555  -4.923  1.00 3.90  ? 36  PHE A CD2 1 
ATOM   341  C CE1 . PHE A 1 36  ? -2.290  -4.344  -4.799  1.00 4.86  ? 36  PHE A CE1 1 
ATOM   342  C CE2 . PHE A 1 36  ? -1.419  -2.368  -5.783  1.00 4.33  ? 36  PHE A CE2 1 
ATOM   343  C CZ  . PHE A 1 36  ? -1.531  -3.747  -5.719  1.00 3.09  ? 36  PHE A CZ  1 
ATOM   344  N N   . ILE A 1 37  ? -3.754  1.197   -0.915  1.00 2.62  ? 37  ILE A N   1 
ATOM   345  C CA  . ILE A 1 37  ? -4.517  2.250   -0.242  1.00 2.00  ? 37  ILE A CA  1 
ATOM   346  C C   . ILE A 1 37  ? -5.406  2.901   -1.281  1.00 2.49  ? 37  ILE A C   1 
ATOM   347  O O   . ILE A 1 37  ? -4.912  3.378   -2.323  1.00 2.54  ? 37  ILE A O   1 
ATOM   348  C CB  . ILE A 1 37  ? -3.596  3.340   0.373   1.00 2.00  ? 37  ILE A CB  1 
ATOM   349  C CG1 . ILE A 1 37  ? -2.500  2.704   1.289   1.00 2.00  ? 37  ILE A CG1 1 
ATOM   350  C CG2 . ILE A 1 37  ? -4.474  4.393   1.102   1.00 2.60  ? 37  ILE A CG2 1 
ATOM   351  C CD1 . ILE A 1 37  ? -1.206  3.582   1.255   1.00 3.55  ? 37  ILE A CD1 1 
ATOM   352  N N   . TYR A 1 38  ? -6.725  2.872   -1.031  1.00 2.89  ? 38  TYR A N   1 
ATOM   353  C CA  . TYR A 1 38  ? -7.684  3.430   -1.986  1.00 3.40  ? 38  TYR A CA  1 
ATOM   354  C C   . TYR A 1 38  ? -7.916  4.907   -1.644  1.00 2.72  ? 38  TYR A C   1 
ATOM   355  O O   . TYR A 1 38  ? -8.703  5.242   -0.779  1.00 4.72  ? 38  TYR A O   1 
ATOM   356  C CB  . TYR A 1 38  ? -8.999  2.624   -1.919  1.00 3.52  ? 38  TYR A CB  1 
ATOM   357  C CG  . TYR A 1 38  ? -10.174 3.219   -2.680  1.00 4.43  ? 38  TYR A CG  1 
ATOM   358  C CD1 . TYR A 1 38  ? -10.100 3.589   -4.019  1.00 4.15  ? 38  TYR A CD1 1 
ATOM   359  C CD2 . TYR A 1 38  ? -11.336 3.449   -2.001  1.00 9.23  ? 38  TYR A CD2 1 
ATOM   360  C CE1 . TYR A 1 38  ? -11.182 4.124   -4.705  1.00 7.07  ? 38  TYR A CE1 1 
ATOM   361  C CE2 . TYR A 1 38  ? -12.464 3.950   -2.622  1.00 8.71  ? 38  TYR A CE2 1 
ATOM   362  C CZ  . TYR A 1 38  ? -12.392 4.313   -3.971  1.00 8.00  ? 38  TYR A CZ  1 
ATOM   363  O OH  . TYR A 1 38  ? -13.529 4.837   -4.578  1.00 11.03 ? 38  TYR A OH  1 
ATOM   364  N N   . SER A 1 39  ? -7.238  5.772   -2.365  1.00 3.70  ? 39  SER A N   1 
ATOM   365  C CA  . SER A 1 39  ? -7.253  7.222   -2.182  1.00 4.13  ? 39  SER A CA  1 
ATOM   366  C C   . SER A 1 39  ? -6.577  7.888   -3.397  1.00 4.18  ? 39  SER A C   1 
ATOM   367  O O   . SER A 1 39  ? -5.715  7.288   -4.025  1.00 5.83  ? 39  SER A O   1 
ATOM   368  C CB  . SER A 1 39  ? -6.400  7.510   -0.929  1.00 4.75  ? 39  SER A CB  1 
ATOM   369  O OG  . SER A 1 39  ? -6.386  8.903   -0.603  1.00 6.30  ? 39  SER A OG  1 
ATOM   370  N N   . ARG A 1 40  ? -6.930  9.170   -3.656  1.00 6.11  ? 40  ARG A N   1 
ATOM   371  C CA  . ARG A 1 40  ? -6.023  9.996   -4.484  1.00 5.83  ? 40  ARG A CA  1 
ATOM   372  C C   . ARG A 1 40  ? -4.771  10.306  -3.656  1.00 5.73  ? 40  ARG A C   1 
ATOM   373  O O   . ARG A 1 40  ? -4.708  10.073  -2.410  1.00 6.04  ? 40  ARG A O   1 
ATOM   374  C CB  . ARG A 1 40  ? -6.706  11.272  -4.888  1.00 6.19  ? 40  ARG A CB  1 
ATOM   375  C CG  . ARG A 1 40  ? -7.013  12.202  -3.743  1.00 6.08  ? 40  ARG A CG  1 
ATOM   376  C CD  . ARG A 1 40  ? -7.741  13.465  -4.332  1.00 6.79  ? 40  ARG A CD  1 
ATOM   377  N NE  . ARG A 1 40  ? -8.066  14.397  -3.249  1.00 6.96  ? 40  ARG A NE  1 
ATOM   378  C CZ  . ARG A 1 40  ? -7.352  15.476  -2.946  1.00 7.14  ? 40  ARG A CZ  1 
ATOM   379  N NH1 . ARG A 1 40  ? -7.732  16.256  -1.911  1.00 7.18  ? 40  ARG A NH1 1 
ATOM   380  N NH2 . ARG A 1 40  ? -6.192  15.768  -3.578  1.00 6.59  ? 40  ARG A NH2 1 
ATOM   381  N N   . PRO A 1 41  ? -3.705  10.665  -4.354  1.00 7.37  ? 41  PRO A N   1 
ATOM   382  C CA  . PRO A 1 41  ? -2.396  10.765  -3.699  1.00 6.55  ? 41  PRO A CA  1 
ATOM   383  C C   . PRO A 1 41  ? -2.266  11.778  -2.589  1.00 6.00  ? 41  PRO A C   1 
ATOM   384  O O   . PRO A 1 41  ? -1.632  11.435  -1.587  1.00 4.89  ? 41  PRO A O   1 
ATOM   385  C CB  . PRO A 1 41  ? -1.408  11.046  -4.884  1.00 8.14  ? 41  PRO A CB  1 
ATOM   386  C CG  . PRO A 1 41  ? -2.134  10.464  -6.092  1.00 8.32  ? 41  PRO A CG  1 
ATOM   387  C CD  . PRO A 1 41  ? -3.599  10.777  -5.839  1.00 5.55  ? 41  PRO A CD  1 
ATOM   388  N N   . GLU A 1 42  ? -2.904  12.945  -2.668  0.80 4.12  ? 42  GLU A N   1 
ATOM   389  C CA  . GLU A 1 42  ? -2.486  14.020  -1.762  0.80 4.93  ? 42  GLU A CA  1 
ATOM   390  C C   . GLU A 1 42  ? -2.811  13.691  -0.280  0.80 3.75  ? 42  GLU A C   1 
ATOM   391  O O   . GLU A 1 42  ? -1.995  13.940  0.577   0.80 2.93  ? 42  GLU A O   1 
ATOM   392  C CB  . GLU A 1 42  ? -3.082  15.381  -2.174  0.80 5.47  ? 42  GLU A CB  1 
ATOM   393  C CG  . GLU A 1 42  ? -2.690  16.528  -1.190  0.80 9.64  ? 42  GLU A CG  1 
ATOM   394  C CD  . GLU A 1 42  ? -3.619  16.658  0.059   0.80 7.43  ? 42  GLU A CD  1 
ATOM   395  O OE1 . GLU A 1 42  ? -3.388  17.552  0.921   0.80 18.70 ? 42  GLU A OE1 1 
ATOM   396  O OE2 . GLU A 1 42  ? -4.609  15.960  0.190   0.80 8.15  ? 42  GLU A OE2 1 
ATOM   397  N N   . PRO A 1 43  ? -4.005  13.134  0.040   1.00 5.02  ? 43  PRO A N   1 
ATOM   398  C CA  . PRO A 1 43  ? -4.260  12.831  1.476   1.00 4.67  ? 43  PRO A CA  1 
ATOM   399  C C   . PRO A 1 43  ? -3.343  11.780  2.036   1.00 4.21  ? 43  PRO A C   1 
ATOM   400  O O   . PRO A 1 43  ? -3.114  11.706  3.264   1.00 5.81  ? 43  PRO A O   1 
ATOM   401  C CB  . PRO A 1 43  ? -5.768  12.479  1.503   1.00 5.87  ? 43  PRO A CB  1 
ATOM   402  C CG  . PRO A 1 43  ? -6.340  13.133  0.290   1.00 6.04  ? 43  PRO A CG  1 
ATOM   403  C CD  . PRO A 1 43  ? -5.242  12.955  -0.772  1.00 6.95  ? 43  PRO A CD  1 
ATOM   404  N N   . VAL A 1 44  ? -2.828  10.933  1.161   1.00 3.45  ? 44  VAL A N   1 
ATOM   405  C CA  . VAL A 1 44  ? -1.782  9.992   1.596   1.00 3.24  ? 44  VAL A CA  1 
ATOM   406  C C   . VAL A 1 44  ? -0.438  10.716  1.758   1.00 4.21  ? 44  VAL A C   1 
ATOM   407  O O   . VAL A 1 44  ? 0.247   10.494  2.750   1.00 5.22  ? 44  VAL A O   1 
ATOM   408  C CB  . VAL A 1 44  ? -1.657  8.779   0.583   1.00 3.41  ? 44  VAL A CB  1 
ATOM   409  C CG1 . VAL A 1 44  ? -0.558  7.767   1.005   1.00 4.31  ? 44  VAL A CG1 1 
ATOM   410  C CG2 . VAL A 1 44  ? -2.982  8.055   0.420   1.00 4.54  ? 44  VAL A CG2 1 
ATOM   411  N N   . LYS A 1 45  ? -0.050  11.595  0.828   1.00 3.42  ? 45  LYS A N   1 
ATOM   412  C CA  . LYS A 1 45  ? 1.190   12.334  1.015   1.00 4.38  ? 45  LYS A CA  1 
ATOM   413  C C   . LYS A 1 45  ? 1.178   13.104  2.312   1.00 4.33  ? 45  LYS A C   1 
ATOM   414  O O   . LYS A 1 45  ? 2.216   13.197  2.984   1.00 3.84  ? 45  LYS A O   1 
ATOM   415  C CB  . LYS A 1 45  ? 1.437   13.300  -0.152  1.00 3.47  ? 45  LYS A CB  1 
ATOM   416  C CG  . LYS A 1 45  ? 2.904   13.638  -0.272  1.00 5.15  ? 45  LYS A CG  1 
ATOM   417  C CD  . LYS A 1 45  ? 3.164   14.654  -1.379  1.00 6.16  ? 45  LYS A CD  1 
ATOM   418  C CE  . LYS A 1 45  ? 4.659   14.880  -1.569  1.00 10.83 ? 45  LYS A CE  1 
ATOM   419  N NZ  . LYS A 1 45  ? 4.863   16.144  -2.389  1.00 13.53 ? 45  LYS A NZ  1 
ATOM   420  N N   . ALA A 1 46  ? 0.007   13.637  2.649   1.00 4.68  ? 46  ALA A N   1 
ATOM   421  C CA  . ALA A 1 46  ? -0.172  14.519  3.795   1.00 4.24  ? 46  ALA A CA  1 
ATOM   422  C C   . ALA A 1 46  ? 0.165   13.803  5.133   1.00 3.98  ? 46  ALA A C   1 
ATOM   423  O O   . ALA A 1 46  ? 0.490   14.486  6.138   1.00 4.51  ? 46  ALA A O   1 
ATOM   424  C CB  . ALA A 1 46  ? -1.592  15.073  3.800   1.00 5.01  ? 46  ALA A CB  1 
ATOM   425  N N   . ILE A 1 47  ? 0.105   12.458  5.157   1.00 2.64  ? 47  ILE A N   1 
ATOM   426  C CA  . ILE A 1 47  ? 0.521   11.724  6.371   1.00 4.40  ? 47  ILE A CA  1 
ATOM   427  C C   . ILE A 1 47  ? 1.906   12.203  6.823   1.00 3.91  ? 47  ILE A C   1 
ATOM   428  O O   . ILE A 1 47  ? 2.187   12.254  8.029   1.00 4.00  ? 47  ILE A O   1 
ATOM   429  C CB  . ILE A 1 47  ? 0.608   10.235  6.066   1.00 3.42  ? 47  ILE A CB  1 
ATOM   430  C CG1 . ILE A 1 47  ? -0.808  9.715   5.776   1.00 5.51  ? 47  ILE A CG1 1 
ATOM   431  C CG2 . ILE A 1 47  ? 1.265   9.435   7.202   1.00 5.62  ? 47  ILE A CG2 1 
ATOM   432  C CD1 . ILE A 1 47  ? -0.832  8.376   5.040   1.00 4.01  ? 47  ILE A CD1 1 
ATOM   433  N N   . CYS A 1 48  ? 2.764   12.556  5.848   1.00 2.63  ? 48  CYS A N   1 
ATOM   434  C CA  . CYS A 1 48  ? 4.157   12.807  6.162   1.00 3.06  ? 48  CYS A CA  1 
ATOM   435  C C   . CYS A 1 48  ? 4.568   14.248  6.295   1.00 4.09  ? 48  CYS A C   1 
ATOM   436  O O   . CYS A 1 48  ? 5.757   14.568  6.356   1.00 3.80  ? 48  CYS A O   1 
ATOM   437  C CB  . CYS A 1 48  ? 5.027   12.139  5.129   1.00 4.17  ? 48  CYS A CB  1 
ATOM   438  S SG  . CYS A 1 48  ? 4.941   10.272  5.193   1.00 4.14  ? 48  CYS A SG  1 
ATOM   439  N N   . LYS A 1 49  ? 3.576   15.140  6.210   1.00 3.63  ? 49  LYS A N   1 
ATOM   440  C CA  . LYS A 1 49  ? 3.880   16.569  6.190   1.00 3.19  ? 49  LYS A CA  1 
ATOM   441  C C   . LYS A 1 49  ? 4.817   16.921  7.389   1.00 3.57  ? 49  LYS A C   1 
ATOM   442  O O   . LYS A 1 49  ? 4.537   16.547  8.525   1.00 3.91  ? 49  LYS A O   1 
ATOM   443  C CB  . LYS A 1 49  ? 2.585   17.382  6.256   1.00 4.25  ? 49  LYS A CB  1 
ATOM   444  C CG  . LYS A 1 49  ? 2.809   18.939  6.304   1.00 6.62  ? 49  LYS A CG  1 
ATOM   445  C CD  . LYS A 1 49  ? 3.289   19.415  4.979   1.00 7.99  ? 49  LYS A CD  1 
ATOM   446  C CE  . LYS A 1 49  ? 3.718   20.881  5.091   1.00 11.37 ? 49  LYS A CE  1 
ATOM   447  N NZ  . LYS A 1 49  ? 5.004   21.116  5.860   1.00 10.93 ? 49  LYS A NZ  1 
ATOM   448  N N   . GLY A 1 50  ? 5.900   17.641  7.104   1.00 3.43  ? 50  GLY A N   1 
ATOM   449  C CA  . GLY A 1 50  ? 6.800   18.218  8.124   1.00 3.63  ? 50  GLY A CA  1 
ATOM   450  C C   . GLY A 1 50  ? 7.925   17.279  8.543   1.00 2.64  ? 50  GLY A C   1 
ATOM   451  O O   . GLY A 1 50  ? 8.829   17.707  9.236   1.00 3.54  ? 50  GLY A O   1 
ATOM   452  N N   . ILE A 1 51  ? 7.887   16.017  8.123   1.00 2.61  ? 51  ILE A N   1 
ATOM   453  C CA  . ILE A 1 51  ? 8.818   15.016  8.635   1.00 3.61  ? 51  ILE A CA  1 
ATOM   454  C C   . ILE A 1 51  ? 10.019  14.926  7.665   1.00 4.29  ? 51  ILE A C   1 
ATOM   455  O O   . ILE A 1 51  ? 9.844   14.515  6.488   1.00 3.59  ? 51  ILE A O   1 
ATOM   456  C CB  . ILE A 1 51  ? 8.121   13.648  8.814   1.00 4.01  ? 51  ILE A CB  1 
ATOM   457  C CG1 . ILE A 1 51  ? 7.088   13.784  9.940   1.00 4.81  ? 51  ILE A CG1 1 
ATOM   458  C CG2 . ILE A 1 51  ? 9.189   12.623  9.251   1.00 4.58  ? 51  ILE A CG2 1 
ATOM   459  C CD1 . ILE A 1 51  ? 6.104   12.675  10.075  1.00 7.43  ? 51  ILE A CD1 1 
ATOM   460  N N   . ILE A 1 52  ? 11.222  15.310  8.097   1.00 2.68  ? 52  ILE A N   1 
ATOM   461  C CA  . ILE A 1 52  ? 12.363  15.357  7.185   1.00 3.42  ? 52  ILE A CA  1 
ATOM   462  C C   . ILE A 1 52  ? 13.174  14.066  7.171   1.00 4.18  ? 52  ILE A C   1 
ATOM   463  O O   . ILE A 1 52  ? 13.179  13.345  6.187   1.00 3.96  ? 52  ILE A O   1 
ATOM   464  C CB  . ILE A 1 52  ? 13.254  16.620  7.472   1.00 3.19  ? 52  ILE A CB  1 
ATOM   465  C CG1 . ILE A 1 52  ? 12.432  17.927  7.419   1.00 3.15  ? 52  ILE A CG1 1 
ATOM   466  C CG2 . ILE A 1 52  ? 14.450  16.634  6.486   1.00 3.77  ? 52  ILE A CG2 1 
ATOM   467  C CD1 . ILE A 1 52  ? 11.628  18.058  6.137   1.00 4.65  ? 52  ILE A CD1 1 
ATOM   468  N N   . ALA A 1 53  ? 13.828  13.752  8.278   1.00 2.60  ? 53  ALA A N   1 
ATOM   469  C CA  . ALA A 1 53  ? 14.609  12.501  8.371   1.00 2.59  ? 53  ALA A CA  1 
ATOM   470  C C   . ALA A 1 53  ? 13.673  11.283  8.377   1.00 3.81  ? 53  ALA A C   1 
ATOM   471  O O   . ALA A 1 53  ? 12.564  11.344  8.897   1.00 3.18  ? 53  ALA A O   1 
ATOM   472  C CB  . ALA A 1 53  ? 15.469  12.506  9.628   1.00 2.47  ? 53  ALA A CB  1 
ATOM   473  N N   . SER A 1 54  ? 14.129  10.208  7.767   1.00 3.71  ? 54  SER A N   1 
ATOM   474  C CA  A SER A 1 54  ? 13.352  8.952   7.708   0.50 3.58  ? 54  SER A CA  1 
ATOM   475  C CA  B SER A 1 54  ? 13.304  8.975   7.694   0.50 4.16  ? 54  SER A CA  1 
ATOM   476  C C   . SER A 1 54  ? 12.745  8.595   9.059   1.00 4.20  ? 54  SER A C   1 
ATOM   477  O O   . SER A 1 54  ? 13.484  8.509   10.031  1.00 3.92  ? 54  SER A O   1 
ATOM   478  C CB  A SER A 1 54  ? 14.281  7.807   7.254   0.50 4.79  ? 54  SER A CB  1 
ATOM   479  C CB  B SER A 1 54  ? 14.092  7.781   7.100   0.50 4.87  ? 54  SER A CB  1 
ATOM   480  O OG  A SER A 1 54  ? 13.549  6.721   6.731   0.50 4.64  ? 54  SER A OG  1 
ATOM   481  O OG  B SER A 1 54  ? 14.510  8.029   5.771   0.50 9.94  ? 54  SER A OG  1 
ATOM   482  N N   . LYS A 1 55  ? 11.432  8.365   9.114   1.00 3.46  ? 55  LYS A N   1 
ATOM   483  C CA  . LYS A 1 55  ? 10.753  7.998   10.354  1.00 2.89  ? 55  LYS A CA  1 
ATOM   484  C C   . LYS A 1 55  ? 9.496   7.272   10.015  1.00 4.12  ? 55  LYS A C   1 
ATOM   485  O O   . LYS A 1 55  ? 8.769   7.722   9.119   1.00 4.60  ? 55  LYS A O   1 
ATOM   486  C CB  . LYS A 1 55  ? 10.378  9.251   11.158  1.00 3.48  ? 55  LYS A CB  1 
ATOM   487  C CG  . LYS A 1 55  ? 9.783   8.871   12.535  1.00 5.75  ? 55  LYS A CG  1 
ATOM   488  C CD  . LYS A 1 55  ? 9.615   10.050  13.422  1.00 9.54  ? 55  LYS A CD  1 
ATOM   489  C CE  . LYS A 1 55  ? 8.449   10.820  13.077  1.00 8.56  ? 55  LYS A CE  1 
ATOM   490  N NZ  . LYS A 1 55  ? 8.166   11.963  14.050  1.00 9.20  ? 55  LYS A NZ  1 
ATOM   491  N N   . ASN A 1 56  ? 9.257   6.174   10.705  1.00 3.47  ? 56  ASN A N   1 
ATOM   492  C CA  . ASN A 1 56  ? 8.013   5.428   10.472  1.00 3.63  ? 56  ASN A CA  1 
ATOM   493  C C   . ASN A 1 56  ? 6.881   6.093   11.245  1.00 3.95  ? 56  ASN A C   1 
ATOM   494  O O   . ASN A 1 56  ? 7.047   6.491   12.419  1.00 5.29  ? 56  ASN A O   1 
ATOM   495  C CB  . ASN A 1 56  ? 8.178   3.945   10.859  1.00 3.43  ? 56  ASN A CB  1 
ATOM   496  C CG  . ASN A 1 56  ? 8.943   3.144   9.797   1.00 5.81  ? 56  ASN A CG  1 
ATOM   497  O OD1 . ASN A 1 56  ? 9.174   1.928   9.960   1.00 8.78  ? 56  ASN A OD1 1 
ATOM   498  N ND2 . ASN A 1 56  ? 9.341   3.785   8.739   1.00 3.68  ? 56  ASN A ND2 1 
ATOM   499  N N   . VAL A 1 57  ? 5.754   6.244   10.535  1.00 3.91  ? 57  VAL A N   1 
ATOM   500  C CA  . VAL A 1 57  ? 4.554   6.934   11.047  1.00 4.29  ? 57  VAL A CA  1 
ATOM   501  C C   . VAL A 1 57  ? 3.306   6.054   10.873  1.00 3.69  ? 57  VAL A C   1 
ATOM   502  O O   . VAL A 1 57  ? 3.010   5.534   9.772   1.00 3.87  ? 57  VAL A O   1 
ATOM   503  C CB  . VAL A 1 57  ? 4.343   8.243   10.250  1.00 4.64  ? 57  VAL A CB  1 
ATOM   504  C CG1 . VAL A 1 57  ? 3.041   8.893   10.626  1.00 5.71  ? 57  VAL A CG1 1 
ATOM   505  C CG2 . VAL A 1 57  ? 5.592   9.208   10.503  1.00 4.66  ? 57  VAL A CG2 1 
ATOM   506  N N   . LEU A 1 58  ? 2.550   5.883   11.954  1.00 3.13  ? 58  LEU A N   1 
ATOM   507  C CA  . LEU A 1 58  ? 1.234   5.204   11.898  1.00 4.01  ? 58  LEU A CA  1 
ATOM   508  C C   . LEU A 1 58  ? 0.156   6.275   11.597  1.00 6.09  ? 58  LEU A C   1 
ATOM   509  O O   . LEU A 1 58  ? 0.118   7.326   12.249  1.00 7.70  ? 58  LEU A O   1 
ATOM   510  C CB  . LEU A 1 58  ? 0.918   4.520   13.237  1.00 4.17  ? 58  LEU A CB  1 
ATOM   511  C CG  . LEU A 1 58  ? -0.391  3.694   13.220  1.00 4.84  ? 58  LEU A CG  1 
ATOM   512  C CD1 . LEU A 1 58  ? -0.372  2.485   12.299  1.00 4.10  ? 58  LEU A CD1 1 
ATOM   513  C CD2 . LEU A 1 58  ? -0.615  3.216   14.660  1.00 6.60  ? 58  LEU A CD2 1 
ATOM   514  N N   . THR A 1 59  ? -0.685  6.033   10.608  1.00 5.07  ? 59  THR A N   1 
ATOM   515  C CA  . THR A 1 59  ? -1.639  7.076   10.240  1.00 4.45  ? 59  THR A CA  1 
ATOM   516  C C   . THR A 1 59  ? -2.554  7.436   11.411  1.00 5.23  ? 59  THR A C   1 
ATOM   517  O O   . THR A 1 59  ? -2.847  6.612   12.264  1.00 4.97  ? 59  THR A O   1 
ATOM   518  C CB  . THR A 1 59  ? -2.535  6.649   9.080   1.00 5.27  ? 59  THR A CB  1 
ATOM   519  O OG1 . THR A 1 59  ? -3.198  5.398   9.371   1.00 3.39  ? 59  THR A OG1 1 
ATOM   520  C CG2 . THR A 1 59  ? -1.663  6.491   7.817   1.00 5.78  ? 59  THR A CG2 1 
ATOM   521  N N   . THR A 1 60  ? -2.982  8.710   11.431  1.00 5.64  ? 60  THR A N   1 
ATOM   522  C CA  A THR A 1 60  ? -3.847  9.223   12.478  0.50 6.26  ? 60  THR A CA  1 
ATOM   523  C CA  B THR A 1 60  ? -3.843  9.148   12.529  0.50 6.62  ? 60  THR A CA  1 
ATOM   524  C C   . THR A 1 60  ? -5.297  8.809   12.225  1.00 7.27  ? 60  THR A C   1 
ATOM   525  O O   . THR A 1 60  ? -6.084  8.697   13.144  1.00 11.51 ? 60  THR A O   1 
ATOM   526  C CB  A THR A 1 60  ? -3.742  10.719  12.464  0.50 6.00  ? 60  THR A CB  1 
ATOM   527  C CB  B THR A 1 60  ? -3.656  10.632  12.936  0.50 7.04  ? 60  THR A CB  1 
ATOM   528  O OG1 A THR A 1 60  ? -2.417  11.073  12.857  0.50 6.72  ? 60  THR A OG1 1 
ATOM   529  O OG1 B THR A 1 60  ? -3.668  11.492  11.788  0.50 6.26  ? 60  THR A OG1 1 
ATOM   530  C CG2 A THR A 1 60  ? -4.737  11.322  13.398  0.50 4.58  ? 60  THR A CG2 1 
ATOM   531  C CG2 B THR A 1 60  ? -2.364  10.789  13.717  0.50 6.74  ? 60  THR A CG2 1 
ATOM   532  N N   . SER A 1 61  ? -5.634  8.621   10.943  1.00 6.02  ? 61  SER A N   1 
ATOM   533  C CA  A SER A 1 61  ? -6.952  8.191   10.544  0.80 5.18  ? 61  SER A CA  1 
ATOM   534  C CA  B SER A 1 61  ? -6.961  8.183   10.573  0.20 5.11  ? 61  SER A CA  1 
ATOM   535  C C   . SER A 1 61  ? -6.888  6.829   9.888   1.00 3.89  ? 61  SER A C   1 
ATOM   536  O O   . SER A 1 61  ? -5.792  6.376   9.481   1.00 4.95  ? 61  SER A O   1 
ATOM   537  C CB  A SER A 1 61  ? -7.541  9.165   9.521   0.80 4.63  ? 61  SER A CB  1 
ATOM   538  C CB  B SER A 1 61  ? -7.591  9.204   9.640   0.20 4.79  ? 61  SER A CB  1 
ATOM   539  O OG  A SER A 1 61  ? -7.676  10.494  9.973   0.80 3.52  ? 61  SER A OG  1 
ATOM   540  O OG  B SER A 1 61  ? -6.688  9.510   8.599   0.20 5.19  ? 61  SER A OG  1 
ATOM   541  N N   . GLU A 1 62  ? -8.032  6.149   9.811   1.00 3.30  ? 62  GLU A N   1 
ATOM   542  C CA  . GLU A 1 62  ? -8.164  4.912   9.057   1.00 3.32  ? 62  GLU A CA  1 
ATOM   543  C C   . GLU A 1 62  ? -8.389  5.206   7.585   1.00 3.82  ? 62  GLU A C   1 
ATOM   544  O O   . GLU A 1 62  ? -8.907  6.268   7.209   1.00 4.67  ? 62  GLU A O   1 
ATOM   545  C CB  . GLU A 1 62  ? -9.277  4.001   9.617   1.00 3.78  ? 62  GLU A CB  1 
ATOM   546  C CG  . GLU A 1 62  ? -8.856  3.521   11.015  1.00 3.82  ? 62  GLU A CG  1 
ATOM   547  C CD  . GLU A 1 62  ? -9.743  2.451   11.559  1.00 9.00  ? 62  GLU A CD  1 
ATOM   548  O OE1 . GLU A 1 62  ? -10.805 2.118   10.958  1.00 6.91  ? 62  GLU A OE1 1 
ATOM   549  O OE2 . GLU A 1 62  ? -9.313  1.902   12.613  1.00 11.61 ? 62  GLU A OE2 1 
ATOM   550  N N   . PHE A 1 63  ? -7.954  4.261   6.730   1.00 2.00  ? 63  PHE A N   1 
ATOM   551  C CA  . PHE A 1 63  ? -8.088  4.419   5.245   1.00 2.00  ? 63  PHE A CA  1 
ATOM   552  C C   . PHE A 1 63  ? -8.768  3.161   4.714   1.00 2.33  ? 63  PHE A C   1 
ATOM   553  O O   . PHE A 1 63  ? -8.744  2.123   5.373   1.00 2.64  ? 63  PHE A O   1 
ATOM   554  C CB  . PHE A 1 63  ? -6.724  4.552   4.568   1.00 2.70  ? 63  PHE A CB  1 
ATOM   555  C CG  . PHE A 1 63  ? -6.087  5.941   4.762   1.00 2.00  ? 63  PHE A CG  1 
ATOM   556  C CD1 . PHE A 1 63  ? -5.540  6.367   5.972   1.00 3.99  ? 63  PHE A CD1 1 
ATOM   557  C CD2 . PHE A 1 63  ? -6.048  6.841   3.702   1.00 5.25  ? 63  PHE A CD2 1 
ATOM   558  C CE1 . PHE A 1 63  ? -4.945  7.679   6.089   1.00 2.16  ? 63  PHE A CE1 1 
ATOM   559  C CE2 . PHE A 1 63  ? -5.451  8.111   3.805   1.00 5.40  ? 63  PHE A CE2 1 
ATOM   560  C CZ  . PHE A 1 63  ? -4.918  8.518   4.981   1.00 3.68  ? 63  PHE A CZ  1 
ATOM   561  N N   . TYR A 1 64  ? -9.257  3.212   3.484   1.00 2.95  ? 64  TYR A N   1 
ATOM   562  C CA  . TYR A 1 64  ? -9.731  2.035   2.816   1.00 2.22  ? 64  TYR A CA  1 
ATOM   563  C C   . TYR A 1 64  ? -8.537  1.284   2.224   1.00 2.58  ? 64  TYR A C   1 
ATOM   564  O O   . TYR A 1 64  ? -7.721  1.853   1.492   1.00 2.78  ? 64  TYR A O   1 
ATOM   565  C CB  . TYR A 1 64  ? -10.587 2.467   1.624   1.00 3.76  ? 64  TYR A CB  1 
ATOM   566  C CG  . TYR A 1 64  ? -11.933 3.021   1.957   1.00 6.38  ? 64  TYR A CG  1 
ATOM   567  C CD1 . TYR A 1 64  ? -12.896 2.225   2.556   1.00 5.34  ? 64  TYR A CD1 1 
ATOM   568  C CD2 . TYR A 1 64  ? -12.237 4.300   1.575   1.00 7.88  ? 64  TYR A CD2 1 
ATOM   569  C CE1 . TYR A 1 64  ? -14.221 2.740   2.803   1.00 4.98  ? 64  TYR A CE1 1 
ATOM   570  C CE2 . TYR A 1 64  ? -13.471 4.816   1.832   1.00 10.26 ? 64  TYR A CE2 1 
ATOM   571  C CZ  . TYR A 1 64  ? -14.441 4.030   2.408   1.00 8.40  ? 64  TYR A CZ  1 
ATOM   572  O OH  . TYR A 1 64  ? -15.664 4.618   2.653   1.00 16.25 ? 64  TYR A OH  1 
ATOM   573  N N   . LEU A 1 65  ? -8.446  0.013   2.586   1.00 2.00  ? 65  LEU A N   1 
ATOM   574  C CA  . LEU A 1 65  ? -7.342  -0.840  2.128   1.00 2.11  ? 65  LEU A CA  1 
ATOM   575  C C   . LEU A 1 65  ? -7.909  -1.936  1.217   1.00 2.98  ? 65  LEU A C   1 
ATOM   576  O O   . LEU A 1 65  ? -9.041  -2.427  1.429   1.00 3.18  ? 65  LEU A O   1 
ATOM   577  C CB  . LEU A 1 65  ? -6.648  -1.500  3.339   1.00 4.06  ? 65  LEU A CB  1 
ATOM   578  C CG  . LEU A 1 65  ? -6.070  -0.444  4.287   1.00 2.34  ? 65  LEU A CG  1 
ATOM   579  C CD1 . LEU A 1 65  ? -5.365  -1.247  5.374   1.00 4.97  ? 65  LEU A CD1 1 
ATOM   580  C CD2 . LEU A 1 65  ? -5.081  0.482   3.622   1.00 6.05  ? 65  LEU A CD2 1 
ATOM   581  N N   . SER A 1 66  ? -7.108  -2.346  0.237   1.00 3.43  ? 66  SER A N   1 
ATOM   582  C CA  . SER A 1 66  ? -7.416  -3.485  -0.613  1.00 2.49  ? 66  SER A CA  1 
ATOM   583  C C   . SER A 1 66  ? -6.143  -4.299  -0.656  1.00 3.27  ? 66  SER A C   1 
ATOM   584  O O   . SER A 1 66  ? -5.106  -3.815  -1.112  1.00 2.74  ? 66  SER A O   1 
ATOM   585  C CB  . SER A 1 66  ? -7.770  -2.968  -2.006  1.00 2.00  ? 66  SER A CB  1 
ATOM   586  O OG  . SER A 1 66  ? -8.999  -2.255  -1.928  1.00 2.79  ? 66  SER A OG  1 
ATOM   587  N N   . ASP A 1 67  ? -6.276  -5.537  -0.173  1.00 2.81  ? 67  ASP A N   1 
ATOM   588  C CA  . ASP A 1 67  ? -5.161  -6.469  -0.137  1.00 3.71  ? 67  ASP A CA  1 
ATOM   589  C C   . ASP A 1 67  ? -5.290  -7.526  -1.188  1.00 2.14  ? 67  ASP A C   1 
ATOM   590  O O   . ASP A 1 67  ? -6.382  -8.093  -1.351  1.00 3.51  ? 67  ASP A O   1 
ATOM   591  C CB  . ASP A 1 67  ? -5.046  -7.152  1.232   1.00 3.66  ? 67  ASP A CB  1 
ATOM   592  C CG  . ASP A 1 67  ? -4.317  -6.257  2.227   1.00 5.75  ? 67  ASP A CG  1 
ATOM   593  O OD1 . ASP A 1 67  ? -3.069  -6.430  2.343   1.00 5.57  ? 67  ASP A OD1 1 
ATOM   594  O OD2 . ASP A 1 67  ? -4.959  -5.371  2.854   1.00 6.67  ? 67  ASP A OD2 1 
ATOM   595  N N   . CYS A 1 68  ? -4.166  -7.836  -1.845  1.00 2.00  ? 68  CYS A N   1 
ATOM   596  C CA  . CYS A 1 68  ? -4.119  -9.023  -2.750  1.00 3.25  ? 68  CYS A CA  1 
ATOM   597  C C   . CYS A 1 68  ? -3.385  -10.134 -2.040  1.00 3.87  ? 68  CYS A C   1 
ATOM   598  O O   . CYS A 1 68  ? -2.161  -10.017 -1.916  1.00 4.45  ? 68  CYS A O   1 
ATOM   599  C CB  . CYS A 1 68  ? -3.390  -8.691  -4.006  1.00 3.09  ? 68  CYS A CB  1 
ATOM   600  S SG  . CYS A 1 68  ? -4.341  -7.449  -5.020  1.00 3.99  ? 68  CYS A SG  1 
ATOM   601  N N   . ASN A 1 69  ? -4.132  -11.122 -1.538  1.00 3.26  ? 69  ASN A N   1 
ATOM   602  C CA  . ASN A 1 69  ? -3.536  -12.197 -0.743  1.00 3.80  ? 69  ASN A CA  1 
ATOM   603  C C   . ASN A 1 69  ? -3.449  -13.451 -1.605  1.00 3.91  ? 69  ASN A C   1 
ATOM   604  O O   . ASN A 1 69  ? -4.478  -13.935 -2.116  1.00 4.95  ? 69  ASN A O   1 
ATOM   605  C CB  . ASN A 1 69  ? -4.428  -12.521 0.438   1.00 4.57  ? 69  ASN A CB  1 
ATOM   606  C CG  . ASN A 1 69  ? -4.434  -11.447 1.489   1.00 8.16  ? 69  ASN A CG  1 
ATOM   607  O OD1 . ASN A 1 69  ? -3.653  -10.522 1.481   1.00 8.35  ? 69  ASN A OD1 1 
ATOM   608  N ND2 . ASN A 1 69  ? -5.383  -11.577 2.404   1.00 17.54 ? 69  ASN A ND2 1 
ATOM   609  N N   . VAL A 1 70  ? -2.272  -14.035 -1.746  1.00 3.00  ? 70  VAL A N   1 
ATOM   610  C CA  . VAL A 1 70  ? -2.200  -15.216 -2.622  1.00 3.50  ? 70  VAL A CA  1 
ATOM   611  C C   . VAL A 1 70  ? -3.062  -16.362 -2.084  1.00 3.66  ? 70  VAL A C   1 
ATOM   612  O O   . VAL A 1 70  ? -3.213  -16.566 -0.861  1.00 3.79  ? 70  VAL A O   1 
ATOM   613  C CB  . VAL A 1 70  ? -0.675  -15.578 -2.831  1.00 3.64  ? 70  VAL A CB  1 
ATOM   614  C CG1 . VAL A 1 70  ? -0.184  -16.367 -1.592  1.00 3.60  ? 70  VAL A CG1 1 
ATOM   615  C CG2 . VAL A 1 70  ? -0.492  -16.409 -4.093  1.00 4.05  ? 70  VAL A CG2 1 
ATOM   616  N N   . THR A 1 71  ? -3.569  -17.146 -3.027  1.00 4.06  ? 71  THR A N   1 
ATOM   617  C CA  . THR A 1 71  ? -4.317  -18.367 -2.760  1.00 3.99  ? 71  THR A CA  1 
ATOM   618  C C   . THR A 1 71  ? -3.349  -19.538 -2.776  1.00 4.10  ? 71  THR A C   1 
ATOM   619  O O   . THR A 1 71  ? -2.109  -19.359 -2.846  1.00 3.78  ? 71  THR A O   1 
ATOM   620  C CB  . THR A 1 71  ? -5.448  -18.634 -3.848  1.00 4.85  ? 71  THR A CB  1 
ATOM   621  O OG1 . THR A 1 71  ? -4.836  -18.865 -5.137  1.00 4.70  ? 71  THR A OG1 1 
ATOM   622  C CG2 . THR A 1 71  ? -6.403  -17.382 -4.026  1.00 6.48  ? 71  THR A CG2 1 
ATOM   623  N N   . SER A 1 72  ? -3.896  -20.739 -2.853  1.00 5.61  ? 72  SER A N   1 
ATOM   624  C CA  . SER A 1 72  ? -3.002  -21.928 -3.034  1.00 5.29  ? 72  SER A CA  1 
ATOM   625  C C   . SER A 1 72  ? -2.531  -22.097 -4.465  1.00 6.52  ? 72  SER A C   1 
ATOM   626  O O   . SER A 1 72  ? -1.752  -22.999 -4.779  1.00 5.99  ? 72  SER A O   1 
ATOM   627  C CB  . SER A 1 72  ? -3.666  -23.182 -2.520  1.00 6.99  ? 72  SER A CB  1 
ATOM   628  O OG  . SER A 1 72  ? -4.806  -23.461 -3.302  1.00 8.27  ? 72  SER A OG  1 
ATOM   629  N N   A ARG A 1 73  ? -2.995  -21.230 -5.350  0.50 5.15  ? 73  ARG A N   1 
ATOM   630  N N   B ARG A 1 73  ? -2.984  -21.216 -5.339  0.50 6.07  ? 73  ARG A N   1 
ATOM   631  C CA  A ARG A 1 73  ? -2.583  -21.259 -6.754  0.50 4.90  ? 73  ARG A CA  1 
ATOM   632  C CA  B ARG A 1 73  ? -2.586  -21.241 -6.743  0.50 7.13  ? 73  ARG A CA  1 
ATOM   633  C C   A ARG A 1 73  ? -1.643  -20.066 -7.018  0.50 5.28  ? 73  ARG A C   1 
ATOM   634  C C   B ARG A 1 73  ? -1.630  -20.057 -6.982  0.50 6.19  ? 73  ARG A C   1 
ATOM   635  O O   A ARG A 1 73  ? -2.066  -18.916 -6.889  0.50 5.24  ? 73  ARG A O   1 
ATOM   636  O O   B ARG A 1 73  ? -2.021  -18.910 -6.780  0.50 6.27  ? 73  ARG A O   1 
ATOM   637  C CB  A ARG A 1 73  ? -3.826  -21.170 -7.663  0.50 4.69  ? 73  ARG A CB  1 
ATOM   638  C CB  B ARG A 1 73  ? -3.839  -21.107 -7.627  0.50 6.74  ? 73  ARG A CB  1 
ATOM   639  C CG  A ARG A 1 73  ? -4.651  -22.470 -7.775  0.50 4.82  ? 73  ARG A CG  1 
ATOM   640  C CG  B ARG A 1 73  ? -4.902  -22.183 -7.375  0.50 8.58  ? 73  ARG A CG  1 
ATOM   641  C CD  A ARG A 1 73  ? -6.065  -22.211 -8.390  0.50 4.14  ? 73  ARG A CD  1 
ATOM   642  C CD  B ARG A 1 73  ? -6.308  -21.714 -7.878  0.50 11.64 ? 73  ARG A CD  1 
ATOM   643  N NE  A ARG A 1 73  ? -6.841  -21.266 -7.528  0.50 7.77  ? 73  ARG A NE  1 
ATOM   644  N NE  B ARG A 1 73  ? -6.502  -21.762 -9.333  0.50 14.04 ? 73  ARG A NE  1 
ATOM   645  C CZ  A ARG A 1 73  ? -7.496  -20.172 -7.908  0.50 11.07 ? 73  ARG A CZ  1 
ATOM   646  C CZ  B ARG A 1 73  ? -7.378  -21.017 -10.013 0.50 13.50 ? 73  ARG A CZ  1 
ATOM   647  N NH1 A ARG A 1 73  ? -7.586  -19.814 -9.186  0.50 14.53 ? 73  ARG A NH1 1 
ATOM   648  N NH1 B ARG A 1 73  ? -8.165  -20.142 -9.380  0.50 13.92 ? 73  ARG A NH1 1 
ATOM   649  N NH2 A ARG A 1 73  ? -8.109  -19.447 -6.978  0.50 12.93 ? 73  ARG A NH2 1 
ATOM   650  N NH2 B ARG A 1 73  ? -7.470  -21.162 -11.341 0.50 13.16 ? 73  ARG A NH2 1 
ATOM   651  N N   . PRO A 1 74  ? -0.359  -20.324 -7.346  1.00 4.76  ? 74  PRO A N   1 
ATOM   652  C CA  . PRO A 1 74  ? 0.629   -19.254 -7.538  1.00 4.37  ? 74  PRO A CA  1 
ATOM   653  C C   . PRO A 1 74  ? 0.139   -18.158 -8.422  1.00 4.91  ? 74  PRO A C   1 
ATOM   654  O O   . PRO A 1 74  ? -0.491  -18.401 -9.466  1.00 6.81  ? 74  PRO A O   1 
ATOM   655  C CB  . PRO A 1 74  ? 1.790   -20.009 -8.186  1.00 3.40  ? 74  PRO A CB  1 
ATOM   656  C CG  . PRO A 1 74  ? 1.742   -21.320 -7.488  1.00 4.84  ? 74  PRO A CG  1 
ATOM   657  C CD  . PRO A 1 74  ? 0.249   -21.664 -7.439  1.00 5.37  ? 74  PRO A CD  1 
ATOM   658  N N   . CYS A 1 75  ? 0.367   -16.933 -7.947  1.00 5.06  ? 75  CYS A N   1 
ATOM   659  C CA  . CYS A 1 75  ? 0.005   -15.731 -8.677  1.00 4.90  ? 75  CYS A CA  1 
ATOM   660  C C   . CYS A 1 75  ? -1.492  -15.549 -8.910  1.00 6.16  ? 75  CYS A C   1 
ATOM   661  O O   . CYS A 1 75  ? -1.885  -14.801 -9.785  1.00 7.51  ? 75  CYS A O   1 
ATOM   662  C CB  . CYS A 1 75  ? 0.753   -15.581 -10.007 1.00 5.62  ? 75  CYS A CB  1 
ATOM   663  S SG  . CYS A 1 75  ? 1.142   -13.834 -10.354 1.00 6.90  ? 75  CYS A SG  1 
ATOM   664  N N   . LYS A 1 76  ? -2.313  -16.300 -8.178  1.00 5.06  ? 76  LYS A N   1 
ATOM   665  C CA  . LYS A 1 76  ? -3.782  -16.109 -8.112  1.00 4.84  ? 76  LYS A CA  1 
ATOM   666  C C   . LYS A 1 76  ? -4.185  -15.726 -6.681  1.00 4.98  ? 76  LYS A C   1 
ATOM   667  O O   . LYS A 1 76  ? -3.748  -16.340 -5.746  1.00 4.94  ? 76  LYS A O   1 
ATOM   668  C CB  . LYS A 1 76  ? -4.560  -17.330 -8.580  1.00 5.63  ? 76  LYS A CB  1 
ATOM   669  C CG  . LYS A 1 76  ? -4.063  -17.796 -9.966  1.00 6.72  ? 76  LYS A CG  1 
ATOM   670  C CD  . LYS A 1 76  ? -5.012  -18.722 -10.640 1.00 12.94 ? 76  LYS A CD  1 
ATOM   671  C CE  . LYS A 1 76  ? -4.326  -19.574 -11.698 1.00 15.22 ? 76  LYS A CE  1 
ATOM   672  N NZ  . LYS A 1 76  ? -4.121  -18.851 -12.964 1.00 17.48 ? 76  LYS A NZ  1 
ATOM   673  N N   . TYR A 1 77  ? -5.031  -14.718 -6.560  1.00 3.42  ? 77  TYR A N   1 
ATOM   674  C CA  . TYR A 1 77  ? -5.221  -13.995 -5.334  1.00 3.04  ? 77  TYR A CA  1 
ATOM   675  C C   . TYR A 1 77  ? -6.686  -13.864 -4.949  1.00 3.52  ? 77  TYR A C   1 
ATOM   676  O O   . TYR A 1 77  ? -7.609  -13.954 -5.821  1.00 4.26  ? 77  TYR A O   1 
ATOM   677  C CB  . TYR A 1 77  ? -4.684  -12.534 -5.463  1.00 3.17  ? 77  TYR A CB  1 
ATOM   678  C CG  . TYR A 1 77  ? -3.211  -12.507 -5.763  1.00 2.00  ? 77  TYR A CG  1 
ATOM   679  C CD1 . TYR A 1 77  ? -2.699  -12.665 -7.077  1.00 5.14  ? 77  TYR A CD1 1 
ATOM   680  C CD2 . TYR A 1 77  ? -2.313  -12.376 -4.722  1.00 2.10  ? 77  TYR A CD2 1 
ATOM   681  C CE1 . TYR A 1 77  ? -1.282  -12.696 -7.305  1.00 3.40  ? 77  TYR A CE1 1 
ATOM   682  C CE2 . TYR A 1 77  ? -0.932  -12.441 -4.935  1.00 3.38  ? 77  TYR A CE2 1 
ATOM   683  C CZ  . TYR A 1 77  ? -0.435  -12.583 -6.227  1.00 2.46  ? 77  TYR A CZ  1 
ATOM   684  O OH  . TYR A 1 77  ? 0.929   -12.610 -6.484  1.00 4.35  ? 77  TYR A OH  1 
ATOM   685  N N   A LYS A 1 78  ? -6.899  -13.715 -3.654  0.50 2.59  ? 78  LYS A N   1 
ATOM   686  N N   B LYS A 1 78  ? -6.892  -13.654 -3.654  0.50 3.18  ? 78  LYS A N   1 
ATOM   687  C CA  A LYS A 1 78  ? -8.161  -13.177 -3.174  0.50 3.59  ? 78  LYS A CA  1 
ATOM   688  C CA  B LYS A 1 78  ? -8.187  -13.261 -3.082  0.50 4.80  ? 78  LYS A CA  1 
ATOM   689  C C   A LYS A 1 78  ? -7.950  -11.706 -2.911  0.50 2.35  ? 78  LYS A C   1 
ATOM   690  C C   B LYS A 1 78  ? -8.108  -11.783 -2.655  0.50 2.92  ? 78  LYS A C   1 
ATOM   691  O O   A LYS A 1 78  ? -6.879  -11.304 -2.432  0.50 2.99  ? 78  LYS A O   1 
ATOM   692  O O   B LYS A 1 78  ? -7.255  -11.450 -1.794  0.50 2.75  ? 78  LYS A O   1 
ATOM   693  C CB  A LYS A 1 78  ? -8.608  -13.843 -1.882  0.50 4.54  ? 78  LYS A CB  1 
ATOM   694  C CB  B LYS A 1 78  ? -8.457  -14.138 -1.860  0.50 5.67  ? 78  LYS A CB  1 
ATOM   695  C CG  A LYS A 1 78  ? -9.202  -15.228 -2.095  0.50 8.06  ? 78  LYS A CG  1 
ATOM   696  C CG  B LYS A 1 78  ? -9.723  -13.861 -1.097  0.50 8.81  ? 78  LYS A CG  1 
ATOM   697  C CD  A LYS A 1 78  ? -9.848  -15.359 -3.474  0.50 13.89 ? 78  LYS A CD  1 
ATOM   698  C CD  B LYS A 1 78  ? -9.993  -15.033 -0.107  0.50 8.50  ? 78  LYS A CD  1 
ATOM   699  C CE  A LYS A 1 78  ? -11.117 -16.154 -3.441  0.50 14.92 ? 78  LYS A CE  1 
ATOM   700  C CE  B LYS A 1 78  ? -10.494 -16.308 -0.797  0.50 16.37 ? 78  LYS A CE  1 
ATOM   701  N NZ  A LYS A 1 78  ? -11.565 -16.570 -4.808  0.50 18.55 ? 78  LYS A NZ  1 
ATOM   702  N NZ  B LYS A 1 78  ? -11.927 -16.184 -1.268  0.50 17.16 ? 78  LYS A NZ  1 
ATOM   703  N N   . LEU A 1 79  ? -8.967  -10.924 -3.245  1.00 2.59  ? 79  LEU A N   1 
ATOM   704  C CA  . LEU A 1 79  ? -8.984  -9.504  -2.909  1.00 2.77  ? 79  LEU A CA  1 
ATOM   705  C C   . LEU A 1 79  ? -9.703  -9.412  -1.584  1.00 4.00  ? 79  LEU A C   1 
ATOM   706  O O   . LEU A 1 79  ? -10.822 -9.910  -1.444  1.00 3.91  ? 79  LEU A O   1 
ATOM   707  C CB  . LEU A 1 79  ? -9.744  -8.733  -4.031  1.00 2.43  ? 79  LEU A CB  1 
ATOM   708  C CG  . LEU A 1 79  ? -10.076 -7.291  -3.642  1.00 4.39  ? 79  LEU A CG  1 
ATOM   709  C CD1 . LEU A 1 79  ? -8.814  -6.460  -3.425  1.00 7.03  ? 79  LEU A CD1 1 
ATOM   710  C CD2 . LEU A 1 79  ? -11.026 -6.668  -4.704  1.00 3.15  ? 79  LEU A CD2 1 
ATOM   711  N N   . LYS A 1 80  ? -9.074  -8.724  -0.618  1.00 3.80  ? 80  LYS A N   1 
ATOM   712  C CA  B LYS A 1 80  ? -9.725  -8.511  0.659   0.13 4.06  ? 80  LYS A CA  1 
ATOM   713  C CA  C LYS A 1 80  ? -9.611  -8.528  0.719   0.37 4.23  ? 80  LYS A CA  1 
ATOM   714  C CA  D LYS A 1 80  ? -9.743  -8.505  0.685   0.50 5.28  ? 80  LYS A CA  1 
ATOM   715  C C   . LYS A 1 80  ? -9.737  -7.037  1.020   1.00 3.67  ? 80  LYS A C   1 
ATOM   716  O O   . LYS A 1 80  ? -8.714  -6.354  1.012   1.00 3.99  ? 80  LYS A O   1 
ATOM   717  C CB  B LYS A 1 80  ? -9.123  -9.404  1.748   0.13 4.15  ? 80  LYS A CB  1 
ATOM   718  C CB  C LYS A 1 80  ? -8.661  -9.216  1.708   0.37 4.71  ? 80  LYS A CB  1 
ATOM   719  C CB  D LYS A 1 80  ? -9.172  -9.361  1.842   0.50 6.41  ? 80  LYS A CB  1 
ATOM   720  C CG  B LYS A 1 80  ? -9.208  -10.883 1.405   0.13 4.38  ? 80  LYS A CG  1 
ATOM   721  C CG  C LYS A 1 80  ? -8.631  -10.738 1.539   0.37 3.25  ? 80  LYS A CG  1 
ATOM   722  C CG  D LYS A 1 80  ? -10.167 -9.702  3.022   0.50 9.49  ? 80  LYS A CG  1 
ATOM   723  C CD  B LYS A 1 80  ? -9.528  -11.726 2.621   0.13 4.96  ? 80  LYS A CD  1 
ATOM   724  C CD  C LYS A 1 80  ? -10.071 -11.288 1.437   0.37 5.96  ? 80  LYS A CD  1 
ATOM   725  C CD  D LYS A 1 80  ? -10.543 -8.599  4.022   0.50 11.73 ? 80  LYS A CD  1 
ATOM   726  C CE  B LYS A 1 80  ? -9.872  -13.173 2.260   0.13 4.13  ? 80  LYS A CE  1 
ATOM   727  C CE  C LYS A 1 80  ? -10.253 -12.627 2.133   0.37 8.26  ? 80  LYS A CE  1 
ATOM   728  C CE  D LYS A 1 80  ? -12.002 -8.693  4.474   0.50 12.32 ? 80  LYS A CE  1 
ATOM   729  N NZ  B LYS A 1 80  ? -11.302 -13.358 1.895   0.13 2.00  ? 80  LYS A NZ  1 
ATOM   730  N NZ  C LYS A 1 80  ? -11.561 -12.682 2.828   0.37 10.00 ? 80  LYS A NZ  1 
ATOM   731  N NZ  D LYS A 1 80  ? -12.528 -10.076 4.803   0.50 12.48 ? 80  LYS A NZ  1 
ATOM   732  N N   . LYS A 1 81  ? -10.942 -6.558  1.280   1.00 3.65  ? 81  LYS A N   1 
ATOM   733  C CA  . LYS A 1 81  ? -11.143 -5.141  1.563   1.00 2.84  ? 81  LYS A CA  1 
ATOM   734  C C   . LYS A 1 81  ? -11.279 -4.942  3.057   1.00 5.38  ? 81  LYS A C   1 
ATOM   735  O O   . LYS A 1 81  ? -11.939 -5.727  3.734   1.00 5.86  ? 81  LYS A O   1 
ATOM   736  C CB  . LYS A 1 81  ? -12.407 -4.649  0.916   1.00 5.54  ? 81  LYS A CB  1 
ATOM   737  C CG  . LYS A 1 81  ? -12.299 -4.683  -0.565  1.00 6.09  ? 81  LYS A CG  1 
ATOM   738  C CD  . LYS A 1 81  ? -13.604 -4.055  -1.125  1.00 11.31 ? 81  LYS A CD  1 
ATOM   739  C CE  . LYS A 1 81  ? -13.961 -4.463  -2.507  1.00 15.21 ? 81  LYS A CE  1 
ATOM   740  N NZ  . LYS A 1 81  ? -15.275 -3.838  -2.951  1.00 9.01  ? 81  LYS A NZ  1 
ATOM   741  N N   . SER A 1 82  ? -10.627 -3.911  3.588   1.00 3.62  ? 82  SER A N   1 
ATOM   742  C CA  . SER A 1 82  ? -10.783 -3.614  5.021   1.00 3.90  ? 82  SER A CA  1 
ATOM   743  C C   . SER A 1 82  ? -10.571 -2.112  5.199   1.00 2.17  ? 82  SER A C   1 
ATOM   744  O O   . SER A 1 82  ? -10.136 -1.399  4.264   1.00 3.56  ? 82  SER A O   1 
ATOM   745  C CB  . SER A 1 82  ? -9.753  -4.382  5.846   1.00 4.66  ? 82  SER A CB  1 
ATOM   746  O OG  . SER A 1 82  ? -8.416  -3.900  5.572   1.00 4.12  ? 82  SER A OG  1 
ATOM   747  N N   A THR A 1 83  ? -10.807 -1.644  6.424   0.50 2.82  ? 83  THR A N   1 
ATOM   748  N N   B THR A 1 83  ? -10.862 -1.651  6.389   0.50 2.73  ? 83  THR A N   1 
ATOM   749  C CA  A THR A 1 83  ? -10.582 -0.250  6.813   0.80 3.12  ? 83  THR A CA  1 
ATOM   750  C CA  B THR A 1 83  ? -10.477 -0.295  6.732   0.20 2.68  ? 83  THR A CA  1 
ATOM   751  C C   A THR A 1 83  ? -9.646  -0.246  8.017   0.80 2.85  ? 83  THR A C   1 
ATOM   752  C C   B THR A 1 83  ? -9.529  -0.414  7.911   0.20 2.23  ? 83  THR A C   1 
ATOM   753  O O   A THR A 1 83  ? -9.992  -0.820  9.032   0.80 3.64  ? 83  THR A O   1 
ATOM   754  O O   B THR A 1 83  ? -9.737  -1.276  8.772   0.20 2.00  ? 83  THR A O   1 
ATOM   755  C CB  A THR A 1 83  ? -11.947 0.422   7.119   0.80 2.06  ? 83  THR A CB  1 
ATOM   756  C CB  B THR A 1 83  ? -11.703 0.584   7.060   0.20 2.82  ? 83  THR A CB  1 
ATOM   757  O OG1 A THR A 1 83  ? -12.660 0.527   5.881   0.80 2.73  ? 83  THR A OG1 1 
ATOM   758  O OG1 B THR A 1 83  ? -11.278 1.928   7.341   0.20 4.35  ? 83  THR A OG1 1 
ATOM   759  C CG2 A THR A 1 83  ? -11.759 1.860   7.687   0.80 7.37  ? 83  THR A CG2 1 
ATOM   760  C CG2 B THR A 1 83  ? -12.470 0.021   8.234   0.20 2.92  ? 83  THR A CG2 1 
ATOM   761  N N   . ASN A 1 84  ? -8.480  0.418   7.945   1.00 2.45  ? 84  ASN A N   1 
ATOM   762  C CA  . ASN A 1 84  ? -7.541  0.368   9.061   1.00 2.62  ? 84  ASN A CA  1 
ATOM   763  C C   . ASN A 1 84  ? -6.549  1.501   8.941   1.00 2.85  ? 84  ASN A C   1 
ATOM   764  O O   . ASN A 1 84  ? -6.474  2.168   7.893   1.00 3.23  ? 84  ASN A O   1 
ATOM   765  C CB  . ASN A 1 84  ? -6.808  -0.971  9.047   1.00 2.53  ? 84  ASN A CB  1 
ATOM   766  C CG  . ASN A 1 84  ? -6.475  -1.473  10.433  1.00 7.15  ? 84  ASN A CG  1 
ATOM   767  O OD1 . ASN A 1 84  ? -6.205  -0.680  11.386  1.00 7.63  ? 84  ASN A OD1 1 
ATOM   768  N ND2 . ASN A 1 84  ? -6.446  -2.810  10.550  1.00 8.62  ? 84  ASN A ND2 1 
ATOM   769  N N   . LYS A 1 85  ? -5.788  1.709   10.016  1.00 2.00  ? 85  LYS A N   1 
ATOM   770  C CA  A LYS A 1 85  ? -4.586  2.520   9.971   0.50 2.48  ? 85  LYS A CA  1 
ATOM   771  C CA  B LYS A 1 85  ? -4.592  2.529   9.974   0.50 2.44  ? 85  LYS A CA  1 
ATOM   772  C C   . LYS A 1 85  ? -3.483  1.716   9.299   1.00 2.24  ? 85  LYS A C   1 
ATOM   773  O O   . LYS A 1 85  ? -3.541  0.478   9.229   1.00 2.50  ? 85  LYS A O   1 
ATOM   774  C CB  A LYS A 1 85  ? -4.127  2.861   11.378  0.50 3.91  ? 85  LYS A CB  1 
ATOM   775  C CB  B LYS A 1 85  ? -4.138  2.901   11.384  0.50 3.72  ? 85  LYS A CB  1 
ATOM   776  C CG  A LYS A 1 85  ? -4.865  3.986   12.022  0.50 2.97  ? 85  LYS A CG  1 
ATOM   777  C CG  B LYS A 1 85  ? -5.183  3.547   12.262  0.50 2.91  ? 85  LYS A CG  1 
ATOM   778  C CD  A LYS A 1 85  ? -4.431  4.041   13.487  0.50 4.66  ? 85  LYS A CD  1 
ATOM   779  C CD  B LYS A 1 85  ? -4.529  3.950   13.572  0.50 2.00  ? 85  LYS A CD  1 
ATOM   780  C CE  A LYS A 1 85  ? -5.059  5.198   14.220  0.50 4.46  ? 85  LYS A CE  1 
ATOM   781  C CE  B LYS A 1 85  ? -5.504  4.645   14.470  0.50 2.00  ? 85  LYS A CE  1 
ATOM   782  N NZ  A LYS A 1 85  ? -6.465  4.884   14.557  0.50 9.68  ? 85  LYS A NZ  1 
ATOM   783  N NZ  B LYS A 1 85  ? -4.871  5.104   15.737  0.50 2.00  ? 85  LYS A NZ  1 
ATOM   784  N N   . PHE A 1 86  ? -2.451  2.455   8.842   1.00 2.00  ? 86  PHE A N   1 
ATOM   785  C CA  . PHE A 1 86  ? -1.278  1.744   8.337   1.00 2.00  ? 86  PHE A CA  1 
ATOM   786  C C   . PHE A 1 86  ? -0.028  2.558   8.689   1.00 2.00  ? 86  PHE A C   1 
ATOM   787  O O   . PHE A 1 86  ? -0.121  3.758   8.986   1.00 2.31  ? 86  PHE A O   1 
ATOM   788  C CB  . PHE A 1 86  ? -1.413  1.490   6.823   1.00 2.80  ? 86  PHE A CB  1 
ATOM   789  C CG  . PHE A 1 86  ? -1.544  2.738   5.983   1.00 3.73  ? 86  PHE A CG  1 
ATOM   790  C CD1 . PHE A 1 86  ? -0.426  3.441   5.533   1.00 3.63  ? 86  PHE A CD1 1 
ATOM   791  C CD2 . PHE A 1 86  ? -2.822  3.170   5.608   1.00 4.68  ? 86  PHE A CD2 1 
ATOM   792  C CE1 . PHE A 1 86  ? -0.619  4.596   4.670   1.00 4.42  ? 86  PHE A CE1 1 
ATOM   793  C CE2 . PHE A 1 86  ? -3.013  4.328   4.827   1.00 5.37  ? 86  PHE A CE2 1 
ATOM   794  C CZ  . PHE A 1 86  ? -1.937  5.044   4.390   1.00 5.26  ? 86  PHE A CZ  1 
ATOM   795  N N   . CYS A 1 87  ? 1.119   1.898   8.639   1.00 2.70  ? 87  CYS A N   1 
ATOM   796  C CA  . CYS A 1 87  ? 2.437   2.513   8.915   1.00 3.56  ? 87  CYS A CA  1 
ATOM   797  C C   . CYS A 1 87  ? 3.223   2.698   7.618   1.00 2.90  ? 87  CYS A C   1 
ATOM   798  O O   . CYS A 1 87  ? 3.252   1.786   6.781   1.00 2.85  ? 87  CYS A O   1 
ATOM   799  C CB  . CYS A 1 87  ? 3.154   1.589   9.851   1.00 3.00  ? 87  CYS A CB  1 
ATOM   800  S SG  . CYS A 1 87  ? 4.767   2.211   10.333  1.00 4.80  ? 87  CYS A SG  1 
ATOM   801  N N   . VAL A 1 88  ? 3.776   3.910   7.412   1.00 2.48  ? 88  VAL A N   1 
ATOM   802  C CA  . VAL A 1 88  ? 4.669   4.178   6.291   1.00 4.13  ? 88  VAL A CA  1 
ATOM   803  C C   . VAL A 1 88  ? 5.960   4.841   6.778   1.00 2.51  ? 88  VAL A C   1 
ATOM   804  O O   . VAL A 1 88  ? 6.028   5.424   7.897   1.00 3.45  ? 88  VAL A O   1 
ATOM   805  C CB  . VAL A 1 88  ? 4.087   5.215   5.269   1.00 4.92  ? 88  VAL A CB  1 
ATOM   806  C CG1 . VAL A 1 88  ? 2.804   4.612   4.617   1.00 4.87  ? 88  VAL A CG1 1 
ATOM   807  C CG2 . VAL A 1 88  ? 3.783   6.584   5.955   1.00 6.99  ? 88  VAL A CG2 1 
ATOM   808  N N   . THR A 1 89  ? 6.999   4.697   5.966   1.00 2.69  ? 89  THR A N   1 
ATOM   809  C CA  . THR A 1 89  ? 8.221   5.449   6.259   1.00 2.14  ? 89  THR A CA  1 
ATOM   810  C C   . THR A 1 89  ? 8.034   6.785   5.612   1.00 3.04  ? 89  THR A C   1 
ATOM   811  O O   . THR A 1 89  ? 7.860   6.863   4.362   1.00 3.79  ? 89  THR A O   1 
ATOM   812  C CB  . THR A 1 89  ? 9.428   4.718   5.597   1.00 4.09  ? 89  THR A CB  1 
ATOM   813  O OG1 . THR A 1 89  ? 9.496   3.389   6.112   1.00 4.68  ? 89  THR A OG1 1 
ATOM   814  C CG2 . THR A 1 89  ? 10.762  5.472   5.880   1.00 4.66  ? 89  THR A CG2 1 
ATOM   815  N N   . CYS A 1 90  ? 8.045   7.809   6.416   1.00 2.80  ? 90  CYS A N   1 
ATOM   816  C CA  . CYS A 1 90  ? 8.089   9.213   5.928   1.00 2.00  ? 90  CYS A CA  1 
ATOM   817  C C   . CYS A 1 90  ? 9.521   9.704   5.728   1.00 2.93  ? 90  CYS A C   1 
ATOM   818  O O   . CYS A 1 90  ? 10.368  9.481   6.585   1.00 5.04  ? 90  CYS A O   1 
ATOM   819  C CB  . CYS A 1 90  ? 7.407   10.105  6.901   1.00 3.92  ? 90  CYS A CB  1 
ATOM   820  S SG  . CYS A 1 90  ? 5.649   9.843   7.025   1.00 4.16  ? 90  CYS A SG  1 
ATOM   821  N N   . GLU A 1 91  ? 9.764   10.374  4.601   1.00 3.57  ? 91  GLU A N   1 
ATOM   822  C CA  . GLU A 1 91  ? 11.065  10.933  4.367   1.00 3.03  ? 91  GLU A CA  1 
ATOM   823  C C   . GLU A 1 91  ? 10.921  12.184  3.540   1.00 4.64  ? 91  GLU A C   1 
ATOM   824  O O   . GLU A 1 91  ? 10.221  12.141  2.518   1.00 4.02  ? 91  GLU A O   1 
ATOM   825  C CB  . GLU A 1 91  ? 11.958  9.926   3.651   1.00 4.78  ? 91  GLU A CB  1 
ATOM   826  C CG  . GLU A 1 91  ? 13.382  10.405  3.587   1.00 7.15  ? 91  GLU A CG  1 
ATOM   827  C CD  . GLU A 1 91  ? 14.324  9.409   2.980   1.00 7.43  ? 91  GLU A CD  1 
ATOM   828  O OE1 . GLU A 1 91  ? 13.949  8.352   2.439   1.00 9.21  ? 91  GLU A OE1 1 
ATOM   829  O OE2 . GLU A 1 91  ? 15.516  9.666   3.087   1.00 8.79  ? 91  GLU A OE2 1 
ATOM   830  N N   . ASN A 1 92  ? 11.521  13.295  3.983   1.00 3.79  ? 92  ASN A N   1 
ATOM   831  C CA  . ASN A 1 92  ? 11.375  14.577  3.292   1.00 3.92  ? 92  ASN A CA  1 
ATOM   832  C C   . ASN A 1 92  ? 9.899   14.851  2.893   1.00 3.48  ? 92  ASN A C   1 
ATOM   833  O O   . ASN A 1 92  ? 9.564   15.195  1.740   1.00 4.06  ? 92  ASN A O   1 
ATOM   834  C CB  . ASN A 1 92  ? 12.310  14.715  2.083   1.00 3.34  ? 92  ASN A CB  1 
ATOM   835  C CG  . ASN A 1 92  ? 12.435  16.151  1.680   1.00 4.30  ? 92  ASN A CG  1 
ATOM   836  O OD1 . ASN A 1 92  ? 12.150  17.029  2.503   1.00 4.81  ? 92  ASN A OD1 1 
ATOM   837  N ND2 . ASN A 1 92  ? 12.811  16.413  0.414   1.00 4.40  ? 92  ASN A ND2 1 
ATOM   838  N N   . GLN A 1 93  ? 9.003   14.691  3.859   1.00 3.23  ? 93  GLN A N   1 
ATOM   839  C CA  . GLN A 1 93  ? 7.564   15.010  3.769   1.00 4.13  ? 93  GLN A CA  1 
ATOM   840  C C   . GLN A 1 93  ? 6.735   14.168  2.832   1.00 4.69  ? 93  GLN A C   1 
ATOM   841  O O   . GLN A 1 93  ? 5.552   14.529  2.560   1.00 6.57  ? 93  GLN A O   1 
ATOM   842  C CB  . GLN A 1 93  ? 7.317   16.469  3.427   1.00 4.09  ? 93  GLN A CB  1 
ATOM   843  C CG  . GLN A 1 93  ? 8.284   17.397  4.202   1.00 5.76  ? 93  GLN A CG  1 
ATOM   844  C CD  . GLN A 1 93  ? 7.820   18.822  4.229   1.00 7.96  ? 93  GLN A CD  1 
ATOM   845  O OE1 . GLN A 1 93  ? 8.544   19.715  3.707   1.00 10.77 ? 93  GLN A OE1 1 
ATOM   846  N NE2 . GLN A 1 93  ? 6.711   19.079  4.816   1.00 2.88  ? 93  GLN A NE2 1 
ATOM   847  N N   . ALA A 1 94  ? 7.257   13.010  2.424   1.00 2.75  ? 94  ALA A N   1 
ATOM   848  C CA  . ALA A 1 94  ? 6.442   12.048  1.625   1.00 4.55  ? 94  ALA A CA  1 
ATOM   849  C C   . ALA A 1 94  ? 6.588   10.613  2.081   1.00 2.88  ? 94  ALA A C   1 
ATOM   850  O O   . ALA A 1 94  ? 7.658   10.225  2.580   1.00 3.49  ? 94  ALA A O   1 
ATOM   851  C CB  . ALA A 1 94  ? 6.822   12.117  0.155   1.00 4.97  ? 94  ALA A CB  1 
ATOM   852  N N   . PRO A 1 95  ? 5.533   9.793   1.878   1.00 3.28  ? 95  PRO A N   1 
ATOM   853  C CA  . PRO A 1 95  ? 5.703   8.343   2.066   1.00 4.16  ? 95  PRO A CA  1 
ATOM   854  C C   . PRO A 1 95  ? 6.680   7.736   1.058   1.00 5.26  ? 95  PRO A C   1 
ATOM   855  O O   . PRO A 1 95  ? 6.576   8.027   -0.126  1.00 3.92  ? 95  PRO A O   1 
ATOM   856  C CB  . PRO A 1 95  ? 4.289   7.798   1.794   1.00 4.69  ? 95  PRO A CB  1 
ATOM   857  C CG  . PRO A 1 95  ? 3.380   8.927   2.001   1.00 5.28  ? 95  PRO A CG  1 
ATOM   858  C CD  . PRO A 1 95  ? 4.141   10.135  1.548   1.00 5.70  ? 95  PRO A CD  1 
ATOM   859  N N   . VAL A 1 96  ? 7.648   6.971   1.532   1.00 4.75  ? 96  VAL A N   1 
ATOM   860  C CA  . VAL A 1 96  ? 8.606   6.315   0.652   1.00 3.77  ? 96  VAL A CA  1 
ATOM   861  C C   . VAL A 1 96  ? 8.610   4.780   0.761   1.00 5.35  ? 96  VAL A C   1 
ATOM   862  O O   . VAL A 1 96  ? 9.221   4.097   -0.059  1.00 4.44  ? 96  VAL A O   1 
ATOM   863  C CB  . VAL A 1 96  ? 10.030  6.898   0.800   1.00 4.21  ? 96  VAL A CB  1 
ATOM   864  C CG1 . VAL A 1 96  ? 9.997   8.427   0.461   1.00 3.67  ? 96  VAL A CG1 1 
ATOM   865  C CG2 . VAL A 1 96  ? 10.583  6.688   2.251   1.00 4.23  ? 96  VAL A CG2 1 
ATOM   866  N N   . HIS A 1 97  ? 8.028   4.271   1.850   1.00 3.82  ? 97  HIS A N   1 
ATOM   867  C CA  . HIS A 1 97  ? 7.875   2.795   1.992   1.00 2.53  ? 97  HIS A CA  1 
ATOM   868  C C   . HIS A 1 97  ? 6.536   2.493   2.696   1.00 2.11  ? 97  HIS A C   1 
ATOM   869  O O   . HIS A 1 97  ? 6.140   3.254   3.561   1.00 3.13  ? 97  HIS A O   1 
ATOM   870  C CB  . HIS A 1 97  ? 8.974   2.149   2.849   1.00 4.75  ? 97  HIS A CB  1 
ATOM   871  C CG  . HIS A 1 97  ? 10.290  2.142   2.163   1.00 8.48  ? 97  HIS A CG  1 
ATOM   872  N ND1 . HIS A 1 97  ? 10.566  1.310   1.101   1.00 10.38 ? 97  HIS A ND1 1 
ATOM   873  C CD2 . HIS A 1 97  ? 11.407  2.892   2.354   1.00 9.03  ? 97  HIS A CD2 1 
ATOM   874  C CE1 . HIS A 1 97  ? 11.810  1.519   0.687   1.00 10.18 ? 97  HIS A CE1 1 
ATOM   875  N NE2 . HIS A 1 97  ? 12.324  2.508   1.403   1.00 9.66  ? 97  HIS A NE2 1 
ATOM   876  N N   . PHE A 1 98  ? 5.882   1.375   2.323   1.00 3.53  ? 98  PHE A N   1 
ATOM   877  C CA  . PHE A 1 98  ? 4.746   0.905   3.105   1.00 3.77  ? 98  PHE A CA  1 
ATOM   878  C C   . PHE A 1 98  ? 5.307   -0.113  4.089   1.00 4.13  ? 98  PHE A C   1 
ATOM   879  O O   . PHE A 1 98  ? 5.989   -1.036  3.679   1.00 5.42  ? 98  PHE A O   1 
ATOM   880  C CB  . PHE A 1 98  ? 3.703   0.230   2.158   1.00 3.47  ? 98  PHE A CB  1 
ATOM   881  C CG  . PHE A 1 98  ? 2.389   -0.094  2.842   1.00 2.64  ? 98  PHE A CG  1 
ATOM   882  C CD1 . PHE A 1 98  ? 2.229   -1.323  3.541   1.00 3.40  ? 98  PHE A CD1 1 
ATOM   883  C CD2 . PHE A 1 98  ? 1.331   0.806   2.790   1.00 4.85  ? 98  PHE A CD2 1 
ATOM   884  C CE1 . PHE A 1 98  ? 1.004   -1.607  4.202   1.00 3.77  ? 98  PHE A CE1 1 
ATOM   885  C CE2 . PHE A 1 98  ? 0.149   0.526   3.448   1.00 6.40  ? 98  PHE A CE2 1 
ATOM   886  C CZ  . PHE A 1 98  ? -0.018  -0.661  4.170   1.00 3.69  ? 98  PHE A CZ  1 
ATOM   887  N N   . VAL A 1 99  ? 5.045   0.097   5.367   1.00 3.10  ? 99  VAL A N   1 
ATOM   888  C CA  . VAL A 1 99  ? 5.603   -0.740  6.416   1.00 2.92  ? 99  VAL A CA  1 
ATOM   889  C C   . VAL A 1 99  ? 4.648   -1.888  6.808   1.00 2.93  ? 99  VAL A C   1 
ATOM   890  O O   . VAL A 1 99  ? 5.023   -3.074  6.756   1.00 2.82  ? 99  VAL A O   1 
ATOM   891  C CB  . VAL A 1 99  ? 6.007   0.098   7.617   1.00 4.25  ? 99  VAL A CB  1 
ATOM   892  C CG1 . VAL A 1 99  ? 6.594   -0.793  8.719   1.00 2.53  ? 99  VAL A CG1 1 
ATOM   893  C CG2 . VAL A 1 99  ? 7.027   1.213   7.202   1.00 3.94  ? 99  VAL A CG2 1 
ATOM   894  N N   . GLY A 1 100 ? 3.401   -1.549  7.135   1.00 2.84  ? 100 GLY A N   1 
ATOM   895  C CA  . GLY A 1 100 ? 2.457   -2.587  7.514   1.00 3.61  ? 100 GLY A CA  1 
ATOM   896  C C   . GLY A 1 100 ? 1.123   -1.956  7.882   1.00 3.86  ? 100 GLY A C   1 
ATOM   897  O O   . GLY A 1 100 ? 0.950   -0.738  7.874   1.00 3.48  ? 100 GLY A O   1 
ATOM   898  N N   . VAL A 1 101 ? 0.118   -2.831  8.089   1.00 2.89  ? 101 VAL A N   1 
ATOM   899  C CA  . VAL A 1 101 ? -1.216  -2.442  8.526   1.00 2.27  ? 101 VAL A CA  1 
ATOM   900  C C   . VAL A 1 101 ? -1.307  -2.435  10.063  1.00 3.31  ? 101 VAL A C   1 
ATOM   901  O O   . VAL A 1 101 ? -0.816  -3.325  10.727  1.00 3.64  ? 101 VAL A O   1 
ATOM   902  C CB  . VAL A 1 101 ? -2.247  -3.394  7.885   1.00 4.30  ? 101 VAL A CB  1 
ATOM   903  C CG1 . VAL A 1 101 ? -3.702  -3.170  8.425   1.00 4.22  ? 101 VAL A CG1 1 
ATOM   904  C CG2 . VAL A 1 101 ? -2.211  -3.204  6.420   1.00 3.59  ? 101 VAL A CG2 1 
ATOM   905  N N   . GLY A 1 102 ? -2.024  -1.443  10.567  1.00 3.16  ? 102 GLY A N   1 
ATOM   906  C CA  . GLY A 1 102 ? -2.457  -1.509  11.980  1.00 4.09  ? 102 GLY A CA  1 
ATOM   907  C C   . GLY A 1 102 ? -1.419  -1.020  12.966  1.00 4.96  ? 102 GLY A C   1 
ATOM   908  O O   . GLY A 1 102 ? -1.779  -0.497  14.028  1.00 5.31  ? 102 GLY A O   1 
ATOM   909  N N   . SER A 1 103 ? -0.120  -1.163  12.659  1.00 4.42  ? 103 SER A N   1 
ATOM   910  C CA  . SER A 1 103 ? 0.942   -0.826  13.598  1.00 5.22  ? 103 SER A CA  1 
ATOM   911  C C   . SER A 1 103 ? 2.270   -0.628  12.866  1.00 4.20  ? 103 SER A C   1 
ATOM   912  O O   . SER A 1 103 ? 2.492   -1.266  11.826  1.00 5.08  ? 103 SER A O   1 
ATOM   913  C CB  . SER A 1 103 ? 1.130   -1.949  14.638  1.00 4.72  ? 103 SER A CB  1 
ATOM   914  O OG  . SER A 1 103 ? 2.152   -1.634  15.577  1.00 6.38  ? 103 SER A OG  1 
ATOM   915  N N   . CYS A 1 104 ? 3.106   0.259   13.445  1.00 6.10  ? 104 CYS A N   1 
ATOM   916  C CA  . CYS A 1 104 ? 4.517   0.311   13.037  1.00 5.31  ? 104 CYS A CA  1 
ATOM   917  C C   . CYS A 1 104 ? 5.263   -0.779  13.846  1.00 6.55  ? 104 CYS A C   1 
ATOM   918  O O   . CYS A 1 104 ? 6.504   -0.864  13.738  1.00 7.64  ? 104 CYS A O   1 
ATOM   919  C CB  . CYS A 1 104 ? 5.124   1.678   13.335  1.00 6.32  ? 104 CYS A CB  1 
ATOM   920  S SG  . CYS A 1 104 ? 4.460   2.965   12.193  1.00 5.44  ? 104 CYS A SG  1 
ATOM   921  O OXT . CYS A 1 104 ? 4.628   -1.579  14.572  1.00 8.18  ? 104 CYS A OXT 1 
HETATM 922  S S   . SO4 B 2 .   ? 7.687   -0.783  -0.175  1.00 9.54  ? 105 SO4 A S   1 
HETATM 923  O O1  . SO4 B 2 .   ? 8.422   -0.740  1.128   1.00 12.68 ? 105 SO4 A O1  1 
HETATM 924  O O2  . SO4 B 2 .   ? 8.568   -0.875  -1.345  1.00 15.32 ? 105 SO4 A O2  1 
HETATM 925  O O3  . SO4 B 2 .   ? 6.768   -1.912  -0.147  1.00 12.40 ? 105 SO4 A O3  1 
HETATM 926  O O4  . SO4 B 2 .   ? 6.795   0.381   -0.252  1.00 12.14 ? 105 SO4 A O4  1 
HETATM 927  S S   . SO4 C 2 .   ? 3.241   15.163  -5.989  0.70 15.50 ? 106 SO4 A S   1 
HETATM 928  O O1  . SO4 C 2 .   ? 4.325   15.529  -5.094  0.70 18.82 ? 106 SO4 A O1  1 
HETATM 929  O O2  . SO4 C 2 .   ? 3.845   14.707  -7.259  0.70 20.55 ? 106 SO4 A O2  1 
HETATM 930  O O3  . SO4 C 2 .   ? 2.332   14.115  -5.449  0.70 10.89 ? 106 SO4 A O3  1 
HETATM 931  O O4  . SO4 C 2 .   ? 2.478   16.388  -6.283  0.70 19.46 ? 106 SO4 A O4  1 
HETATM 932  S S   . SO4 D 2 .   ? -3.526  14.794  -5.888  0.80 9.80  ? 107 SO4 A S   1 
HETATM 933  O O1  . SO4 D 2 .   ? -3.945  16.218  -5.822  0.80 13.76 ? 107 SO4 A O1  1 
HETATM 934  O O2  . SO4 D 2 .   ? -2.069  14.748  -5.588  0.80 11.25 ? 107 SO4 A O2  1 
HETATM 935  O O3  . SO4 D 2 .   ? -4.324  14.027  -4.922  0.80 5.70  ? 107 SO4 A O3  1 
HETATM 936  O O4  . SO4 D 2 .   ? -3.666  14.280  -7.260  0.80 14.27 ? 107 SO4 A O4  1 
HETATM 937  C C   A ACT E 3 .   ? -7.125  -21.606 -2.006  0.60 14.39 ? 108 ACT A C   1 
HETATM 938  C C   B ACT E 3 .   ? -7.897  -21.417 -4.095  0.40 12.26 ? 108 ACT A C   1 
HETATM 939  O O   A ACT E 3 .   ? -7.973  -22.387 -1.482  0.60 16.44 ? 108 ACT A O   1 
HETATM 940  O O   B ACT E 3 .   ? -8.559  -20.427 -4.513  0.40 11.83 ? 108 ACT A O   1 
HETATM 941  O OXT A ACT E 3 .   ? -6.524  -20.759 -1.266  0.60 12.38 ? 108 ACT A OXT 1 
HETATM 942  O OXT B ACT E 3 .   ? -7.255  -22.113 -4.940  0.40 12.66 ? 108 ACT A OXT 1 
HETATM 943  C CH3 A ACT E 3 .   ? -6.913  -21.764 -3.469  0.60 15.32 ? 108 ACT A CH3 1 
HETATM 944  C CH3 B ACT E 3 .   ? -7.876  -21.708 -2.620  0.40 12.73 ? 108 ACT A CH3 1 
HETATM 945  O O   . HOH F 4 .   ? -2.685  -3.470  -14.008 1.00 19.58 ? 110 HOH A O   1 
HETATM 946  O O   . HOH F 4 .   ? -4.916  -4.195  -12.842 1.00 10.47 ? 111 HOH A O   1 
HETATM 947  O O   . HOH F 4 .   ? 15.151  5.124   -0.869  1.00 35.18 ? 112 HOH A O   1 
HETATM 948  O O   . HOH F 4 .   ? -14.441 3.622   -8.292  1.00 12.79 ? 113 HOH A O   1 
HETATM 949  O O   . HOH F 4 .   ? -11.083 -3.120  10.619  1.00 22.43 ? 114 HOH A O   1 
HETATM 950  O O   . HOH F 4 .   ? -14.885 8.396   0.926   1.00 11.79 ? 115 HOH A O   1 
HETATM 951  O O   . HOH F 4 .   ? 13.171  11.013  0.204   1.00 15.68 ? 116 HOH A O   1 
HETATM 952  O O   . HOH F 4 .   ? -16.294 5.158   -1.334  1.00 16.83 ? 117 HOH A O   1 
HETATM 953  O O   . HOH F 4 .   ? -10.469 9.266   -8.421  1.00 7.80  ? 118 HOH A O   1 
HETATM 954  O O   . HOH F 4 .   ? -9.359  -0.999  12.253  1.00 11.94 ? 119 HOH A O   1 
HETATM 955  O O   . HOH F 4 .   ? -2.457  4.809   17.205  1.00 24.64 ? 120 HOH A O   1 
HETATM 956  O O   . HOH F 4 .   ? 2.659   -16.427 -6.285  1.00 6.47  ? 121 HOH A O   1 
HETATM 957  O O   . HOH F 4 .   ? 5.936   -7.004  1.408   1.00 24.40 ? 122 HOH A O   1 
HETATM 958  O O   . HOH F 4 .   ? 7.854   -7.600  -0.248  1.00 22.91 ? 123 HOH A O   1 
HETATM 959  O O   . HOH F 4 .   ? 8.692   5.855   14.419  1.00 24.99 ? 124 HOH A O   1 
HETATM 960  O O   . HOH F 4 .   ? 9.243   17.880  0.792   1.00 24.97 ? 125 HOH A O   1 
HETATM 961  O O   . HOH F 4 .   ? 11.725  16.634  10.755  1.00 5.76  ? 126 HOH A O   1 
HETATM 962  O O   . HOH F 4 .   ? 4.703   -10.539 -0.378  1.00 20.87 ? 127 HOH A O   1 
HETATM 963  O O   . HOH F 4 .   ? -10.315 7.524   11.054  1.00 6.00  ? 128 HOH A O   1 
HETATM 964  O O   . HOH F 4 .   ? -5.566  12.394  9.678   1.00 23.00 ? 129 HOH A O   1 
HETATM 965  O O   . HOH F 4 .   ? -4.205  9.977   8.683   1.00 29.15 ? 130 HOH A O   1 
HETATM 966  O O   . HOH F 4 .   ? -3.160  12.141  7.990   1.00 16.45 ? 131 HOH A O   1 
HETATM 967  O O   . HOH F 4 .   ? 2.460   -18.644 -4.659  1.00 6.03  ? 132 HOH A O   1 
HETATM 968  O O   . HOH F 4 .   ? -7.560  -5.274  3.298   1.00 4.78  ? 133 HOH A O   1 
HETATM 969  O O   . HOH F 4 .   ? 13.074  15.194  14.214  1.00 13.58 ? 134 HOH A O   1 
HETATM 970  O O   . HOH F 4 .   ? -1.610  12.942  -8.594  1.00 21.12 ? 135 HOH A O   1 
HETATM 971  O O   . HOH F 4 .   ? -1.805  -5.292  -15.990 1.00 21.33 ? 136 HOH A O   1 
HETATM 972  O O   . HOH F 4 .   ? 15.887  7.085   0.955   1.00 24.73 ? 137 HOH A O   1 
HETATM 973  O O   . HOH F 4 .   ? -8.818  5.680   2.066   1.00 5.07  ? 138 HOH A O   1 
HETATM 974  O O   . HOH F 4 .   ? 2.622   1.679   15.891  1.00 10.93 ? 139 HOH A O   1 
HETATM 975  O O   . HOH F 4 .   ? -13.606 1.863   -6.363  1.00 6.02  ? 140 HOH A O   1 
HETATM 976  O O   . HOH F 4 .   ? -3.393  -25.312 -9.137  1.00 24.96 ? 141 HOH A O   1 
HETATM 977  O O   . HOH F 4 .   ? 11.934  9.300   -11.753 1.00 21.48 ? 142 HOH A O   1 
HETATM 978  O O   . HOH F 4 .   ? -9.449  8.228   2.811   1.00 7.96  ? 143 HOH A O   1 
HETATM 979  O O   . HOH F 4 .   ? -6.812  -14.645 1.726   1.00 20.34 ? 144 HOH A O   1 
HETATM 980  O O   . HOH F 4 .   ? -6.316  -3.020  -10.595 1.00 6.61  ? 145 HOH A O   1 
HETATM 981  O O   . HOH F 4 .   ? 6.784   -4.513  -1.068  1.00 21.04 ? 146 HOH A O   1 
HETATM 982  O O   . HOH F 4 .   ? -8.733  8.669   5.503   1.00 6.09  ? 147 HOH A O   1 
HETATM 983  O O   . HOH F 4 .   ? 3.489   -15.079 -13.778 1.00 19.02 ? 148 HOH A O   1 
HETATM 984  O O   . HOH F 4 .   ? -10.436 -3.545  -11.405 1.00 7.71  ? 149 HOH A O   1 
HETATM 985  O O   . HOH F 4 .   ? 13.270  11.140  -3.367  1.00 25.96 ? 150 HOH A O   1 
HETATM 986  O O   . HOH F 4 .   ? 17.256  9.687   -0.203  1.00 14.24 ? 151 HOH A O   1 
HETATM 987  O O   . HOH F 4 .   ? 1.455   -5.408  8.488   1.00 5.56  ? 152 HOH A O   1 
HETATM 988  O O   . HOH F 4 .   ? 5.556   12.881  13.459  1.00 21.54 ? 153 HOH A O   1 
HETATM 989  O O   . HOH F 4 .   ? -8.016  -10.518 -9.953  1.00 10.49 ? 154 HOH A O   1 
HETATM 990  O O   . HOH F 4 .   ? -11.403 -12.021 -4.634  1.00 6.74  ? 155 HOH A O   1 
HETATM 991  O O   . HOH F 4 .   ? -1.407  18.784  5.024   1.00 31.79 ? 156 HOH A O   1 
HETATM 992  O O   . HOH F 4 .   ? -2.194  -15.532 1.472   1.00 7.52  ? 157 HOH A O   1 
HETATM 993  O O   . HOH F 4 .   ? 5.188   -3.450  1.638   1.00 10.58 ? 158 HOH A O   1 
HETATM 994  O O   . HOH F 4 .   ? 3.265   12.715  14.002  1.00 18.35 ? 159 HOH A O   1 
HETATM 995  O O   . HOH F 4 .   ? -13.342 -1.520  4.067   1.00 12.52 ? 160 HOH A O   1 
HETATM 996  O O   . HOH F 4 .   ? 0.286   -20.332 -4.187  1.00 8.73  ? 161 HOH A O   1 
HETATM 997  O O   . HOH F 4 .   ? 3.204   14.269  12.137  1.00 10.25 ? 162 HOH A O   1 
HETATM 998  O O   . HOH F 4 .   ? -0.867  16.865  6.828   1.00 19.61 ? 163 HOH A O   1 
HETATM 999  O O   . HOH F 4 .   ? -16.426 -16.650 -4.084  1.00 27.77 ? 164 HOH A O   1 
HETATM 1000 O O   . HOH F 4 .   ? -3.110  18.661  3.024   1.00 24.30 ? 165 HOH A O   1 
HETATM 1001 O O   . HOH F 4 .   ? -9.030  6.688   -5.030  1.00 11.51 ? 166 HOH A O   1 
HETATM 1002 O O   . HOH F 4 .   ? -10.805 -14.538 -8.862  1.00 20.85 ? 167 HOH A O   1 
HETATM 1003 O O   . HOH F 4 .   ? -11.376 8.598   0.771   1.00 23.33 ? 168 HOH A O   1 
HETATM 1004 O O   . HOH F 4 .   ? -5.163  -1.025  -8.947  1.00 9.08  ? 169 HOH A O   1 
HETATM 1005 O O   . HOH F 4 .   ? -15.961 -0.732  8.381   1.00 16.26 ? 170 HOH A O   1 
HETATM 1006 O O   . HOH F 4 .   ? 6.119   -4.087  4.430   1.00 7.73  ? 171 HOH A O   1 
HETATM 1007 O O   . HOH F 4 .   ? -8.233  8.520   -6.903  1.00 10.22 ? 172 HOH A O   1 
HETATM 1008 O O   . HOH F 4 .   ? -2.335  -9.043  3.983   1.00 19.62 ? 173 HOH A O   1 
HETATM 1009 O O   . HOH F 4 .   ? 2.246   -4.515  0.955   1.00 6.15  ? 174 HOH A O   1 
HETATM 1010 O O   . HOH F 4 .   ? 13.678  14.834  11.074  1.00 6.53  ? 175 HOH A O   1 
HETATM 1011 O O   . HOH F 4 .   ? -8.193  -2.333  -12.448 1.00 6.26  ? 176 HOH A O   1 
HETATM 1012 O O   . HOH F 4 .   ? 12.320  12.567  11.287  1.00 7.36  ? 177 HOH A O   1 
HETATM 1013 O O   . HOH F 4 .   ? 10.618  11.971  -0.243  1.00 8.86  ? 178 HOH A O   1 
HETATM 1014 O O   . HOH F 4 .   ? -1.006  -13.190 1.507   1.00 9.80  ? 179 HOH A O   1 
HETATM 1015 O O   . HOH F 4 .   ? 0.292   11.840  10.081  1.00 10.38 ? 180 HOH A O   1 
HETATM 1016 O O   . HOH F 4 .   ? 8.365   0.272   12.208  1.00 12.34 ? 181 HOH A O   1 
HETATM 1017 O O   . HOH F 4 .   ? 5.900   8.207   14.223  1.00 5.52  ? 182 HOH A O   1 
HETATM 1018 O O   . HOH F 4 .   ? 9.164   -13.633 -7.649  1.00 7.94  ? 183 HOH A O   1 
HETATM 1019 O O   . HOH F 4 .   ? -12.257 -3.610  8.144   1.00 8.57  ? 184 HOH A O   1 
HETATM 1020 O O   . HOH F 4 .   ? 1.316   -5.072  11.072  1.00 7.09  ? 185 HOH A O   1 
HETATM 1021 O O   . HOH F 4 .   ? -4.349  7.588   -6.443  1.00 8.46  ? 186 HOH A O   1 
HETATM 1022 O O   . HOH F 4 .   ? -1.920  10.439  9.362   1.00 9.39  ? 187 HOH A O   1 
HETATM 1023 O O   . HOH F 4 .   ? -9.535  10.239  -3.077  1.00 8.91  ? 188 HOH A O   1 
HETATM 1024 O O   . HOH F 4 .   ? -14.371 0.675   9.756   1.00 9.72  ? 189 HOH A O   1 
HETATM 1025 O O   . HOH F 4 .   ? 3.431   6.969   14.482  1.00 9.57  ? 190 HOH A O   1 
HETATM 1026 O O   . HOH F 4 .   ? 0.480   -4.998  5.142   1.00 7.72  ? 191 HOH A O   1 
HETATM 1027 O O   . HOH F 4 .   ? 9.319   20.381  9.254   1.00 7.72  ? 192 HOH A O   1 
HETATM 1028 O O   . HOH F 4 .   ? 6.764   -15.190 -6.954  1.00 11.08 ? 193 HOH A O   1 
HETATM 1029 O O   . HOH F 4 .   ? -1.685  -24.855 -6.883  1.00 7.72  ? 194 HOH A O   1 
HETATM 1030 O O   . HOH F 4 .   ? -7.919  -15.427 -8.233  1.00 7.34  ? 195 HOH A O   1 
HETATM 1031 O O   . HOH F 4 .   ? -12.158 -0.134  11.233  1.00 8.93  ? 196 HOH A O   1 
HETATM 1032 O O   . HOH F 4 .   ? -13.951 6.717   -0.963  1.00 12.81 ? 197 HOH A O   1 
HETATM 1033 O O   . HOH F 4 .   ? -14.691 7.474   -3.406  1.00 11.65 ? 198 HOH A O   1 
HETATM 1034 O O   . HOH F 4 .   ? -1.981  -8.350  0.690   1.00 8.26  ? 199 HOH A O   1 
HETATM 1035 O O   . HOH F 4 .   ? 10.458  10.500  -2.456  1.00 9.13  ? 200 HOH A O   1 
HETATM 1036 O O   . HOH F 4 .   ? -10.975 6.929   -1.239  1.00 9.31  ? 201 HOH A O   1 
HETATM 1037 O O   . HOH F 4 .   ? -4.933  2.472   -9.526  1.00 14.55 ? 202 HOH A O   1 
HETATM 1038 O O   . HOH F 4 .   ? -7.521  -4.343  8.232   1.00 11.62 ? 203 HOH A O   1 
HETATM 1039 O O   . HOH F 4 .   ? -8.136  10.025  0.996   1.00 15.94 ? 204 HOH A O   1 
HETATM 1040 O O   . HOH F 4 .   ? 5.621   -3.576  -13.669 1.00 17.75 ? 205 HOH A O   1 
HETATM 1041 O O   . HOH F 4 .   ? -2.426  6.786   14.998  1.00 13.51 ? 206 HOH A O   1 
HETATM 1042 O O   . HOH F 4 .   ? -2.310  6.185   -12.226 1.00 16.82 ? 207 HOH A O   1 
HETATM 1043 O O   . HOH F 4 .   ? -13.529 5.682   -6.906  1.00 14.04 ? 208 HOH A O   1 
HETATM 1044 O O   . HOH F 4 .   ? 3.006   14.551  9.472   1.00 12.26 ? 209 HOH A O   1 
HETATM 1045 O O   . HOH F 4 .   ? -9.468  -12.235 -6.805  1.00 12.05 ? 210 HOH A O   1 
HETATM 1046 O O   . HOH F 4 .   ? -10.957 7.926   -3.663  1.00 7.33  ? 211 HOH A O   1 
HETATM 1047 O O   . HOH F 4 .   ? 5.320   -6.005  -16.197 1.00 11.28 ? 212 HOH A O   1 
HETATM 1048 O O   . HOH F 4 .   ? 0.964   12.517  -7.412  1.00 10.47 ? 213 HOH A O   1 
HETATM 1049 O O   . HOH F 4 .   ? -3.284  9.076   16.265  1.00 20.87 ? 214 HOH A O   1 
HETATM 1050 O O   . HOH F 4 .   ? 3.820   -12.638 -14.489 1.00 13.73 ? 215 HOH A O   1 
HETATM 1051 O O   . HOH F 4 .   ? 12.630  5.654   -12.085 1.00 27.21 ? 216 HOH A O   1 
HETATM 1052 O O   . HOH F 4 .   ? -2.294  -14.220 -12.405 1.00 14.59 ? 217 HOH A O   1 
HETATM 1053 O O   . HOH F 4 .   ? 7.104   2.146   -2.137  1.00 14.95 ? 218 HOH A O   1 
HETATM 1054 O O   . HOH F 4 .   ? -11.349 6.513   -8.353  1.00 9.32  ? 219 HOH A O   1 
HETATM 1055 O O   . HOH F 4 .   ? -14.541 -3.706  4.978   1.00 25.98 ? 220 HOH A O   1 
HETATM 1056 O O   . HOH F 4 .   ? 3.586   16.323  2.792   1.00 13.95 ? 221 HOH A O   1 
HETATM 1057 O O   . HOH F 4 .   ? -8.682  -9.795  -7.426  1.00 12.77 ? 222 HOH A O   1 
HETATM 1058 O O   . HOH F 4 .   ? 4.573   0.127   17.388  1.00 19.61 ? 223 HOH A O   1 
HETATM 1059 O O   . HOH F 4 .   ? 11.463  5.064   12.626  1.00 28.16 ? 224 HOH A O   1 
HETATM 1060 O O   . HOH F 4 .   ? -0.942  0.752   -7.192  1.00 13.63 ? 225 HOH A O   1 
HETATM 1061 O O   . HOH F 4 .   ? 1.130   0.633   -10.275 1.00 21.38 ? 226 HOH A O   1 
HETATM 1062 O O   . HOH F 4 .   ? -12.208 -1.339  -11.057 1.00 12.48 ? 227 HOH A O   1 
HETATM 1063 O O   . HOH F 4 .   ? 0.244   -15.095 -13.778 1.00 14.90 ? 228 HOH A O   1 
HETATM 1064 O O   . HOH F 4 .   ? -14.895 -3.086  7.688   1.00 22.12 ? 229 HOH A O   1 
HETATM 1065 O O   . HOH F 4 .   ? 6.812   -4.952  -5.320  1.00 20.23 ? 230 HOH A O   1 
HETATM 1066 O O   . HOH F 4 .   ? 3.969   7.470   -9.491  1.00 14.34 ? 231 HOH A O   1 
HETATM 1067 O O   . HOH F 4 .   ? -12.651 -6.153  6.626   1.00 12.56 ? 232 HOH A O   1 
HETATM 1068 O O   . HOH F 4 .   ? -0.198  8.495   -8.430  1.00 14.80 ? 233 HOH A O   1 
HETATM 1069 O O   . HOH F 4 .   ? 0.038   14.565  -3.818  1.00 14.18 ? 234 HOH A O   1 
HETATM 1070 O O   . HOH F 4 .   ? -2.869  0.218   -8.961  1.00 18.01 ? 235 HOH A O   1 
HETATM 1071 O O   . HOH F 4 .   ? 4.944   -2.484  17.782  1.00 16.03 ? 236 HOH A O   1 
HETATM 1072 O O   . HOH F 4 .   ? 9.365   10.629  -5.950  1.00 18.69 ? 237 HOH A O   1 
HETATM 1073 O O   . HOH F 4 .   ? -2.273  7.055   -7.759  1.00 20.60 ? 238 HOH A O   1 
HETATM 1074 O O   . HOH F 4 .   ? 4.416   12.274  -7.832  1.00 14.54 ? 239 HOH A O   1 
HETATM 1075 O O   . HOH F 4 .   ? -5.754  -16.381 0.041   1.00 17.56 ? 240 HOH A O   1 
HETATM 1076 O O   . HOH F 4 .   ? -15.314 -0.584  2.609   1.00 27.24 ? 241 HOH A O   1 
HETATM 1077 O O   . HOH F 4 .   ? -17.480 2.263   2.251   1.00 30.72 ? 242 HOH A O   1 
HETATM 1078 O O   . HOH F 4 .   ? 11.689  -4.402  -14.089 1.00 22.90 ? 243 HOH A O   1 
HETATM 1079 O O   . HOH F 4 .   ? 12.331  4.718   9.061   1.00 20.30 ? 244 HOH A O   1 
HETATM 1080 O O   . HOH F 4 .   ? -14.756 1.138   -1.557  1.00 12.92 ? 245 HOH A O   1 
HETATM 1081 O O   . HOH F 4 .   ? 13.849  5.841   4.343   1.00 16.98 ? 246 HOH A O   1 
HETATM 1082 O O   . HOH F 4 .   ? -15.380 -1.364  -9.448  1.00 20.36 ? 247 HOH A O   1 
HETATM 1083 O O   . HOH F 4 .   ? 10.032  14.352  -1.081  1.00 22.20 ? 248 HOH A O   1 
HETATM 1084 O O   . HOH F 4 .   ? 16.271  8.622   10.065  1.00 17.43 ? 249 HOH A O   1 
HETATM 1085 O O   . HOH F 4 .   ? 1.172   8.589   14.243  1.00 17.40 ? 250 HOH A O   1 
HETATM 1086 O O   . HOH F 4 .   ? 5.755   11.034  14.110  1.00 17.21 ? 251 HOH A O   1 
HETATM 1087 O O   . HOH F 4 .   ? 4.141   -5.889  -0.622  1.00 19.17 ? 252 HOH A O   1 
HETATM 1088 O O   . HOH F 4 .   ? 11.083  -1.504  -0.983  1.00 17.61 ? 253 HOH A O   1 
HETATM 1089 O O   . HOH F 4 .   ? -13.469 -0.710  -7.832  1.00 22.02 ? 254 HOH A O   1 
HETATM 1090 O O   . HOH F 4 .   ? -1.128  4.875   -8.126  1.00 18.11 ? 255 HOH A O   1 
HETATM 1091 O O   . HOH F 4 .   ? -7.350  12.803  11.531  1.00 22.04 ? 256 HOH A O   1 
HETATM 1092 O O   . HOH F 4 .   ? 1.983   -2.767  -12.731 1.00 18.13 ? 257 HOH A O   1 
HETATM 1093 O O   . HOH F 4 .   ? -15.231 1.813   -4.145  1.00 12.66 ? 258 HOH A O   1 
HETATM 1094 O O   . HOH F 4 .   ? -0.754  -1.744  -13.298 1.00 17.52 ? 277 HOH A O   1 
HETATM 1095 O O   . HOH F 4 .   ? 7.434   12.947  -7.263  1.00 37.18 ? 278 HOH A O   1 
HETATM 1096 O O   . HOH F 4 .   ? 13.446  8.825   -1.530  1.00 31.61 ? 279 HOH A O   1 
HETATM 1097 O O   . HOH F 4 .   ? -7.926  -14.717 4.497   1.00 26.81 ? 281 HOH A O   1 
HETATM 1098 O O   . HOH F 4 .   ? -7.679  12.058  14.028  1.00 94.31 ? 283 HOH A O   1 
HETATM 1099 O O   . HOH F 4 .   ? -0.039  10.230  11.839  1.00 24.60 ? 284 HOH A O   1 
HETATM 1100 O O   . HOH F 4 .   ? -1.981  14.472  8.609   1.00 28.29 ? 285 HOH A O   1 
HETATM 1101 O O   . HOH F 4 .   ? -5.265  0.228   13.935  1.00 26.59 ? 286 HOH A O   1 
HETATM 1102 O O   . HOH F 4 .   ? -13.556 -17.882 -4.926  1.00 40.84 ? 287 HOH A O   1 
HETATM 1103 O O   . HOH F 4 .   ? 6.833   18.327  -0.286  1.00 32.48 ? 288 HOH A O   1 
HETATM 1104 O O   . HOH F 4 .   ? -16.129 -5.664  6.866   1.00 27.31 ? 289 HOH A O   1 
HETATM 1105 O O   . HOH F 4 .   ? 0.430   16.689  -2.644  1.00 31.23 ? 291 HOH A O   1 
HETATM 1106 O O   . HOH F 4 .   ? 1.365   6.950   -10.063 1.00 22.89 ? 293 HOH A O   1 
HETATM 1107 O O   . HOH F 4 .   ? 1.026   17.135  2.082   1.00 28.67 ? 299 HOH A O   1 
HETATM 1108 O O   . HOH F 4 .   ? -9.334  -18.363 -2.724  1.00 32.24 ? 300 HOH A O   1 
HETATM 1109 O O   . HOH F 4 .   ? -7.165  -6.076  -15.374 1.00 30.22 ? 301 HOH A O   1 
HETATM 1110 O O   . HOH F 4 .   ? 15.648  5.718   11.380  1.00 44.00 ? 302 HOH A O   1 
HETATM 1111 O O   . HOH F 4 .   ? 11.382  7.790   -9.111  1.00 43.64 ? 303 HOH A O   1 
HETATM 1112 O O   . HOH F 4 .   ? 10.581  7.303   -12.523 1.00 79.40 ? 304 HOH A O   1 
HETATM 1113 O O   . HOH F 4 .   ? 0.652   2.917   -12.340 1.00 37.28 ? 305 HOH A O   1 
HETATM 1114 O O   . HOH F 4 .   ? 0.171   5.081   -11.180 1.00 39.51 ? 306 HOH A O   1 
HETATM 1115 O O   . HOH F 4 .   ? 3.744   4.316   15.918  1.00 38.01 ? 308 HOH A O   1 
HETATM 1116 O O   . HOH F 4 .   ? 7.115   4.419   14.517  1.00 30.29 ? 309 HOH A O   1 
HETATM 1117 O O   . HOH F 4 .   ? 2.879   -0.317  -12.233 1.00 29.04 ? 314 HOH A O   1 
HETATM 1118 O O   . HOH F 4 .   ? 9.413   -4.471  -7.781  1.00 39.47 ? 315 HOH A O   1 
HETATM 1119 O O   . HOH F 4 .   ? 13.581  1.920   4.550   1.00 33.16 ? 316 HOH A O   1 
HETATM 1120 O O   . HOH F 4 .   ? -2.049  17.736  0.606   0.20 2.00  ? 317 HOH A O   1 
HETATM 1121 O O   . HOH F 4 .   ? 5.684   -2.827  20.251  1.00 28.69 ? 318 HOH A O   1 
HETATM 1122 O O   . HOH F 4 .   ? 5.230   2.879   19.148  1.00 36.26 ? 319 HOH A O   1 
HETATM 1123 O O   . HOH F 4 .   ? -2.568  1.093   -11.678 1.00 20.41 ? 321 HOH A O   1 
HETATM 1124 O O   . HOH F 4 .   ? -14.628 -6.028  3.882   1.00 30.74 ? 322 HOH A O   1 
HETATM 1125 O O   . HOH F 4 .   ? -11.303 -20.287 -1.694  1.00 35.83 ? 323 HOH A O   1 
HETATM 1126 O O   . HOH F 4 .   ? -13.093 -15.481 1.417   1.00 51.06 ? 324 HOH A O   1 
HETATM 1127 O O   . HOH F 4 .   ? 3.208   10.277  -9.664  1.00 36.20 ? 326 HOH A O   1 
HETATM 1128 O O   . HOH F 4 .   ? -12.424 -12.079 -1.113  1.00 20.12 ? 327 HOH A O   1 
HETATM 1129 O O   . HOH F 4 .   ? -14.803 -7.892  0.566   1.00 14.42 ? 328 HOH A O   1 
HETATM 1130 O O   . HOH F 4 .   ? -13.160 -8.304  1.363   1.00 10.56 ? 329 HOH A O   1 
HETATM 1131 O O   . HOH F 4 .   ? -15.056 -7.736  -0.806  1.00 18.11 ? 330 HOH A O   1 
HETATM 1132 O O   . HOH F 4 .   ? -13.497 -10.951 0.726   1.00 40.70 ? 334 HOH A O   1 
# 
